data_7E8L
# 
_entry.id   7E8L 
# 
_audit_conform.dict_name       mmcif_pdbx.dic 
_audit_conform.dict_version    5.397 
_audit_conform.dict_location   http://mmcif.pdb.org/dictionaries/ascii/mmcif_pdbx.dic 
# 
loop_
_database_2.database_id 
_database_2.database_code 
_database_2.pdbx_database_accession 
_database_2.pdbx_DOI 
PDB   7E8L         pdb_00007e8l 10.2210/pdb7e8l/pdb 
WWPDB D_1300020864 ?            ?                   
# 
loop_
_pdbx_audit_revision_history.ordinal 
_pdbx_audit_revision_history.data_content_type 
_pdbx_audit_revision_history.major_revision 
_pdbx_audit_revision_history.minor_revision 
_pdbx_audit_revision_history.revision_date 
1 'Structure model' 1 0 2022-03-02 
2 'Structure model' 1 1 2022-07-13 
3 'Structure model' 1 2 2023-11-29 
4 'Structure model' 1 3 2024-10-23 
# 
_pdbx_audit_revision_details.ordinal             1 
_pdbx_audit_revision_details.revision_ordinal    1 
_pdbx_audit_revision_details.data_content_type   'Structure model' 
_pdbx_audit_revision_details.provider            repository 
_pdbx_audit_revision_details.type                'Initial release' 
_pdbx_audit_revision_details.description         ? 
_pdbx_audit_revision_details.details             ? 
# 
loop_
_pdbx_audit_revision_group.ordinal 
_pdbx_audit_revision_group.revision_ordinal 
_pdbx_audit_revision_group.data_content_type 
_pdbx_audit_revision_group.group 
1 2 'Structure model' 'Database references'    
2 3 'Structure model' 'Data collection'        
3 3 'Structure model' 'Refinement description' 
4 4 'Structure model' 'Structure summary'      
# 
loop_
_pdbx_audit_revision_category.ordinal 
_pdbx_audit_revision_category.revision_ordinal 
_pdbx_audit_revision_category.data_content_type 
_pdbx_audit_revision_category.category 
1 2 'Structure model' citation                      
2 2 'Structure model' citation_author               
3 3 'Structure model' chem_comp_atom                
4 3 'Structure model' chem_comp_bond                
5 3 'Structure model' pdbx_initial_refinement_model 
6 4 'Structure model' pdbx_entry_details            
7 4 'Structure model' pdbx_modification_feature     
# 
loop_
_pdbx_audit_revision_item.ordinal 
_pdbx_audit_revision_item.revision_ordinal 
_pdbx_audit_revision_item.data_content_type 
_pdbx_audit_revision_item.item 
1 2 'Structure model' '_citation.journal_abbrev'          
2 2 'Structure model' '_citation.journal_id_CSD'          
3 2 'Structure model' '_citation.journal_id_ISSN'         
4 2 'Structure model' '_citation.journal_volume'          
5 2 'Structure model' '_citation.pdbx_database_id_DOI'    
6 2 'Structure model' '_citation.pdbx_database_id_PubMed' 
7 2 'Structure model' '_citation.title'                   
8 2 'Structure model' '_citation.year'                    
# 
_pdbx_database_status.status_code                     REL 
_pdbx_database_status.status_code_sf                  REL 
_pdbx_database_status.status_code_mr                  ? 
_pdbx_database_status.entry_id                        7E8L 
_pdbx_database_status.recvd_initial_deposition_date   2021-03-02 
_pdbx_database_status.SG_entry                        N 
_pdbx_database_status.deposit_site                    PDBJ 
_pdbx_database_status.process_site                    PDBJ 
_pdbx_database_status.status_code_cs                  ? 
_pdbx_database_status.status_code_nmr_data            ? 
_pdbx_database_status.methods_development_category    ? 
_pdbx_database_status.pdb_format_compatible           Y 
# 
loop_
_audit_author.name 
_audit_author.pdbx_ordinal 
_audit_author.identifier_ORCID 
'Xie, W.'   1 0000-0003-2410-2135 
'Jia, Q.'   2 0000-0002-1629-6622 
'Zeng, H.'  3 0000-0002-4208-3997 
'Xiao, N.'  4 0000-0002-6280-5061 
'Tang, J.'  5 0000-0002-2143-2481 
'Gao, S.'   6 0000-0002-3789-2159 
'Zhang, J.' 7 0000-0002-8348-7744 
# 
_citation.abstract                  ? 
_citation.abstract_id_CAS           ? 
_citation.book_id_ISBN              ? 
_citation.book_publisher            ? 
_citation.book_publisher_city       ? 
_citation.book_title                ? 
_citation.coordinate_linkage        ? 
_citation.country                   ? 
_citation.database_id_Medline       ? 
_citation.details                   ? 
_citation.id                        primary 
_citation.journal_abbrev            Insects 
_citation.journal_id_ASTM           ? 
_citation.journal_id_CSD            ? 
_citation.journal_id_ISSN           2075-4450 
_citation.journal_full              ? 
_citation.journal_issue             ? 
_citation.journal_volume            12 
_citation.language                  ? 
_citation.page_first                ? 
_citation.page_last                 ? 
_citation.title                     'The Crystal Structure of the Spodoptera litura Chemosensory Protein CSP8.' 
_citation.year                      2021 
_citation.database_id_CSD           ? 
_citation.pdbx_database_id_DOI      10.3390/insects12070602 
_citation.pdbx_database_id_PubMed   34357261 
_citation.pdbx_database_id_patent   ? 
_citation.unpublished_flag          ? 
# 
loop_
_citation_author.citation_id 
_citation_author.name 
_citation_author.ordinal 
_citation_author.identifier_ORCID 
primary 'Jia, Q.'   1 0000-0002-1629-6622 
primary 'Zeng, H.'  2 ?                   
primary 'Zhang, J.' 3 ?                   
primary 'Gao, S.'   4 0000-0002-3789-2159 
primary 'Xiao, N.'  5 ?                   
primary 'Tang, J.'  6 ?                   
primary 'Dong, X.'  7 0000-0001-6531-7840 
primary 'Xie, W.'   8 0000-0003-2410-2135 
# 
loop_
_entity.id 
_entity.type 
_entity.src_method 
_entity.pdbx_description 
_entity.formula_weight 
_entity.pdbx_number_of_molecules 
_entity.pdbx_ec 
_entity.pdbx_mutation 
_entity.pdbx_fragment 
_entity.details 
1 polymer man 'Putative chemosensory protein CSP8' 13997.666 1  ? E17V ? ? 
2 water   nat water                                18.015    53 ? ?    ? ? 
# 
_entity_poly.entity_id                      1 
_entity_poly.type                           'polypeptide(L)' 
_entity_poly.nstd_linkage                   no 
_entity_poly.nstd_monomer                   no 
_entity_poly.pdbx_seq_one_letter_code       
;VDEKYPSKYDNIDLDEILANKRLLTAYVNCIMERGKCSPEGKELKEHLVDAIETGCSKCTEAQEKGAYKVIEHLIQNELD
TWHELTDKYDSSGKWRKTYEDRARANGIVIPELEHHHHHH
;
_entity_poly.pdbx_seq_one_letter_code_can   
;VDEKYPSKYDNIDLDEILANKRLLTAYVNCIMERGKCSPEGKELKEHLVDAIETGCSKCTEAQEKGAYKVIEHLIQNELD
TWHELTDKYDSSGKWRKTYEDRARANGIVIPELEHHHHHH
;
_entity_poly.pdbx_strand_id                 A 
_entity_poly.pdbx_target_identifier         ? 
# 
_pdbx_entity_nonpoly.entity_id   2 
_pdbx_entity_nonpoly.name        water 
_pdbx_entity_nonpoly.comp_id     HOH 
# 
loop_
_entity_poly_seq.entity_id 
_entity_poly_seq.num 
_entity_poly_seq.mon_id 
_entity_poly_seq.hetero 
1 1   VAL n 
1 2   ASP n 
1 3   GLU n 
1 4   LYS n 
1 5   TYR n 
1 6   PRO n 
1 7   SER n 
1 8   LYS n 
1 9   TYR n 
1 10  ASP n 
1 11  ASN n 
1 12  ILE n 
1 13  ASP n 
1 14  LEU n 
1 15  ASP n 
1 16  GLU n 
1 17  ILE n 
1 18  LEU n 
1 19  ALA n 
1 20  ASN n 
1 21  LYS n 
1 22  ARG n 
1 23  LEU n 
1 24  LEU n 
1 25  THR n 
1 26  ALA n 
1 27  TYR n 
1 28  VAL n 
1 29  ASN n 
1 30  CYS n 
1 31  ILE n 
1 32  MET n 
1 33  GLU n 
1 34  ARG n 
1 35  GLY n 
1 36  LYS n 
1 37  CYS n 
1 38  SER n 
1 39  PRO n 
1 40  GLU n 
1 41  GLY n 
1 42  LYS n 
1 43  GLU n 
1 44  LEU n 
1 45  LYS n 
1 46  GLU n 
1 47  HIS n 
1 48  LEU n 
1 49  VAL n 
1 50  ASP n 
1 51  ALA n 
1 52  ILE n 
1 53  GLU n 
1 54  THR n 
1 55  GLY n 
1 56  CYS n 
1 57  SER n 
1 58  LYS n 
1 59  CYS n 
1 60  THR n 
1 61  GLU n 
1 62  ALA n 
1 63  GLN n 
1 64  GLU n 
1 65  LYS n 
1 66  GLY n 
1 67  ALA n 
1 68  TYR n 
1 69  LYS n 
1 70  VAL n 
1 71  ILE n 
1 72  GLU n 
1 73  HIS n 
1 74  LEU n 
1 75  ILE n 
1 76  GLN n 
1 77  ASN n 
1 78  GLU n 
1 79  LEU n 
1 80  ASP n 
1 81  THR n 
1 82  TRP n 
1 83  HIS n 
1 84  GLU n 
1 85  LEU n 
1 86  THR n 
1 87  ASP n 
1 88  LYS n 
1 89  TYR n 
1 90  ASP n 
1 91  SER n 
1 92  SER n 
1 93  GLY n 
1 94  LYS n 
1 95  TRP n 
1 96  ARG n 
1 97  LYS n 
1 98  THR n 
1 99  TYR n 
1 100 GLU n 
1 101 ASP n 
1 102 ARG n 
1 103 ALA n 
1 104 ARG n 
1 105 ALA n 
1 106 ASN n 
1 107 GLY n 
1 108 ILE n 
1 109 VAL n 
1 110 ILE n 
1 111 PRO n 
1 112 GLU n 
1 113 LEU n 
1 114 GLU n 
1 115 HIS n 
1 116 HIS n 
1 117 HIS n 
1 118 HIS n 
1 119 HIS n 
1 120 HIS n 
# 
_entity_src_gen.entity_id                          1 
_entity_src_gen.pdbx_src_id                        1 
_entity_src_gen.pdbx_alt_source_flag               sample 
_entity_src_gen.pdbx_seq_type                      'Biological sequence' 
_entity_src_gen.pdbx_beg_seq_num                   1 
_entity_src_gen.pdbx_end_seq_num                   120 
_entity_src_gen.gene_src_common_name               'Asian cotton leafworm' 
_entity_src_gen.gene_src_genus                     ? 
_entity_src_gen.pdbx_gene_src_gene                 ? 
_entity_src_gen.gene_src_species                   ? 
_entity_src_gen.gene_src_strain                    ? 
_entity_src_gen.gene_src_tissue                    ? 
_entity_src_gen.gene_src_tissue_fraction           ? 
_entity_src_gen.gene_src_details                   ? 
_entity_src_gen.pdbx_gene_src_fragment             ? 
_entity_src_gen.pdbx_gene_src_scientific_name      'Spodoptera litura' 
_entity_src_gen.pdbx_gene_src_ncbi_taxonomy_id     69820 
_entity_src_gen.pdbx_gene_src_variant              ? 
_entity_src_gen.pdbx_gene_src_cell_line            ? 
_entity_src_gen.pdbx_gene_src_atcc                 ? 
_entity_src_gen.pdbx_gene_src_organ                ? 
_entity_src_gen.pdbx_gene_src_organelle            ? 
_entity_src_gen.pdbx_gene_src_cell                 ? 
_entity_src_gen.pdbx_gene_src_cellular_location    ? 
_entity_src_gen.host_org_common_name               ? 
_entity_src_gen.pdbx_host_org_scientific_name      'Escherichia coli' 
_entity_src_gen.pdbx_host_org_ncbi_taxonomy_id     562 
_entity_src_gen.host_org_genus                     ? 
_entity_src_gen.pdbx_host_org_gene                 ? 
_entity_src_gen.pdbx_host_org_organ                ? 
_entity_src_gen.host_org_species                   ? 
_entity_src_gen.pdbx_host_org_tissue               ? 
_entity_src_gen.pdbx_host_org_tissue_fraction      ? 
_entity_src_gen.pdbx_host_org_strain               ? 
_entity_src_gen.pdbx_host_org_variant              ? 
_entity_src_gen.pdbx_host_org_cell_line            ? 
_entity_src_gen.pdbx_host_org_atcc                 ? 
_entity_src_gen.pdbx_host_org_culture_collection   ? 
_entity_src_gen.pdbx_host_org_cell                 ? 
_entity_src_gen.pdbx_host_org_organelle            ? 
_entity_src_gen.pdbx_host_org_cellular_location    ? 
_entity_src_gen.pdbx_host_org_vector_type          ? 
_entity_src_gen.pdbx_host_org_vector               ? 
_entity_src_gen.host_org_details                   ? 
_entity_src_gen.expression_system_id               ? 
_entity_src_gen.plasmid_name                       ? 
_entity_src_gen.plasmid_details                    ? 
_entity_src_gen.pdbx_description                   ? 
# 
loop_
_chem_comp.id 
_chem_comp.type 
_chem_comp.mon_nstd_flag 
_chem_comp.name 
_chem_comp.pdbx_synonyms 
_chem_comp.formula 
_chem_comp.formula_weight 
ALA 'L-peptide linking' y ALANINE         ? 'C3 H7 N O2'     89.093  
ARG 'L-peptide linking' y ARGININE        ? 'C6 H15 N4 O2 1' 175.209 
ASN 'L-peptide linking' y ASPARAGINE      ? 'C4 H8 N2 O3'    132.118 
ASP 'L-peptide linking' y 'ASPARTIC ACID' ? 'C4 H7 N O4'     133.103 
CYS 'L-peptide linking' y CYSTEINE        ? 'C3 H7 N O2 S'   121.158 
GLN 'L-peptide linking' y GLUTAMINE       ? 'C5 H10 N2 O3'   146.144 
GLU 'L-peptide linking' y 'GLUTAMIC ACID' ? 'C5 H9 N O4'     147.129 
GLY 'peptide linking'   y GLYCINE         ? 'C2 H5 N O2'     75.067  
HIS 'L-peptide linking' y HISTIDINE       ? 'C6 H10 N3 O2 1' 156.162 
HOH non-polymer         . WATER           ? 'H2 O'           18.015  
ILE 'L-peptide linking' y ISOLEUCINE      ? 'C6 H13 N O2'    131.173 
LEU 'L-peptide linking' y LEUCINE         ? 'C6 H13 N O2'    131.173 
LYS 'L-peptide linking' y LYSINE          ? 'C6 H15 N2 O2 1' 147.195 
MET 'L-peptide linking' y METHIONINE      ? 'C5 H11 N O2 S'  149.211 
PRO 'L-peptide linking' y PROLINE         ? 'C5 H9 N O2'     115.130 
SER 'L-peptide linking' y SERINE          ? 'C3 H7 N O3'     105.093 
THR 'L-peptide linking' y THREONINE       ? 'C4 H9 N O3'     119.119 
TRP 'L-peptide linking' y TRYPTOPHAN      ? 'C11 H12 N2 O2'  204.225 
TYR 'L-peptide linking' y TYROSINE        ? 'C9 H11 N O3'    181.189 
VAL 'L-peptide linking' y VALINE          ? 'C5 H11 N O2'    117.146 
# 
loop_
_pdbx_poly_seq_scheme.asym_id 
_pdbx_poly_seq_scheme.entity_id 
_pdbx_poly_seq_scheme.seq_id 
_pdbx_poly_seq_scheme.mon_id 
_pdbx_poly_seq_scheme.ndb_seq_num 
_pdbx_poly_seq_scheme.pdb_seq_num 
_pdbx_poly_seq_scheme.auth_seq_num 
_pdbx_poly_seq_scheme.pdb_mon_id 
_pdbx_poly_seq_scheme.auth_mon_id 
_pdbx_poly_seq_scheme.pdb_strand_id 
_pdbx_poly_seq_scheme.pdb_ins_code 
_pdbx_poly_seq_scheme.hetero 
A 1 1   VAL 1   17  17  VAL VAL A . n 
A 1 2   ASP 2   18  18  ASP ASP A . n 
A 1 3   GLU 3   19  19  GLU GLU A . n 
A 1 4   LYS 4   20  20  LYS LYS A . n 
A 1 5   TYR 5   21  21  TYR TYR A . n 
A 1 6   PRO 6   22  22  PRO PRO A . n 
A 1 7   SER 7   23  23  SER SER A . n 
A 1 8   LYS 8   24  24  LYS LYS A . n 
A 1 9   TYR 9   25  25  TYR TYR A . n 
A 1 10  ASP 10  26  26  ASP ASP A . n 
A 1 11  ASN 11  27  27  ASN ASN A . n 
A 1 12  ILE 12  28  28  ILE ILE A . n 
A 1 13  ASP 13  29  29  ASP ASP A . n 
A 1 14  LEU 14  30  30  LEU LEU A . n 
A 1 15  ASP 15  31  31  ASP ASP A . n 
A 1 16  GLU 16  32  32  GLU GLU A . n 
A 1 17  ILE 17  33  33  ILE ILE A . n 
A 1 18  LEU 18  34  34  LEU LEU A . n 
A 1 19  ALA 19  35  35  ALA ALA A . n 
A 1 20  ASN 20  36  36  ASN ASN A . n 
A 1 21  LYS 21  37  37  LYS LYS A . n 
A 1 22  ARG 22  38  38  ARG ARG A . n 
A 1 23  LEU 23  39  39  LEU LEU A . n 
A 1 24  LEU 24  40  40  LEU LEU A . n 
A 1 25  THR 25  41  41  THR THR A . n 
A 1 26  ALA 26  42  42  ALA ALA A . n 
A 1 27  TYR 27  43  43  TYR TYR A . n 
A 1 28  VAL 28  44  44  VAL VAL A . n 
A 1 29  ASN 29  45  45  ASN ASN A . n 
A 1 30  CYS 30  46  46  CYS CYS A . n 
A 1 31  ILE 31  47  47  ILE ILE A . n 
A 1 32  MET 32  48  48  MET MET A . n 
A 1 33  GLU 33  49  49  GLU GLU A . n 
A 1 34  ARG 34  50  50  ARG ARG A . n 
A 1 35  GLY 35  51  51  GLY GLY A . n 
A 1 36  LYS 36  52  52  LYS LYS A . n 
A 1 37  CYS 37  53  53  CYS CYS A . n 
A 1 38  SER 38  54  54  SER SER A . n 
A 1 39  PRO 39  55  55  PRO PRO A . n 
A 1 40  GLU 40  56  56  GLU GLU A . n 
A 1 41  GLY 41  57  57  GLY GLY A . n 
A 1 42  LYS 42  58  58  LYS LYS A . n 
A 1 43  GLU 43  59  59  GLU GLU A . n 
A 1 44  LEU 44  60  60  LEU LEU A . n 
A 1 45  LYS 45  61  61  LYS LYS A . n 
A 1 46  GLU 46  62  62  GLU GLU A . n 
A 1 47  HIS 47  63  63  HIS HIS A . n 
A 1 48  LEU 48  64  64  LEU LEU A . n 
A 1 49  VAL 49  65  65  VAL VAL A . n 
A 1 50  ASP 50  66  66  ASP ASP A . n 
A 1 51  ALA 51  67  67  ALA ALA A . n 
A 1 52  ILE 52  68  68  ILE ILE A . n 
A 1 53  GLU 53  69  69  GLU GLU A . n 
A 1 54  THR 54  70  70  THR THR A . n 
A 1 55  GLY 55  71  71  GLY GLY A . n 
A 1 56  CYS 56  72  72  CYS CYS A . n 
A 1 57  SER 57  73  73  SER SER A . n 
A 1 58  LYS 58  74  74  LYS LYS A . n 
A 1 59  CYS 59  75  75  CYS CYS A . n 
A 1 60  THR 60  76  76  THR THR A . n 
A 1 61  GLU 61  77  77  GLU GLU A . n 
A 1 62  ALA 62  78  78  ALA ALA A . n 
A 1 63  GLN 63  79  79  GLN GLN A . n 
A 1 64  GLU 64  80  80  GLU GLU A . n 
A 1 65  LYS 65  81  81  LYS LYS A . n 
A 1 66  GLY 66  82  82  GLY GLY A . n 
A 1 67  ALA 67  83  83  ALA ALA A . n 
A 1 68  TYR 68  84  84  TYR TYR A . n 
A 1 69  LYS 69  85  85  LYS LYS A . n 
A 1 70  VAL 70  86  86  VAL VAL A . n 
A 1 71  ILE 71  87  87  ILE ILE A . n 
A 1 72  GLU 72  88  88  GLU GLU A . n 
A 1 73  HIS 73  89  89  HIS HIS A . n 
A 1 74  LEU 74  90  90  LEU LEU A . n 
A 1 75  ILE 75  91  91  ILE ILE A . n 
A 1 76  GLN 76  92  92  GLN GLN A . n 
A 1 77  ASN 77  93  93  ASN ASN A . n 
A 1 78  GLU 78  94  94  GLU GLU A . n 
A 1 79  LEU 79  95  95  LEU LEU A . n 
A 1 80  ASP 80  96  96  ASP ASP A . n 
A 1 81  THR 81  97  97  THR THR A . n 
A 1 82  TRP 82  98  98  TRP TRP A . n 
A 1 83  HIS 83  99  99  HIS HIS A . n 
A 1 84  GLU 84  100 100 GLU GLU A . n 
A 1 85  LEU 85  101 101 LEU LEU A . n 
A 1 86  THR 86  102 102 THR THR A . n 
A 1 87  ASP 87  103 103 ASP ASP A . n 
A 1 88  LYS 88  104 104 LYS LYS A . n 
A 1 89  TYR 89  105 105 TYR TYR A . n 
A 1 90  ASP 90  106 106 ASP ASP A . n 
A 1 91  SER 91  107 107 SER SER A . n 
A 1 92  SER 92  108 108 SER SER A . n 
A 1 93  GLY 93  109 109 GLY GLY A . n 
A 1 94  LYS 94  110 110 LYS LYS A . n 
A 1 95  TRP 95  111 111 TRP TRP A . n 
A 1 96  ARG 96  112 112 ARG ARG A . n 
A 1 97  LYS 97  113 113 LYS LYS A . n 
A 1 98  THR 98  114 114 THR THR A . n 
A 1 99  TYR 99  115 115 TYR TYR A . n 
A 1 100 GLU 100 116 116 GLU GLU A . n 
A 1 101 ASP 101 117 117 ASP ASP A . n 
A 1 102 ARG 102 118 118 ARG ARG A . n 
A 1 103 ALA 103 119 119 ALA ALA A . n 
A 1 104 ARG 104 120 120 ARG ARG A . n 
A 1 105 ALA 105 121 121 ALA ALA A . n 
A 1 106 ASN 106 122 122 ASN ASN A . n 
A 1 107 GLY 107 123 123 GLY GLY A . n 
A 1 108 ILE 108 124 124 ILE ILE A . n 
A 1 109 VAL 109 125 125 VAL VAL A . n 
A 1 110 ILE 110 126 126 ILE ILE A . n 
A 1 111 PRO 111 127 127 PRO PRO A . n 
A 1 112 GLU 112 128 128 GLU GLU A . n 
A 1 113 LEU 113 129 129 LEU LEU A . n 
A 1 114 GLU 114 130 130 GLU GLU A . n 
A 1 115 HIS 115 131 131 HIS HIS A . n 
A 1 116 HIS 116 132 132 HIS HIS A . n 
A 1 117 HIS 117 133 133 HIS HIS A . n 
A 1 118 HIS 118 134 134 HIS HIS A . n 
A 1 119 HIS 119 135 135 HIS HIS A . n 
A 1 120 HIS 120 136 ?   ?   ?   A . n 
# 
loop_
_pdbx_nonpoly_scheme.asym_id 
_pdbx_nonpoly_scheme.entity_id 
_pdbx_nonpoly_scheme.mon_id 
_pdbx_nonpoly_scheme.ndb_seq_num 
_pdbx_nonpoly_scheme.pdb_seq_num 
_pdbx_nonpoly_scheme.auth_seq_num 
_pdbx_nonpoly_scheme.pdb_mon_id 
_pdbx_nonpoly_scheme.auth_mon_id 
_pdbx_nonpoly_scheme.pdb_strand_id 
_pdbx_nonpoly_scheme.pdb_ins_code 
B 2 HOH 1  201 24 HOH HOH A . 
B 2 HOH 2  202 54 HOH HOH A . 
B 2 HOH 3  203 1  HOH HOH A . 
B 2 HOH 4  204 41 HOH HOH A . 
B 2 HOH 5  205 13 HOH HOH A . 
B 2 HOH 6  206 31 HOH HOH A . 
B 2 HOH 7  207 16 HOH HOH A . 
B 2 HOH 8  208 49 HOH HOH A . 
B 2 HOH 9  209 57 HOH HOH A . 
B 2 HOH 10 210 35 HOH HOH A . 
B 2 HOH 11 211 8  HOH HOH A . 
B 2 HOH 12 212 14 HOH HOH A . 
B 2 HOH 13 213 6  HOH HOH A . 
B 2 HOH 14 214 56 HOH HOH A . 
B 2 HOH 15 215 51 HOH HOH A . 
B 2 HOH 16 216 15 HOH HOH A . 
B 2 HOH 17 217 20 HOH HOH A . 
B 2 HOH 18 218 17 HOH HOH A . 
B 2 HOH 19 219 32 HOH HOH A . 
B 2 HOH 20 220 45 HOH HOH A . 
B 2 HOH 21 221 23 HOH HOH A . 
B 2 HOH 22 222 7  HOH HOH A . 
B 2 HOH 23 223 53 HOH HOH A . 
B 2 HOH 24 224 26 HOH HOH A . 
B 2 HOH 25 225 11 HOH HOH A . 
B 2 HOH 26 226 10 HOH HOH A . 
B 2 HOH 27 227 30 HOH HOH A . 
B 2 HOH 28 228 12 HOH HOH A . 
B 2 HOH 29 229 19 HOH HOH A . 
B 2 HOH 30 230 37 HOH HOH A . 
B 2 HOH 31 231 9  HOH HOH A . 
B 2 HOH 32 232 52 HOH HOH A . 
B 2 HOH 33 233 27 HOH HOH A . 
B 2 HOH 34 234 4  HOH HOH A . 
B 2 HOH 35 235 29 HOH HOH A . 
B 2 HOH 36 236 22 HOH HOH A . 
B 2 HOH 37 237 5  HOH HOH A . 
B 2 HOH 38 238 18 HOH HOH A . 
B 2 HOH 39 239 3  HOH HOH A . 
B 2 HOH 40 240 2  HOH HOH A . 
B 2 HOH 41 241 36 HOH HOH A . 
B 2 HOH 42 242 44 HOH HOH A . 
B 2 HOH 43 243 40 HOH HOH A . 
B 2 HOH 44 244 47 HOH HOH A . 
B 2 HOH 45 245 50 HOH HOH A . 
B 2 HOH 46 246 46 HOH HOH A . 
B 2 HOH 47 247 58 HOH HOH A . 
B 2 HOH 48 248 34 HOH HOH A . 
B 2 HOH 49 249 42 HOH HOH A . 
B 2 HOH 50 250 39 HOH HOH A . 
B 2 HOH 51 251 43 HOH HOH A . 
B 2 HOH 52 252 55 HOH HOH A . 
B 2 HOH 53 253 33 HOH HOH A . 
# 
loop_
_pdbx_unobs_or_zero_occ_atoms.id 
_pdbx_unobs_or_zero_occ_atoms.PDB_model_num 
_pdbx_unobs_or_zero_occ_atoms.polymer_flag 
_pdbx_unobs_or_zero_occ_atoms.occupancy_flag 
_pdbx_unobs_or_zero_occ_atoms.auth_asym_id 
_pdbx_unobs_or_zero_occ_atoms.auth_comp_id 
_pdbx_unobs_or_zero_occ_atoms.auth_seq_id 
_pdbx_unobs_or_zero_occ_atoms.PDB_ins_code 
_pdbx_unobs_or_zero_occ_atoms.auth_atom_id 
_pdbx_unobs_or_zero_occ_atoms.label_alt_id 
_pdbx_unobs_or_zero_occ_atoms.label_asym_id 
_pdbx_unobs_or_zero_occ_atoms.label_comp_id 
_pdbx_unobs_or_zero_occ_atoms.label_seq_id 
_pdbx_unobs_or_zero_occ_atoms.label_atom_id 
1  1 Y 1 A VAL 17  ? CG1 ? A VAL 1   CG1 
2  1 Y 1 A VAL 17  ? CG2 ? A VAL 1   CG2 
3  1 Y 1 A LYS 20  ? CG  ? A LYS 4   CG  
4  1 Y 1 A LYS 20  ? CD  ? A LYS 4   CD  
5  1 Y 1 A LYS 20  ? CE  ? A LYS 4   CE  
6  1 Y 1 A LYS 20  ? NZ  ? A LYS 4   NZ  
7  1 Y 1 A TYR 21  ? CG  ? A TYR 5   CG  
8  1 Y 1 A TYR 21  ? CD1 ? A TYR 5   CD1 
9  1 Y 1 A TYR 21  ? CD2 ? A TYR 5   CD2 
10 1 Y 1 A TYR 21  ? CE1 ? A TYR 5   CE1 
11 1 Y 1 A TYR 21  ? CE2 ? A TYR 5   CE2 
12 1 Y 1 A TYR 21  ? CZ  ? A TYR 5   CZ  
13 1 Y 1 A TYR 21  ? OH  ? A TYR 5   OH  
14 1 Y 1 A PRO 22  ? CG  ? A PRO 6   CG  
15 1 Y 1 A PRO 22  ? CD  ? A PRO 6   CD  
16 1 Y 1 A LYS 37  ? CG  ? A LYS 21  CG  
17 1 Y 1 A LYS 37  ? CD  ? A LYS 21  CD  
18 1 Y 1 A LYS 37  ? CE  ? A LYS 21  CE  
19 1 Y 1 A LYS 37  ? NZ  ? A LYS 21  NZ  
20 1 Y 1 A LYS 52  ? CG  ? A LYS 36  CG  
21 1 Y 1 A LYS 52  ? CD  ? A LYS 36  CD  
22 1 Y 1 A LYS 52  ? CE  ? A LYS 36  CE  
23 1 Y 1 A LYS 52  ? NZ  ? A LYS 36  NZ  
24 1 Y 1 A LYS 58  ? CG  ? A LYS 42  CG  
25 1 Y 1 A LYS 58  ? CD  ? A LYS 42  CD  
26 1 Y 1 A LYS 58  ? CE  ? A LYS 42  CE  
27 1 Y 1 A LYS 58  ? NZ  ? A LYS 42  NZ  
28 1 Y 1 A PRO 127 ? CG  ? A PRO 111 CG  
29 1 Y 1 A PRO 127 ? CD  ? A PRO 111 CD  
30 1 Y 1 A LEU 129 ? CG  ? A LEU 113 CG  
31 1 Y 1 A LEU 129 ? CD1 ? A LEU 113 CD1 
32 1 Y 1 A LEU 129 ? CD2 ? A LEU 113 CD2 
33 1 Y 1 A GLU 130 ? CG  ? A GLU 114 CG  
34 1 Y 1 A GLU 130 ? CD  ? A GLU 114 CD  
35 1 Y 1 A GLU 130 ? OE1 ? A GLU 114 OE1 
36 1 Y 1 A GLU 130 ? OE2 ? A GLU 114 OE2 
# 
loop_
_software.citation_id 
_software.classification 
_software.compiler_name 
_software.compiler_version 
_software.contact_author 
_software.contact_author_email 
_software.date 
_software.description 
_software.dependencies 
_software.hardware 
_software.language 
_software.location 
_software.mods 
_software.name 
_software.os 
_software.os_version 
_software.type 
_software.version 
_software.pdbx_ordinal 
? refinement        ? ? ? ? ? ? ? ? ? ? ? REFMAC      ? ? ? 5.8.0258 1 
? 'data extraction' ? ? ? ? ? ? ? ? ? ? ? PDB_EXTRACT ? ? ? 3.27     2 
? 'data reduction'  ? ? ? ? ? ? ? ? ? ? ? CrysalisPro ? ? ? .        3 
? 'data scaling'    ? ? ? ? ? ? ? ? ? ? ? CrysalisPro ? ? ? .        4 
? phasing           ? ? ? ? ? ? ? ? ? ? ? PHASER      ? ? ? .        5 
# 
_cell.angle_alpha                  90.000 
_cell.angle_alpha_esd              ? 
_cell.angle_beta                   90.000 
_cell.angle_beta_esd               ? 
_cell.angle_gamma                  90.000 
_cell.angle_gamma_esd              ? 
_cell.entry_id                     7E8L 
_cell.details                      ? 
_cell.formula_units_Z              ? 
_cell.length_a                     38.400 
_cell.length_a_esd                 ? 
_cell.length_b                     50.055 
_cell.length_b_esd                 ? 
_cell.length_c                     60.238 
_cell.length_c_esd                 ? 
_cell.volume                       ? 
_cell.volume_esd                   ? 
_cell.Z_PDB                        4 
_cell.reciprocal_angle_alpha       ? 
_cell.reciprocal_angle_beta        ? 
_cell.reciprocal_angle_gamma       ? 
_cell.reciprocal_angle_alpha_esd   ? 
_cell.reciprocal_angle_beta_esd    ? 
_cell.reciprocal_angle_gamma_esd   ? 
_cell.reciprocal_length_a          ? 
_cell.reciprocal_length_b          ? 
_cell.reciprocal_length_c          ? 
_cell.reciprocal_length_a_esd      ? 
_cell.reciprocal_length_b_esd      ? 
_cell.reciprocal_length_c_esd      ? 
_cell.pdbx_unique_axis             ? 
# 
_symmetry.entry_id                         7E8L 
_symmetry.cell_setting                     ? 
_symmetry.Int_Tables_number                19 
_symmetry.space_group_name_Hall            ? 
_symmetry.space_group_name_H-M             'P 21 21 21' 
_symmetry.pdbx_full_space_group_name_H-M   ? 
# 
_exptl.absorpt_coefficient_mu     ? 
_exptl.absorpt_correction_T_max   ? 
_exptl.absorpt_correction_T_min   ? 
_exptl.absorpt_correction_type    ? 
_exptl.absorpt_process_details    ? 
_exptl.entry_id                   7E8L 
_exptl.crystals_number            1 
_exptl.details                    ? 
_exptl.method                     'X-RAY DIFFRACTION' 
_exptl.method_details             ? 
# 
_exptl_crystal.colour                      ? 
_exptl_crystal.density_diffrn              ? 
_exptl_crystal.density_Matthews            2.07 
_exptl_crystal.density_method              ? 
_exptl_crystal.density_percent_sol         40.52 
_exptl_crystal.description                 ? 
_exptl_crystal.F_000                       ? 
_exptl_crystal.id                          1 
_exptl_crystal.preparation                 ? 
_exptl_crystal.size_max                    ? 
_exptl_crystal.size_mid                    ? 
_exptl_crystal.size_min                    ? 
_exptl_crystal.size_rad                    ? 
_exptl_crystal.colour_lustre               ? 
_exptl_crystal.colour_modifier             ? 
_exptl_crystal.colour_primary              ? 
_exptl_crystal.density_meas                ? 
_exptl_crystal.density_meas_esd            ? 
_exptl_crystal.density_meas_gt             ? 
_exptl_crystal.density_meas_lt             ? 
_exptl_crystal.density_meas_temp           ? 
_exptl_crystal.density_meas_temp_esd       ? 
_exptl_crystal.density_meas_temp_gt        ? 
_exptl_crystal.density_meas_temp_lt        ? 
_exptl_crystal.pdbx_crystal_image_url      ? 
_exptl_crystal.pdbx_crystal_image_format   ? 
_exptl_crystal.pdbx_mosaicity              ? 
_exptl_crystal.pdbx_mosaicity_esd          ? 
# 
_exptl_crystal_grow.apparatus       ? 
_exptl_crystal_grow.atmosphere      ? 
_exptl_crystal_grow.crystal_id      1 
_exptl_crystal_grow.details         ? 
_exptl_crystal_grow.method          'VAPOR DIFFUSION' 
_exptl_crystal_grow.method_ref      ? 
_exptl_crystal_grow.pH              5.5 
_exptl_crystal_grow.pressure        ? 
_exptl_crystal_grow.pressure_esd    ? 
_exptl_crystal_grow.seeding         ? 
_exptl_crystal_grow.seeding_ref     ? 
_exptl_crystal_grow.temp            277 
_exptl_crystal_grow.temp_details    ? 
_exptl_crystal_grow.temp_esd        ? 
_exptl_crystal_grow.time            ? 
_exptl_crystal_grow.pdbx_details    '3M (NH4)2SO4, 0.1M NaOAc pH5.5' 
_exptl_crystal_grow.pdbx_pH_range   ? 
# 
_diffrn.ambient_environment              ? 
_diffrn.ambient_temp                     100 
_diffrn.ambient_temp_details             ? 
_diffrn.ambient_temp_esd                 ? 
_diffrn.crystal_id                       1 
_diffrn.crystal_support                  ? 
_diffrn.crystal_treatment                ? 
_diffrn.details                          ? 
_diffrn.id                               1 
_diffrn.ambient_pressure                 ? 
_diffrn.ambient_pressure_esd             ? 
_diffrn.ambient_pressure_gt              ? 
_diffrn.ambient_pressure_lt              ? 
_diffrn.ambient_temp_gt                  ? 
_diffrn.ambient_temp_lt                  ? 
_diffrn.pdbx_serial_crystal_experiment   N 
# 
_diffrn_detector.details                      ? 
_diffrn_detector.detector                     CCD 
_diffrn_detector.diffrn_id                    1 
_diffrn_detector.type                         'OXFORD ONYX CCD' 
_diffrn_detector.area_resol_mean              ? 
_diffrn_detector.dtime                        ? 
_diffrn_detector.pdbx_frames_total            ? 
_diffrn_detector.pdbx_collection_time_total   ? 
_diffrn_detector.pdbx_collection_date         2020-11-25 
_diffrn_detector.pdbx_frequency               ? 
# 
_diffrn_radiation.collimation                      ? 
_diffrn_radiation.diffrn_id                        1 
_diffrn_radiation.filter_edge                      ? 
_diffrn_radiation.inhomogeneity                    ? 
_diffrn_radiation.monochromator                    ? 
_diffrn_radiation.polarisn_norm                    ? 
_diffrn_radiation.polarisn_ratio                   ? 
_diffrn_radiation.probe                            ? 
_diffrn_radiation.type                             ? 
_diffrn_radiation.xray_symbol                      ? 
_diffrn_radiation.wavelength_id                    1 
_diffrn_radiation.pdbx_monochromatic_or_laue_m_l   M 
_diffrn_radiation.pdbx_wavelength_list             ? 
_diffrn_radiation.pdbx_wavelength                  ? 
_diffrn_radiation.pdbx_diffrn_protocol             'SINGLE WAVELENGTH' 
_diffrn_radiation.pdbx_analyzer                    ? 
_diffrn_radiation.pdbx_scattering_type             x-ray 
# 
_diffrn_radiation_wavelength.id           1 
_diffrn_radiation_wavelength.wavelength   1.54 
_diffrn_radiation_wavelength.wt           1.0 
# 
_diffrn_source.current                     ? 
_diffrn_source.details                     ? 
_diffrn_source.diffrn_id                   1 
_diffrn_source.power                       ? 
_diffrn_source.size                        ? 
_diffrn_source.source                      'ROTATING ANODE' 
_diffrn_source.target                      ? 
_diffrn_source.type                        'RIGAKU MICROMAX-007 HF' 
_diffrn_source.voltage                     ? 
_diffrn_source.take-off_angle              ? 
_diffrn_source.pdbx_wavelength_list        1.54 
_diffrn_source.pdbx_wavelength             ? 
_diffrn_source.pdbx_synchrotron_beamline   ? 
_diffrn_source.pdbx_synchrotron_site       ? 
# 
_reflns.B_iso_Wilson_estimate            ? 
_reflns.entry_id                         7E8L 
_reflns.data_reduction_details           ? 
_reflns.data_reduction_method            ? 
_reflns.d_resolution_high                2.30 
_reflns.d_resolution_low                 23.70 
_reflns.details                          ? 
_reflns.limit_h_max                      ? 
_reflns.limit_h_min                      ? 
_reflns.limit_k_max                      ? 
_reflns.limit_k_min                      ? 
_reflns.limit_l_max                      ? 
_reflns.limit_l_min                      ? 
_reflns.number_all                       ? 
_reflns.number_obs                       5508 
_reflns.observed_criterion               ? 
_reflns.observed_criterion_F_max         ? 
_reflns.observed_criterion_F_min         ? 
_reflns.observed_criterion_I_max         ? 
_reflns.observed_criterion_I_min         ? 
_reflns.observed_criterion_sigma_F       ? 
_reflns.observed_criterion_sigma_I       ? 
_reflns.percent_possible_obs             99.7 
_reflns.R_free_details                   ? 
_reflns.Rmerge_F_all                     ? 
_reflns.Rmerge_F_obs                     ? 
_reflns.Friedel_coverage                 ? 
_reflns.number_gt                        ? 
_reflns.threshold_expression             ? 
_reflns.pdbx_redundancy                  4.1 
_reflns.pdbx_Rmerge_I_obs                0.062 
_reflns.pdbx_Rmerge_I_all                ? 
_reflns.pdbx_Rsym_value                  ? 
_reflns.pdbx_netI_over_av_sigmaI         ? 
_reflns.pdbx_netI_over_sigmaI            17.9 
_reflns.pdbx_res_netI_over_av_sigmaI_2   ? 
_reflns.pdbx_res_netI_over_sigmaI_2      ? 
_reflns.pdbx_chi_squared                 ? 
_reflns.pdbx_scaling_rejects             ? 
_reflns.pdbx_d_res_high_opt              ? 
_reflns.pdbx_d_res_low_opt               ? 
_reflns.pdbx_d_res_opt_method            ? 
_reflns.phase_calculation_details        ? 
_reflns.pdbx_Rrim_I_all                  ? 
_reflns.pdbx_Rpim_I_all                  ? 
_reflns.pdbx_d_opt                       ? 
_reflns.pdbx_number_measured_all         ? 
_reflns.pdbx_diffrn_id                   1 
_reflns.pdbx_ordinal                     1 
_reflns.pdbx_CC_half                     0.998 
_reflns.pdbx_CC_star                     ? 
_reflns.pdbx_R_split                     ? 
# 
_reflns_shell.d_res_high                  2.30 
_reflns_shell.d_res_low                   2.42 
_reflns_shell.meanI_over_sigI_all         ? 
_reflns_shell.meanI_over_sigI_obs         6.4 
_reflns_shell.number_measured_all         ? 
_reflns_shell.number_measured_obs         ? 
_reflns_shell.number_possible             ? 
_reflns_shell.number_unique_all           ? 
_reflns_shell.number_unique_obs           776 
_reflns_shell.percent_possible_all        99.0 
_reflns_shell.percent_possible_obs        ? 
_reflns_shell.Rmerge_F_all                ? 
_reflns_shell.Rmerge_F_obs                ? 
_reflns_shell.Rmerge_I_all                ? 
_reflns_shell.Rmerge_I_obs                0.196 
_reflns_shell.meanI_over_sigI_gt          ? 
_reflns_shell.meanI_over_uI_all           ? 
_reflns_shell.meanI_over_uI_gt            ? 
_reflns_shell.number_measured_gt          ? 
_reflns_shell.number_unique_gt            ? 
_reflns_shell.percent_possible_gt         ? 
_reflns_shell.Rmerge_F_gt                 ? 
_reflns_shell.Rmerge_I_gt                 ? 
_reflns_shell.pdbx_redundancy             3.5 
_reflns_shell.pdbx_Rsym_value             ? 
_reflns_shell.pdbx_chi_squared            ? 
_reflns_shell.pdbx_netI_over_sigmaI_all   ? 
_reflns_shell.pdbx_netI_over_sigmaI_obs   ? 
_reflns_shell.pdbx_Rrim_I_all             ? 
_reflns_shell.pdbx_Rpim_I_all             ? 
_reflns_shell.pdbx_rejects                ? 
_reflns_shell.pdbx_ordinal                1 
_reflns_shell.pdbx_diffrn_id              1 
_reflns_shell.pdbx_CC_half                0.958 
_reflns_shell.pdbx_CC_star                ? 
_reflns_shell.pdbx_R_split                ? 
# 
_refine.aniso_B[1][1]                            2.3300 
_refine.aniso_B[1][2]                            -0.0000 
_refine.aniso_B[1][3]                            -0.0000 
_refine.aniso_B[2][2]                            -1.0600 
_refine.aniso_B[2][3]                            0.0000 
_refine.aniso_B[3][3]                            -1.2700 
_refine.B_iso_max                                69.270 
_refine.B_iso_mean                               26.4980 
_refine.B_iso_min                                12.360 
_refine.correlation_coeff_Fo_to_Fc               0.9300 
_refine.correlation_coeff_Fo_to_Fc_free          0.9010 
_refine.details                                  
'HYDROGENS HAVE BEEN ADDED IN THE RIDING POSITIONS U VALUES      : REFINED INDIVIDUALLY' 
_refine.diff_density_max                         ? 
_refine.diff_density_max_esd                     ? 
_refine.diff_density_min                         ? 
_refine.diff_density_min_esd                     ? 
_refine.diff_density_rms                         ? 
_refine.diff_density_rms_esd                     ? 
_refine.entry_id                                 7E8L 
_refine.pdbx_refine_id                           'X-RAY DIFFRACTION' 
_refine.ls_abs_structure_details                 ? 
_refine.ls_abs_structure_Flack                   ? 
_refine.ls_abs_structure_Flack_esd               ? 
_refine.ls_abs_structure_Rogers                  ? 
_refine.ls_abs_structure_Rogers_esd              ? 
_refine.ls_d_res_high                            2.3000 
_refine.ls_d_res_low                             23.7100 
_refine.ls_extinction_coef                       ? 
_refine.ls_extinction_coef_esd                   ? 
_refine.ls_extinction_expression                 ? 
_refine.ls_extinction_method                     ? 
_refine.ls_goodness_of_fit_all                   ? 
_refine.ls_goodness_of_fit_all_esd               ? 
_refine.ls_goodness_of_fit_obs                   ? 
_refine.ls_goodness_of_fit_obs_esd               ? 
_refine.ls_hydrogen_treatment                    ? 
_refine.ls_matrix_type                           ? 
_refine.ls_number_constraints                    ? 
_refine.ls_number_parameters                     ? 
_refine.ls_number_reflns_all                     ? 
_refine.ls_number_reflns_obs                     5212 
_refine.ls_number_reflns_R_free                  266 
_refine.ls_number_reflns_R_work                  ? 
_refine.ls_number_restraints                     ? 
_refine.ls_percent_reflns_obs                    99.5600 
_refine.ls_percent_reflns_R_free                 4.9000 
_refine.ls_R_factor_all                          ? 
_refine.ls_R_factor_obs                          0.2108 
_refine.ls_R_factor_R_free                       0.2607 
_refine.ls_R_factor_R_free_error                 ? 
_refine.ls_R_factor_R_free_error_details         ? 
_refine.ls_R_factor_R_work                       0.2083 
_refine.ls_R_Fsqd_factor_obs                     ? 
_refine.ls_R_I_factor_obs                        ? 
_refine.ls_redundancy_reflns_all                 ? 
_refine.ls_redundancy_reflns_obs                 ? 
_refine.ls_restrained_S_all                      ? 
_refine.ls_restrained_S_obs                      ? 
_refine.ls_shift_over_esd_max                    ? 
_refine.ls_shift_over_esd_mean                   ? 
_refine.ls_structure_factor_coef                 ? 
_refine.ls_weighting_details                     ? 
_refine.ls_weighting_scheme                      ? 
_refine.ls_wR_factor_all                         ? 
_refine.ls_wR_factor_obs                         ? 
_refine.ls_wR_factor_R_free                      ? 
_refine.ls_wR_factor_R_work                      ? 
_refine.occupancy_max                            ? 
_refine.occupancy_min                            ? 
_refine.solvent_model_details                    MASK 
_refine.solvent_model_param_bsol                 ? 
_refine.solvent_model_param_ksol                 ? 
_refine.pdbx_R_complete                          ? 
_refine.ls_R_factor_gt                           ? 
_refine.ls_goodness_of_fit_gt                    ? 
_refine.ls_goodness_of_fit_ref                   ? 
_refine.ls_shift_over_su_max                     ? 
_refine.ls_shift_over_su_max_lt                  ? 
_refine.ls_shift_over_su_mean                    ? 
_refine.ls_shift_over_su_mean_lt                 ? 
_refine.pdbx_ls_sigma_I                          ? 
_refine.pdbx_ls_sigma_F                          0.000 
_refine.pdbx_ls_sigma_Fsqd                       ? 
_refine.pdbx_data_cutoff_high_absF               ? 
_refine.pdbx_data_cutoff_high_rms_absF           ? 
_refine.pdbx_data_cutoff_low_absF                ? 
_refine.pdbx_isotropic_thermal_model             ? 
_refine.pdbx_ls_cross_valid_method               THROUGHOUT 
_refine.pdbx_method_to_determine_struct          'MOLECULAR REPLACEMENT' 
_refine.pdbx_starting_model                      1n8u 
_refine.pdbx_stereochemistry_target_values       'MAXIMUM LIKELIHOOD' 
_refine.pdbx_R_Free_selection_details            RANDOM 
_refine.pdbx_stereochem_target_val_spec_case     ? 
_refine.pdbx_overall_ESU_R                       0.4320 
_refine.pdbx_overall_ESU_R_Free                  0.2660 
_refine.pdbx_solvent_vdw_probe_radii             1.2000 
_refine.pdbx_solvent_ion_probe_radii             0.8000 
_refine.pdbx_solvent_shrinkage_radii             0.8000 
_refine.pdbx_real_space_R                        ? 
_refine.pdbx_density_correlation                 ? 
_refine.pdbx_pd_number_of_powder_patterns        ? 
_refine.pdbx_pd_number_of_points                 ? 
_refine.pdbx_pd_meas_number_of_points            ? 
_refine.pdbx_pd_proc_ls_prof_R_factor            ? 
_refine.pdbx_pd_proc_ls_prof_wR_factor           ? 
_refine.pdbx_pd_Marquardt_correlation_coeff      ? 
_refine.pdbx_pd_Fsqrd_R_factor                   ? 
_refine.pdbx_pd_ls_matrix_band_width             ? 
_refine.pdbx_overall_phase_error                 ? 
_refine.pdbx_overall_SU_R_free_Cruickshank_DPI   ? 
_refine.pdbx_overall_SU_R_free_Blow_DPI          ? 
_refine.pdbx_overall_SU_R_Blow_DPI               ? 
_refine.pdbx_TLS_residual_ADP_flag               ? 
_refine.pdbx_diffrn_id                           1 
_refine.overall_SU_B                             7.9760 
_refine.overall_SU_ML                            0.1950 
_refine.overall_SU_R_Cruickshank_DPI             ? 
_refine.overall_SU_R_free                        ? 
_refine.overall_FOM_free_R_set                   ? 
_refine.overall_FOM_work_R_set                   ? 
_refine.pdbx_average_fsc_overall                 ? 
_refine.pdbx_average_fsc_work                    ? 
_refine.pdbx_average_fsc_free                    ? 
# 
_refine_hist.pdbx_refine_id                   'X-RAY DIFFRACTION' 
_refine_hist.cycle_id                         final 
_refine_hist.details                          ? 
_refine_hist.d_res_high                       2.3000 
_refine_hist.d_res_low                        23.7100 
_refine_hist.number_atoms_solvent             53 
_refine_hist.number_atoms_total               988 
_refine_hist.number_reflns_all                ? 
_refine_hist.number_reflns_obs                ? 
_refine_hist.number_reflns_R_free             ? 
_refine_hist.number_reflns_R_work             ? 
_refine_hist.R_factor_all                     ? 
_refine_hist.R_factor_obs                     ? 
_refine_hist.R_factor_R_free                  ? 
_refine_hist.R_factor_R_work                  ? 
_refine_hist.pdbx_number_residues_total       119 
_refine_hist.pdbx_B_iso_mean_ligand           ? 
_refine_hist.pdbx_B_iso_mean_solvent          31.35 
_refine_hist.pdbx_number_atoms_protein        935 
_refine_hist.pdbx_number_atoms_nucleic_acid   0 
_refine_hist.pdbx_number_atoms_ligand         0 
_refine_hist.pdbx_number_atoms_lipid          ? 
_refine_hist.pdbx_number_atoms_carb           ? 
_refine_hist.pdbx_pseudo_atom_details         ? 
# 
loop_
_refine_ls_restr.pdbx_refine_id 
_refine_ls_restr.criterion 
_refine_ls_restr.dev_ideal 
_refine_ls_restr.dev_ideal_target 
_refine_ls_restr.number 
_refine_ls_restr.rejects 
_refine_ls_restr.type 
_refine_ls_restr.weight 
_refine_ls_restr.pdbx_restraint_function 
'X-RAY DIFFRACTION' ? 0.008  0.013  954  ? r_bond_refined_d       ? ? 
'X-RAY DIFFRACTION' ? 0.002  0.017  822  ? r_bond_other_d         ? ? 
'X-RAY DIFFRACTION' ? 1.309  1.642  1291 ? r_angle_refined_deg    ? ? 
'X-RAY DIFFRACTION' ? 1.483  1.590  1910 ? r_angle_other_deg      ? ? 
'X-RAY DIFFRACTION' ? 6.132  5.000  118  ? r_dihedral_angle_1_deg ? ? 
'X-RAY DIFFRACTION' ? 35.375 23.636 55   ? r_dihedral_angle_2_deg ? ? 
'X-RAY DIFFRACTION' ? 17.448 15.000 164  ? r_dihedral_angle_3_deg ? ? 
'X-RAY DIFFRACTION' ? 16.529 15.000 5    ? r_dihedral_angle_4_deg ? ? 
'X-RAY DIFFRACTION' ? 0.064  0.200  127  ? r_chiral_restr         ? ? 
'X-RAY DIFFRACTION' ? 0.006  0.020  1079 ? r_gen_planes_refined   ? ? 
'X-RAY DIFFRACTION' ? 0.002  0.020  188  ? r_gen_planes_other     ? ? 
# 
_refine_ls_shell.pdbx_refine_id                   'X-RAY DIFFRACTION' 
_refine_ls_shell.d_res_high                       2.3000 
_refine_ls_shell.d_res_low                        2.3600 
_refine_ls_shell.number_reflns_all                382 
_refine_ls_shell.number_reflns_obs                ? 
_refine_ls_shell.number_reflns_R_free             25 
_refine_ls_shell.number_reflns_R_work             357 
_refine_ls_shell.percent_reflns_obs               97.7000 
_refine_ls_shell.percent_reflns_R_free            ? 
_refine_ls_shell.R_factor_all                     ? 
_refine_ls_shell.R_factor_obs                     ? 
_refine_ls_shell.R_factor_R_free                  0.2700 
_refine_ls_shell.R_factor_R_free_error            0.0000 
_refine_ls_shell.R_factor_R_work                  0.1940 
_refine_ls_shell.redundancy_reflns_all            ? 
_refine_ls_shell.redundancy_reflns_obs            ? 
_refine_ls_shell.wR_factor_all                    ? 
_refine_ls_shell.wR_factor_obs                    ? 
_refine_ls_shell.wR_factor_R_free                 ? 
_refine_ls_shell.wR_factor_R_work                 ? 
_refine_ls_shell.pdbx_R_complete                  ? 
_refine_ls_shell.pdbx_total_number_of_bins_used   20 
_refine_ls_shell.pdbx_phase_error                 ? 
_refine_ls_shell.pdbx_fsc_work                    ? 
_refine_ls_shell.pdbx_fsc_free                    ? 
# 
_struct.entry_id                     7E8L 
_struct.title                        'The structure of Spodoptera litura chemosensory protein' 
_struct.pdbx_model_details           ? 
_struct.pdbx_formula_weight          ? 
_struct.pdbx_formula_weight_method   ? 
_struct.pdbx_model_type_details      ? 
_struct.pdbx_CASP_flag               N 
# 
_struct_keywords.entry_id        7E8L 
_struct_keywords.text            'chemosensory protein, alpha-helical protein, STRUCTURAL PROTEIN' 
_struct_keywords.pdbx_keywords   'STRUCTURAL PROTEIN' 
# 
loop_
_struct_asym.id 
_struct_asym.pdbx_blank_PDB_chainid_flag 
_struct_asym.pdbx_modified 
_struct_asym.entity_id 
_struct_asym.details 
A N N 1 ? 
B N N 2 ? 
# 
_struct_ref.id                         1 
_struct_ref.db_name                    UNP 
_struct_ref.db_code                    A0A0P0EUM0_SPOLT 
_struct_ref.pdbx_db_accession          A0A0P0EUM0 
_struct_ref.pdbx_db_isoform            ? 
_struct_ref.entity_id                  1 
_struct_ref.pdbx_seq_one_letter_code   
;EDEKYPSKYDNIDLDEILANKRLLTAYVNCIMERGKCSPEGKELKEHLVDAIETGCSKCTEAQEKGAYKVIEHLIQNELD
TWHELTDKYDSSGKWRKTYEDRARANGIVIPE
;
_struct_ref.pdbx_align_begin           17 
# 
_struct_ref_seq.align_id                      1 
_struct_ref_seq.ref_id                        1 
_struct_ref_seq.pdbx_PDB_id_code              7E8L 
_struct_ref_seq.pdbx_strand_id                A 
_struct_ref_seq.seq_align_beg                 1 
_struct_ref_seq.pdbx_seq_align_beg_ins_code   ? 
_struct_ref_seq.seq_align_end                 112 
_struct_ref_seq.pdbx_seq_align_end_ins_code   ? 
_struct_ref_seq.pdbx_db_accession             A0A0P0EUM0 
_struct_ref_seq.db_align_beg                  17 
_struct_ref_seq.pdbx_db_align_beg_ins_code    ? 
_struct_ref_seq.db_align_end                  128 
_struct_ref_seq.pdbx_db_align_end_ins_code    ? 
_struct_ref_seq.pdbx_auth_seq_align_beg       17 
_struct_ref_seq.pdbx_auth_seq_align_end       128 
# 
loop_
_struct_ref_seq_dif.align_id 
_struct_ref_seq_dif.pdbx_pdb_id_code 
_struct_ref_seq_dif.mon_id 
_struct_ref_seq_dif.pdbx_pdb_strand_id 
_struct_ref_seq_dif.seq_num 
_struct_ref_seq_dif.pdbx_pdb_ins_code 
_struct_ref_seq_dif.pdbx_seq_db_name 
_struct_ref_seq_dif.pdbx_seq_db_accession_code 
_struct_ref_seq_dif.db_mon_id 
_struct_ref_seq_dif.pdbx_seq_db_seq_num 
_struct_ref_seq_dif.details 
_struct_ref_seq_dif.pdbx_auth_seq_num 
_struct_ref_seq_dif.pdbx_ordinal 
1 7E8L VAL A 1   ? UNP A0A0P0EUM0 GLU 17 'engineered mutation' 17  1 
1 7E8L LEU A 113 ? UNP A0A0P0EUM0 ?   ?  'expression tag'      129 2 
1 7E8L GLU A 114 ? UNP A0A0P0EUM0 ?   ?  'expression tag'      130 3 
1 7E8L HIS A 115 ? UNP A0A0P0EUM0 ?   ?  'expression tag'      131 4 
1 7E8L HIS A 116 ? UNP A0A0P0EUM0 ?   ?  'expression tag'      132 5 
1 7E8L HIS A 117 ? UNP A0A0P0EUM0 ?   ?  'expression tag'      133 6 
1 7E8L HIS A 118 ? UNP A0A0P0EUM0 ?   ?  'expression tag'      134 7 
1 7E8L HIS A 119 ? UNP A0A0P0EUM0 ?   ?  'expression tag'      135 8 
1 7E8L HIS A 120 ? UNP A0A0P0EUM0 ?   ?  'expression tag'      136 9 
# 
_pdbx_struct_assembly.id                   1 
_pdbx_struct_assembly.details              author_defined_assembly 
_pdbx_struct_assembly.method_details       ? 
_pdbx_struct_assembly.oligomeric_details   monomeric 
_pdbx_struct_assembly.oligomeric_count     1 
# 
_pdbx_struct_assembly_gen.assembly_id       1 
_pdbx_struct_assembly_gen.oper_expression   1 
_pdbx_struct_assembly_gen.asym_id_list      A,B 
# 
_pdbx_struct_assembly_auth_evidence.id                     1 
_pdbx_struct_assembly_auth_evidence.assembly_id            1 
_pdbx_struct_assembly_auth_evidence.experimental_support   'gel filtration' 
_pdbx_struct_assembly_auth_evidence.details                ? 
# 
_pdbx_struct_oper_list.id                   1 
_pdbx_struct_oper_list.type                 'identity operation' 
_pdbx_struct_oper_list.name                 1_555 
_pdbx_struct_oper_list.symmetry_operation   x,y,z 
_pdbx_struct_oper_list.matrix[1][1]         1.0000000000 
_pdbx_struct_oper_list.matrix[1][2]         0.0000000000 
_pdbx_struct_oper_list.matrix[1][3]         0.0000000000 
_pdbx_struct_oper_list.vector[1]            0.0000000000 
_pdbx_struct_oper_list.matrix[2][1]         0.0000000000 
_pdbx_struct_oper_list.matrix[2][2]         1.0000000000 
_pdbx_struct_oper_list.matrix[2][3]         0.0000000000 
_pdbx_struct_oper_list.vector[2]            0.0000000000 
_pdbx_struct_oper_list.matrix[3][1]         0.0000000000 
_pdbx_struct_oper_list.matrix[3][2]         0.0000000000 
_pdbx_struct_oper_list.matrix[3][3]         1.0000000000 
_pdbx_struct_oper_list.vector[3]            0.0000000000 
# 
loop_
_struct_conf.conf_type_id 
_struct_conf.id 
_struct_conf.pdbx_PDB_helix_id 
_struct_conf.beg_label_comp_id 
_struct_conf.beg_label_asym_id 
_struct_conf.beg_label_seq_id 
_struct_conf.pdbx_beg_PDB_ins_code 
_struct_conf.end_label_comp_id 
_struct_conf.end_label_asym_id 
_struct_conf.end_label_seq_id 
_struct_conf.pdbx_end_PDB_ins_code 
_struct_conf.beg_auth_comp_id 
_struct_conf.beg_auth_asym_id 
_struct_conf.beg_auth_seq_id 
_struct_conf.end_auth_comp_id 
_struct_conf.end_auth_asym_id 
_struct_conf.end_auth_seq_id 
_struct_conf.pdbx_PDB_helix_class 
_struct_conf.details 
_struct_conf.pdbx_PDB_helix_length 
HELX_P HELX_P1 AA1 ASP A 10  ? ASN A 20  ? ASP A 26  ASN A 36  1 ? 11 
HELX_P HELX_P2 AA2 ASN A 20  ? MET A 32  ? ASN A 36  MET A 48  1 ? 13 
HELX_P HELX_P3 AA3 SER A 38  ? GLY A 55  ? SER A 54  GLY A 71  1 ? 18 
HELX_P HELX_P4 AA4 THR A 60  ? GLU A 78  ? THR A 76  GLU A 94  1 ? 19 
HELX_P HELX_P5 AA5 GLU A 78  ? ASP A 90  ? GLU A 94  ASP A 106 1 ? 13 
HELX_P HELX_P6 AA6 GLY A 93  ? ASN A 106 ? GLY A 109 ASN A 122 1 ? 14 
HELX_P HELX_P7 AA7 ILE A 110 ? HIS A 119 ? ILE A 126 HIS A 135 1 ? 10 
# 
_struct_conf_type.id          HELX_P 
_struct_conf_type.criteria    ? 
_struct_conf_type.reference   ? 
# 
loop_
_struct_conn.id 
_struct_conn.conn_type_id 
_struct_conn.pdbx_leaving_atom_flag 
_struct_conn.pdbx_PDB_id 
_struct_conn.ptnr1_label_asym_id 
_struct_conn.ptnr1_label_comp_id 
_struct_conn.ptnr1_label_seq_id 
_struct_conn.ptnr1_label_atom_id 
_struct_conn.pdbx_ptnr1_label_alt_id 
_struct_conn.pdbx_ptnr1_PDB_ins_code 
_struct_conn.pdbx_ptnr1_standard_comp_id 
_struct_conn.ptnr1_symmetry 
_struct_conn.ptnr2_label_asym_id 
_struct_conn.ptnr2_label_comp_id 
_struct_conn.ptnr2_label_seq_id 
_struct_conn.ptnr2_label_atom_id 
_struct_conn.pdbx_ptnr2_label_alt_id 
_struct_conn.pdbx_ptnr2_PDB_ins_code 
_struct_conn.ptnr1_auth_asym_id 
_struct_conn.ptnr1_auth_comp_id 
_struct_conn.ptnr1_auth_seq_id 
_struct_conn.ptnr2_auth_asym_id 
_struct_conn.ptnr2_auth_comp_id 
_struct_conn.ptnr2_auth_seq_id 
_struct_conn.ptnr2_symmetry 
_struct_conn.pdbx_ptnr3_label_atom_id 
_struct_conn.pdbx_ptnr3_label_seq_id 
_struct_conn.pdbx_ptnr3_label_comp_id 
_struct_conn.pdbx_ptnr3_label_asym_id 
_struct_conn.pdbx_ptnr3_label_alt_id 
_struct_conn.pdbx_ptnr3_PDB_ins_code 
_struct_conn.details 
_struct_conn.pdbx_dist_value 
_struct_conn.pdbx_value_order 
_struct_conn.pdbx_role 
disulf1 disulf ? ? A CYS 30 SG ? ? ? 1_555 A CYS 37 SG ? ? A CYS 46 A CYS 53 1_555 ? ? ? ? ? ? ? 2.085 ? ? 
disulf2 disulf ? ? A CYS 56 SG ? ? ? 1_555 A CYS 59 SG ? ? A CYS 72 A CYS 75 1_555 ? ? ? ? ? ? ? 2.044 ? ? 
# 
_struct_conn_type.id          disulf 
_struct_conn_type.criteria    ? 
_struct_conn_type.reference   ? 
# 
loop_
_pdbx_modification_feature.ordinal 
_pdbx_modification_feature.label_comp_id 
_pdbx_modification_feature.label_asym_id 
_pdbx_modification_feature.label_seq_id 
_pdbx_modification_feature.label_alt_id 
_pdbx_modification_feature.modified_residue_label_comp_id 
_pdbx_modification_feature.modified_residue_label_asym_id 
_pdbx_modification_feature.modified_residue_label_seq_id 
_pdbx_modification_feature.modified_residue_label_alt_id 
_pdbx_modification_feature.auth_comp_id 
_pdbx_modification_feature.auth_asym_id 
_pdbx_modification_feature.auth_seq_id 
_pdbx_modification_feature.PDB_ins_code 
_pdbx_modification_feature.symmetry 
_pdbx_modification_feature.modified_residue_auth_comp_id 
_pdbx_modification_feature.modified_residue_auth_asym_id 
_pdbx_modification_feature.modified_residue_auth_seq_id 
_pdbx_modification_feature.modified_residue_PDB_ins_code 
_pdbx_modification_feature.modified_residue_symmetry 
_pdbx_modification_feature.comp_id_linking_atom 
_pdbx_modification_feature.modified_residue_id_linking_atom 
_pdbx_modification_feature.modified_residue_id 
_pdbx_modification_feature.ref_pcm_id 
_pdbx_modification_feature.ref_comp_id 
_pdbx_modification_feature.type 
_pdbx_modification_feature.category 
1 CYS A 30 ? CYS A 37 ? CYS A 46 ? 1_555 CYS A 53 ? 1_555 SG SG . . . None 'Disulfide bridge' 
2 CYS A 56 ? CYS A 59 ? CYS A 72 ? 1_555 CYS A 75 ? 1_555 SG SG . . . None 'Disulfide bridge' 
# 
_pdbx_entry_details.entry_id                   7E8L 
_pdbx_entry_details.compound_details           ? 
_pdbx_entry_details.source_details             ? 
_pdbx_entry_details.nonpolymer_details         ? 
_pdbx_entry_details.sequence_details           ? 
_pdbx_entry_details.has_ligand_of_interest     ? 
_pdbx_entry_details.has_protein_modification   Y 
# 
_pdbx_validate_close_contact.id               1 
_pdbx_validate_close_contact.PDB_model_num    1 
_pdbx_validate_close_contact.auth_atom_id_1   NZ 
_pdbx_validate_close_contact.auth_asym_id_1   A 
_pdbx_validate_close_contact.auth_comp_id_1   LYS 
_pdbx_validate_close_contact.auth_seq_id_1    24 
_pdbx_validate_close_contact.PDB_ins_code_1   ? 
_pdbx_validate_close_contact.label_alt_id_1   ? 
_pdbx_validate_close_contact.auth_atom_id_2   O 
_pdbx_validate_close_contact.auth_asym_id_2   A 
_pdbx_validate_close_contact.auth_comp_id_2   HOH 
_pdbx_validate_close_contact.auth_seq_id_2    201 
_pdbx_validate_close_contact.PDB_ins_code_2   ? 
_pdbx_validate_close_contact.label_alt_id_2   ? 
_pdbx_validate_close_contact.dist             2.06 
# 
_pdbx_validate_symm_contact.id                1 
_pdbx_validate_symm_contact.PDB_model_num     1 
_pdbx_validate_symm_contact.auth_atom_id_1    O 
_pdbx_validate_symm_contact.auth_asym_id_1    A 
_pdbx_validate_symm_contact.auth_comp_id_1    HOH 
_pdbx_validate_symm_contact.auth_seq_id_1     208 
_pdbx_validate_symm_contact.PDB_ins_code_1    ? 
_pdbx_validate_symm_contact.label_alt_id_1    ? 
_pdbx_validate_symm_contact.site_symmetry_1   1_555 
_pdbx_validate_symm_contact.auth_atom_id_2    O 
_pdbx_validate_symm_contact.auth_asym_id_2    A 
_pdbx_validate_symm_contact.auth_comp_id_2    HOH 
_pdbx_validate_symm_contact.auth_seq_id_2     211 
_pdbx_validate_symm_contact.PDB_ins_code_2    ? 
_pdbx_validate_symm_contact.label_alt_id_2    ? 
_pdbx_validate_symm_contact.site_symmetry_2   3_555 
_pdbx_validate_symm_contact.dist              2.12 
# 
loop_
_pdbx_validate_torsion.id 
_pdbx_validate_torsion.PDB_model_num 
_pdbx_validate_torsion.auth_comp_id 
_pdbx_validate_torsion.auth_asym_id 
_pdbx_validate_torsion.auth_seq_id 
_pdbx_validate_torsion.PDB_ins_code 
_pdbx_validate_torsion.label_alt_id 
_pdbx_validate_torsion.phi 
_pdbx_validate_torsion.psi 
1 1 GLU A 19  ? ? -162.61 101.31 
2 1 TYR A 21  ? ? -113.36 78.75  
3 1 GLU A 94  ? ? -143.00 55.35  
4 1 SER A 107 ? ? -45.28  -17.52 
5 1 SER A 108 ? ? -164.83 -7.90  
# 
_pdbx_unobs_or_zero_occ_residues.id               1 
_pdbx_unobs_or_zero_occ_residues.PDB_model_num    1 
_pdbx_unobs_or_zero_occ_residues.polymer_flag     Y 
_pdbx_unobs_or_zero_occ_residues.occupancy_flag   1 
_pdbx_unobs_or_zero_occ_residues.auth_asym_id     A 
_pdbx_unobs_or_zero_occ_residues.auth_comp_id     HIS 
_pdbx_unobs_or_zero_occ_residues.auth_seq_id      136 
_pdbx_unobs_or_zero_occ_residues.PDB_ins_code     ? 
_pdbx_unobs_or_zero_occ_residues.label_asym_id    A 
_pdbx_unobs_or_zero_occ_residues.label_comp_id    HIS 
_pdbx_unobs_or_zero_occ_residues.label_seq_id     120 
# 
loop_
_chem_comp_atom.comp_id 
_chem_comp_atom.atom_id 
_chem_comp_atom.type_symbol 
_chem_comp_atom.pdbx_aromatic_flag 
_chem_comp_atom.pdbx_stereo_config 
_chem_comp_atom.pdbx_ordinal 
ALA N    N N N 1   
ALA CA   C N S 2   
ALA C    C N N 3   
ALA O    O N N 4   
ALA CB   C N N 5   
ALA OXT  O N N 6   
ALA H    H N N 7   
ALA H2   H N N 8   
ALA HA   H N N 9   
ALA HB1  H N N 10  
ALA HB2  H N N 11  
ALA HB3  H N N 12  
ALA HXT  H N N 13  
ARG N    N N N 14  
ARG CA   C N S 15  
ARG C    C N N 16  
ARG O    O N N 17  
ARG CB   C N N 18  
ARG CG   C N N 19  
ARG CD   C N N 20  
ARG NE   N N N 21  
ARG CZ   C N N 22  
ARG NH1  N N N 23  
ARG NH2  N N N 24  
ARG OXT  O N N 25  
ARG H    H N N 26  
ARG H2   H N N 27  
ARG HA   H N N 28  
ARG HB2  H N N 29  
ARG HB3  H N N 30  
ARG HG2  H N N 31  
ARG HG3  H N N 32  
ARG HD2  H N N 33  
ARG HD3  H N N 34  
ARG HE   H N N 35  
ARG HH11 H N N 36  
ARG HH12 H N N 37  
ARG HH21 H N N 38  
ARG HH22 H N N 39  
ARG HXT  H N N 40  
ASN N    N N N 41  
ASN CA   C N S 42  
ASN C    C N N 43  
ASN O    O N N 44  
ASN CB   C N N 45  
ASN CG   C N N 46  
ASN OD1  O N N 47  
ASN ND2  N N N 48  
ASN OXT  O N N 49  
ASN H    H N N 50  
ASN H2   H N N 51  
ASN HA   H N N 52  
ASN HB2  H N N 53  
ASN HB3  H N N 54  
ASN HD21 H N N 55  
ASN HD22 H N N 56  
ASN HXT  H N N 57  
ASP N    N N N 58  
ASP CA   C N S 59  
ASP C    C N N 60  
ASP O    O N N 61  
ASP CB   C N N 62  
ASP CG   C N N 63  
ASP OD1  O N N 64  
ASP OD2  O N N 65  
ASP OXT  O N N 66  
ASP H    H N N 67  
ASP H2   H N N 68  
ASP HA   H N N 69  
ASP HB2  H N N 70  
ASP HB3  H N N 71  
ASP HD2  H N N 72  
ASP HXT  H N N 73  
CYS N    N N N 74  
CYS CA   C N R 75  
CYS C    C N N 76  
CYS O    O N N 77  
CYS CB   C N N 78  
CYS SG   S N N 79  
CYS OXT  O N N 80  
CYS H    H N N 81  
CYS H2   H N N 82  
CYS HA   H N N 83  
CYS HB2  H N N 84  
CYS HB3  H N N 85  
CYS HG   H N N 86  
CYS HXT  H N N 87  
GLN N    N N N 88  
GLN CA   C N S 89  
GLN C    C N N 90  
GLN O    O N N 91  
GLN CB   C N N 92  
GLN CG   C N N 93  
GLN CD   C N N 94  
GLN OE1  O N N 95  
GLN NE2  N N N 96  
GLN OXT  O N N 97  
GLN H    H N N 98  
GLN H2   H N N 99  
GLN HA   H N N 100 
GLN HB2  H N N 101 
GLN HB3  H N N 102 
GLN HG2  H N N 103 
GLN HG3  H N N 104 
GLN HE21 H N N 105 
GLN HE22 H N N 106 
GLN HXT  H N N 107 
GLU N    N N N 108 
GLU CA   C N S 109 
GLU C    C N N 110 
GLU O    O N N 111 
GLU CB   C N N 112 
GLU CG   C N N 113 
GLU CD   C N N 114 
GLU OE1  O N N 115 
GLU OE2  O N N 116 
GLU OXT  O N N 117 
GLU H    H N N 118 
GLU H2   H N N 119 
GLU HA   H N N 120 
GLU HB2  H N N 121 
GLU HB3  H N N 122 
GLU HG2  H N N 123 
GLU HG3  H N N 124 
GLU HE2  H N N 125 
GLU HXT  H N N 126 
GLY N    N N N 127 
GLY CA   C N N 128 
GLY C    C N N 129 
GLY O    O N N 130 
GLY OXT  O N N 131 
GLY H    H N N 132 
GLY H2   H N N 133 
GLY HA2  H N N 134 
GLY HA3  H N N 135 
GLY HXT  H N N 136 
HIS N    N N N 137 
HIS CA   C N S 138 
HIS C    C N N 139 
HIS O    O N N 140 
HIS CB   C N N 141 
HIS CG   C Y N 142 
HIS ND1  N Y N 143 
HIS CD2  C Y N 144 
HIS CE1  C Y N 145 
HIS NE2  N Y N 146 
HIS OXT  O N N 147 
HIS H    H N N 148 
HIS H2   H N N 149 
HIS HA   H N N 150 
HIS HB2  H N N 151 
HIS HB3  H N N 152 
HIS HD1  H N N 153 
HIS HD2  H N N 154 
HIS HE1  H N N 155 
HIS HE2  H N N 156 
HIS HXT  H N N 157 
HOH O    O N N 158 
HOH H1   H N N 159 
HOH H2   H N N 160 
ILE N    N N N 161 
ILE CA   C N S 162 
ILE C    C N N 163 
ILE O    O N N 164 
ILE CB   C N S 165 
ILE CG1  C N N 166 
ILE CG2  C N N 167 
ILE CD1  C N N 168 
ILE OXT  O N N 169 
ILE H    H N N 170 
ILE H2   H N N 171 
ILE HA   H N N 172 
ILE HB   H N N 173 
ILE HG12 H N N 174 
ILE HG13 H N N 175 
ILE HG21 H N N 176 
ILE HG22 H N N 177 
ILE HG23 H N N 178 
ILE HD11 H N N 179 
ILE HD12 H N N 180 
ILE HD13 H N N 181 
ILE HXT  H N N 182 
LEU N    N N N 183 
LEU CA   C N S 184 
LEU C    C N N 185 
LEU O    O N N 186 
LEU CB   C N N 187 
LEU CG   C N N 188 
LEU CD1  C N N 189 
LEU CD2  C N N 190 
LEU OXT  O N N 191 
LEU H    H N N 192 
LEU H2   H N N 193 
LEU HA   H N N 194 
LEU HB2  H N N 195 
LEU HB3  H N N 196 
LEU HG   H N N 197 
LEU HD11 H N N 198 
LEU HD12 H N N 199 
LEU HD13 H N N 200 
LEU HD21 H N N 201 
LEU HD22 H N N 202 
LEU HD23 H N N 203 
LEU HXT  H N N 204 
LYS N    N N N 205 
LYS CA   C N S 206 
LYS C    C N N 207 
LYS O    O N N 208 
LYS CB   C N N 209 
LYS CG   C N N 210 
LYS CD   C N N 211 
LYS CE   C N N 212 
LYS NZ   N N N 213 
LYS OXT  O N N 214 
LYS H    H N N 215 
LYS H2   H N N 216 
LYS HA   H N N 217 
LYS HB2  H N N 218 
LYS HB3  H N N 219 
LYS HG2  H N N 220 
LYS HG3  H N N 221 
LYS HD2  H N N 222 
LYS HD3  H N N 223 
LYS HE2  H N N 224 
LYS HE3  H N N 225 
LYS HZ1  H N N 226 
LYS HZ2  H N N 227 
LYS HZ3  H N N 228 
LYS HXT  H N N 229 
MET N    N N N 230 
MET CA   C N S 231 
MET C    C N N 232 
MET O    O N N 233 
MET CB   C N N 234 
MET CG   C N N 235 
MET SD   S N N 236 
MET CE   C N N 237 
MET OXT  O N N 238 
MET H    H N N 239 
MET H2   H N N 240 
MET HA   H N N 241 
MET HB2  H N N 242 
MET HB3  H N N 243 
MET HG2  H N N 244 
MET HG3  H N N 245 
MET HE1  H N N 246 
MET HE2  H N N 247 
MET HE3  H N N 248 
MET HXT  H N N 249 
PRO N    N N N 250 
PRO CA   C N S 251 
PRO C    C N N 252 
PRO O    O N N 253 
PRO CB   C N N 254 
PRO CG   C N N 255 
PRO CD   C N N 256 
PRO OXT  O N N 257 
PRO H    H N N 258 
PRO HA   H N N 259 
PRO HB2  H N N 260 
PRO HB3  H N N 261 
PRO HG2  H N N 262 
PRO HG3  H N N 263 
PRO HD2  H N N 264 
PRO HD3  H N N 265 
PRO HXT  H N N 266 
SER N    N N N 267 
SER CA   C N S 268 
SER C    C N N 269 
SER O    O N N 270 
SER CB   C N N 271 
SER OG   O N N 272 
SER OXT  O N N 273 
SER H    H N N 274 
SER H2   H N N 275 
SER HA   H N N 276 
SER HB2  H N N 277 
SER HB3  H N N 278 
SER HG   H N N 279 
SER HXT  H N N 280 
THR N    N N N 281 
THR CA   C N S 282 
THR C    C N N 283 
THR O    O N N 284 
THR CB   C N R 285 
THR OG1  O N N 286 
THR CG2  C N N 287 
THR OXT  O N N 288 
THR H    H N N 289 
THR H2   H N N 290 
THR HA   H N N 291 
THR HB   H N N 292 
THR HG1  H N N 293 
THR HG21 H N N 294 
THR HG22 H N N 295 
THR HG23 H N N 296 
THR HXT  H N N 297 
TRP N    N N N 298 
TRP CA   C N S 299 
TRP C    C N N 300 
TRP O    O N N 301 
TRP CB   C N N 302 
TRP CG   C Y N 303 
TRP CD1  C Y N 304 
TRP CD2  C Y N 305 
TRP NE1  N Y N 306 
TRP CE2  C Y N 307 
TRP CE3  C Y N 308 
TRP CZ2  C Y N 309 
TRP CZ3  C Y N 310 
TRP CH2  C Y N 311 
TRP OXT  O N N 312 
TRP H    H N N 313 
TRP H2   H N N 314 
TRP HA   H N N 315 
TRP HB2  H N N 316 
TRP HB3  H N N 317 
TRP HD1  H N N 318 
TRP HE1  H N N 319 
TRP HE3  H N N 320 
TRP HZ2  H N N 321 
TRP HZ3  H N N 322 
TRP HH2  H N N 323 
TRP HXT  H N N 324 
TYR N    N N N 325 
TYR CA   C N S 326 
TYR C    C N N 327 
TYR O    O N N 328 
TYR CB   C N N 329 
TYR CG   C Y N 330 
TYR CD1  C Y N 331 
TYR CD2  C Y N 332 
TYR CE1  C Y N 333 
TYR CE2  C Y N 334 
TYR CZ   C Y N 335 
TYR OH   O N N 336 
TYR OXT  O N N 337 
TYR H    H N N 338 
TYR H2   H N N 339 
TYR HA   H N N 340 
TYR HB2  H N N 341 
TYR HB3  H N N 342 
TYR HD1  H N N 343 
TYR HD2  H N N 344 
TYR HE1  H N N 345 
TYR HE2  H N N 346 
TYR HH   H N N 347 
TYR HXT  H N N 348 
VAL N    N N N 349 
VAL CA   C N S 350 
VAL C    C N N 351 
VAL O    O N N 352 
VAL CB   C N N 353 
VAL CG1  C N N 354 
VAL CG2  C N N 355 
VAL OXT  O N N 356 
VAL H    H N N 357 
VAL H2   H N N 358 
VAL HA   H N N 359 
VAL HB   H N N 360 
VAL HG11 H N N 361 
VAL HG12 H N N 362 
VAL HG13 H N N 363 
VAL HG21 H N N 364 
VAL HG22 H N N 365 
VAL HG23 H N N 366 
VAL HXT  H N N 367 
# 
loop_
_chem_comp_bond.comp_id 
_chem_comp_bond.atom_id_1 
_chem_comp_bond.atom_id_2 
_chem_comp_bond.value_order 
_chem_comp_bond.pdbx_aromatic_flag 
_chem_comp_bond.pdbx_stereo_config 
_chem_comp_bond.pdbx_ordinal 
ALA N   CA   sing N N 1   
ALA N   H    sing N N 2   
ALA N   H2   sing N N 3   
ALA CA  C    sing N N 4   
ALA CA  CB   sing N N 5   
ALA CA  HA   sing N N 6   
ALA C   O    doub N N 7   
ALA C   OXT  sing N N 8   
ALA CB  HB1  sing N N 9   
ALA CB  HB2  sing N N 10  
ALA CB  HB3  sing N N 11  
ALA OXT HXT  sing N N 12  
ARG N   CA   sing N N 13  
ARG N   H    sing N N 14  
ARG N   H2   sing N N 15  
ARG CA  C    sing N N 16  
ARG CA  CB   sing N N 17  
ARG CA  HA   sing N N 18  
ARG C   O    doub N N 19  
ARG C   OXT  sing N N 20  
ARG CB  CG   sing N N 21  
ARG CB  HB2  sing N N 22  
ARG CB  HB3  sing N N 23  
ARG CG  CD   sing N N 24  
ARG CG  HG2  sing N N 25  
ARG CG  HG3  sing N N 26  
ARG CD  NE   sing N N 27  
ARG CD  HD2  sing N N 28  
ARG CD  HD3  sing N N 29  
ARG NE  CZ   sing N N 30  
ARG NE  HE   sing N N 31  
ARG CZ  NH1  sing N N 32  
ARG CZ  NH2  doub N N 33  
ARG NH1 HH11 sing N N 34  
ARG NH1 HH12 sing N N 35  
ARG NH2 HH21 sing N N 36  
ARG NH2 HH22 sing N N 37  
ARG OXT HXT  sing N N 38  
ASN N   CA   sing N N 39  
ASN N   H    sing N N 40  
ASN N   H2   sing N N 41  
ASN CA  C    sing N N 42  
ASN CA  CB   sing N N 43  
ASN CA  HA   sing N N 44  
ASN C   O    doub N N 45  
ASN C   OXT  sing N N 46  
ASN CB  CG   sing N N 47  
ASN CB  HB2  sing N N 48  
ASN CB  HB3  sing N N 49  
ASN CG  OD1  doub N N 50  
ASN CG  ND2  sing N N 51  
ASN ND2 HD21 sing N N 52  
ASN ND2 HD22 sing N N 53  
ASN OXT HXT  sing N N 54  
ASP N   CA   sing N N 55  
ASP N   H    sing N N 56  
ASP N   H2   sing N N 57  
ASP CA  C    sing N N 58  
ASP CA  CB   sing N N 59  
ASP CA  HA   sing N N 60  
ASP C   O    doub N N 61  
ASP C   OXT  sing N N 62  
ASP CB  CG   sing N N 63  
ASP CB  HB2  sing N N 64  
ASP CB  HB3  sing N N 65  
ASP CG  OD1  doub N N 66  
ASP CG  OD2  sing N N 67  
ASP OD2 HD2  sing N N 68  
ASP OXT HXT  sing N N 69  
CYS N   CA   sing N N 70  
CYS N   H    sing N N 71  
CYS N   H2   sing N N 72  
CYS CA  C    sing N N 73  
CYS CA  CB   sing N N 74  
CYS CA  HA   sing N N 75  
CYS C   O    doub N N 76  
CYS C   OXT  sing N N 77  
CYS CB  SG   sing N N 78  
CYS CB  HB2  sing N N 79  
CYS CB  HB3  sing N N 80  
CYS SG  HG   sing N N 81  
CYS OXT HXT  sing N N 82  
GLN N   CA   sing N N 83  
GLN N   H    sing N N 84  
GLN N   H2   sing N N 85  
GLN CA  C    sing N N 86  
GLN CA  CB   sing N N 87  
GLN CA  HA   sing N N 88  
GLN C   O    doub N N 89  
GLN C   OXT  sing N N 90  
GLN CB  CG   sing N N 91  
GLN CB  HB2  sing N N 92  
GLN CB  HB3  sing N N 93  
GLN CG  CD   sing N N 94  
GLN CG  HG2  sing N N 95  
GLN CG  HG3  sing N N 96  
GLN CD  OE1  doub N N 97  
GLN CD  NE2  sing N N 98  
GLN NE2 HE21 sing N N 99  
GLN NE2 HE22 sing N N 100 
GLN OXT HXT  sing N N 101 
GLU N   CA   sing N N 102 
GLU N   H    sing N N 103 
GLU N   H2   sing N N 104 
GLU CA  C    sing N N 105 
GLU CA  CB   sing N N 106 
GLU CA  HA   sing N N 107 
GLU C   O    doub N N 108 
GLU C   OXT  sing N N 109 
GLU CB  CG   sing N N 110 
GLU CB  HB2  sing N N 111 
GLU CB  HB3  sing N N 112 
GLU CG  CD   sing N N 113 
GLU CG  HG2  sing N N 114 
GLU CG  HG3  sing N N 115 
GLU CD  OE1  doub N N 116 
GLU CD  OE2  sing N N 117 
GLU OE2 HE2  sing N N 118 
GLU OXT HXT  sing N N 119 
GLY N   CA   sing N N 120 
GLY N   H    sing N N 121 
GLY N   H2   sing N N 122 
GLY CA  C    sing N N 123 
GLY CA  HA2  sing N N 124 
GLY CA  HA3  sing N N 125 
GLY C   O    doub N N 126 
GLY C   OXT  sing N N 127 
GLY OXT HXT  sing N N 128 
HIS N   CA   sing N N 129 
HIS N   H    sing N N 130 
HIS N   H2   sing N N 131 
HIS CA  C    sing N N 132 
HIS CA  CB   sing N N 133 
HIS CA  HA   sing N N 134 
HIS C   O    doub N N 135 
HIS C   OXT  sing N N 136 
HIS CB  CG   sing N N 137 
HIS CB  HB2  sing N N 138 
HIS CB  HB3  sing N N 139 
HIS CG  ND1  sing Y N 140 
HIS CG  CD2  doub Y N 141 
HIS ND1 CE1  doub Y N 142 
HIS ND1 HD1  sing N N 143 
HIS CD2 NE2  sing Y N 144 
HIS CD2 HD2  sing N N 145 
HIS CE1 NE2  sing Y N 146 
HIS CE1 HE1  sing N N 147 
HIS NE2 HE2  sing N N 148 
HIS OXT HXT  sing N N 149 
HOH O   H1   sing N N 150 
HOH O   H2   sing N N 151 
ILE N   CA   sing N N 152 
ILE N   H    sing N N 153 
ILE N   H2   sing N N 154 
ILE CA  C    sing N N 155 
ILE CA  CB   sing N N 156 
ILE CA  HA   sing N N 157 
ILE C   O    doub N N 158 
ILE C   OXT  sing N N 159 
ILE CB  CG1  sing N N 160 
ILE CB  CG2  sing N N 161 
ILE CB  HB   sing N N 162 
ILE CG1 CD1  sing N N 163 
ILE CG1 HG12 sing N N 164 
ILE CG1 HG13 sing N N 165 
ILE CG2 HG21 sing N N 166 
ILE CG2 HG22 sing N N 167 
ILE CG2 HG23 sing N N 168 
ILE CD1 HD11 sing N N 169 
ILE CD1 HD12 sing N N 170 
ILE CD1 HD13 sing N N 171 
ILE OXT HXT  sing N N 172 
LEU N   CA   sing N N 173 
LEU N   H    sing N N 174 
LEU N   H2   sing N N 175 
LEU CA  C    sing N N 176 
LEU CA  CB   sing N N 177 
LEU CA  HA   sing N N 178 
LEU C   O    doub N N 179 
LEU C   OXT  sing N N 180 
LEU CB  CG   sing N N 181 
LEU CB  HB2  sing N N 182 
LEU CB  HB3  sing N N 183 
LEU CG  CD1  sing N N 184 
LEU CG  CD2  sing N N 185 
LEU CG  HG   sing N N 186 
LEU CD1 HD11 sing N N 187 
LEU CD1 HD12 sing N N 188 
LEU CD1 HD13 sing N N 189 
LEU CD2 HD21 sing N N 190 
LEU CD2 HD22 sing N N 191 
LEU CD2 HD23 sing N N 192 
LEU OXT HXT  sing N N 193 
LYS N   CA   sing N N 194 
LYS N   H    sing N N 195 
LYS N   H2   sing N N 196 
LYS CA  C    sing N N 197 
LYS CA  CB   sing N N 198 
LYS CA  HA   sing N N 199 
LYS C   O    doub N N 200 
LYS C   OXT  sing N N 201 
LYS CB  CG   sing N N 202 
LYS CB  HB2  sing N N 203 
LYS CB  HB3  sing N N 204 
LYS CG  CD   sing N N 205 
LYS CG  HG2  sing N N 206 
LYS CG  HG3  sing N N 207 
LYS CD  CE   sing N N 208 
LYS CD  HD2  sing N N 209 
LYS CD  HD3  sing N N 210 
LYS CE  NZ   sing N N 211 
LYS CE  HE2  sing N N 212 
LYS CE  HE3  sing N N 213 
LYS NZ  HZ1  sing N N 214 
LYS NZ  HZ2  sing N N 215 
LYS NZ  HZ3  sing N N 216 
LYS OXT HXT  sing N N 217 
MET N   CA   sing N N 218 
MET N   H    sing N N 219 
MET N   H2   sing N N 220 
MET CA  C    sing N N 221 
MET CA  CB   sing N N 222 
MET CA  HA   sing N N 223 
MET C   O    doub N N 224 
MET C   OXT  sing N N 225 
MET CB  CG   sing N N 226 
MET CB  HB2  sing N N 227 
MET CB  HB3  sing N N 228 
MET CG  SD   sing N N 229 
MET CG  HG2  sing N N 230 
MET CG  HG3  sing N N 231 
MET SD  CE   sing N N 232 
MET CE  HE1  sing N N 233 
MET CE  HE2  sing N N 234 
MET CE  HE3  sing N N 235 
MET OXT HXT  sing N N 236 
PRO N   CA   sing N N 237 
PRO N   CD   sing N N 238 
PRO N   H    sing N N 239 
PRO CA  C    sing N N 240 
PRO CA  CB   sing N N 241 
PRO CA  HA   sing N N 242 
PRO C   O    doub N N 243 
PRO C   OXT  sing N N 244 
PRO CB  CG   sing N N 245 
PRO CB  HB2  sing N N 246 
PRO CB  HB3  sing N N 247 
PRO CG  CD   sing N N 248 
PRO CG  HG2  sing N N 249 
PRO CG  HG3  sing N N 250 
PRO CD  HD2  sing N N 251 
PRO CD  HD3  sing N N 252 
PRO OXT HXT  sing N N 253 
SER N   CA   sing N N 254 
SER N   H    sing N N 255 
SER N   H2   sing N N 256 
SER CA  C    sing N N 257 
SER CA  CB   sing N N 258 
SER CA  HA   sing N N 259 
SER C   O    doub N N 260 
SER C   OXT  sing N N 261 
SER CB  OG   sing N N 262 
SER CB  HB2  sing N N 263 
SER CB  HB3  sing N N 264 
SER OG  HG   sing N N 265 
SER OXT HXT  sing N N 266 
THR N   CA   sing N N 267 
THR N   H    sing N N 268 
THR N   H2   sing N N 269 
THR CA  C    sing N N 270 
THR CA  CB   sing N N 271 
THR CA  HA   sing N N 272 
THR C   O    doub N N 273 
THR C   OXT  sing N N 274 
THR CB  OG1  sing N N 275 
THR CB  CG2  sing N N 276 
THR CB  HB   sing N N 277 
THR OG1 HG1  sing N N 278 
THR CG2 HG21 sing N N 279 
THR CG2 HG22 sing N N 280 
THR CG2 HG23 sing N N 281 
THR OXT HXT  sing N N 282 
TRP N   CA   sing N N 283 
TRP N   H    sing N N 284 
TRP N   H2   sing N N 285 
TRP CA  C    sing N N 286 
TRP CA  CB   sing N N 287 
TRP CA  HA   sing N N 288 
TRP C   O    doub N N 289 
TRP C   OXT  sing N N 290 
TRP CB  CG   sing N N 291 
TRP CB  HB2  sing N N 292 
TRP CB  HB3  sing N N 293 
TRP CG  CD1  doub Y N 294 
TRP CG  CD2  sing Y N 295 
TRP CD1 NE1  sing Y N 296 
TRP CD1 HD1  sing N N 297 
TRP CD2 CE2  doub Y N 298 
TRP CD2 CE3  sing Y N 299 
TRP NE1 CE2  sing Y N 300 
TRP NE1 HE1  sing N N 301 
TRP CE2 CZ2  sing Y N 302 
TRP CE3 CZ3  doub Y N 303 
TRP CE3 HE3  sing N N 304 
TRP CZ2 CH2  doub Y N 305 
TRP CZ2 HZ2  sing N N 306 
TRP CZ3 CH2  sing Y N 307 
TRP CZ3 HZ3  sing N N 308 
TRP CH2 HH2  sing N N 309 
TRP OXT HXT  sing N N 310 
TYR N   CA   sing N N 311 
TYR N   H    sing N N 312 
TYR N   H2   sing N N 313 
TYR CA  C    sing N N 314 
TYR CA  CB   sing N N 315 
TYR CA  HA   sing N N 316 
TYR C   O    doub N N 317 
TYR C   OXT  sing N N 318 
TYR CB  CG   sing N N 319 
TYR CB  HB2  sing N N 320 
TYR CB  HB3  sing N N 321 
TYR CG  CD1  doub Y N 322 
TYR CG  CD2  sing Y N 323 
TYR CD1 CE1  sing Y N 324 
TYR CD1 HD1  sing N N 325 
TYR CD2 CE2  doub Y N 326 
TYR CD2 HD2  sing N N 327 
TYR CE1 CZ   doub Y N 328 
TYR CE1 HE1  sing N N 329 
TYR CE2 CZ   sing Y N 330 
TYR CE2 HE2  sing N N 331 
TYR CZ  OH   sing N N 332 
TYR OH  HH   sing N N 333 
TYR OXT HXT  sing N N 334 
VAL N   CA   sing N N 335 
VAL N   H    sing N N 336 
VAL N   H2   sing N N 337 
VAL CA  C    sing N N 338 
VAL CA  CB   sing N N 339 
VAL CA  HA   sing N N 340 
VAL C   O    doub N N 341 
VAL C   OXT  sing N N 342 
VAL CB  CG1  sing N N 343 
VAL CB  CG2  sing N N 344 
VAL CB  HB   sing N N 345 
VAL CG1 HG11 sing N N 346 
VAL CG1 HG12 sing N N 347 
VAL CG1 HG13 sing N N 348 
VAL CG2 HG21 sing N N 349 
VAL CG2 HG22 sing N N 350 
VAL CG2 HG23 sing N N 351 
VAL OXT HXT  sing N N 352 
# 
_pdbx_audit_support.funding_organization   'National Natural Science Foundation of China (NSFC)' 
_pdbx_audit_support.country                China 
_pdbx_audit_support.grant_number           31870782 
_pdbx_audit_support.ordinal                1 
# 
_pdbx_initial_refinement_model.id               1 
_pdbx_initial_refinement_model.entity_id_list   ? 
_pdbx_initial_refinement_model.type             'experimental model' 
_pdbx_initial_refinement_model.source_name      PDB 
_pdbx_initial_refinement_model.accession_code   1N8U 
_pdbx_initial_refinement_model.details          ? 
# 
_atom_sites.entry_id                    7E8L 
_atom_sites.Cartn_transf_matrix[1][1]   ? 
_atom_sites.Cartn_transf_matrix[1][2]   ? 
_atom_sites.Cartn_transf_matrix[1][3]   ? 
_atom_sites.Cartn_transf_matrix[2][1]   ? 
_atom_sites.Cartn_transf_matrix[2][2]   ? 
_atom_sites.Cartn_transf_matrix[2][3]   ? 
_atom_sites.Cartn_transf_matrix[3][1]   ? 
_atom_sites.Cartn_transf_matrix[3][2]   ? 
_atom_sites.Cartn_transf_matrix[3][3]   ? 
_atom_sites.Cartn_transf_vector[1]      ? 
_atom_sites.Cartn_transf_vector[2]      ? 
_atom_sites.Cartn_transf_vector[3]      ? 
_atom_sites.fract_transf_matrix[1][1]   -0.02476312 
_atom_sites.fract_transf_matrix[1][2]   0.00513976 
_atom_sites.fract_transf_matrix[1][3]   0.00620938 
_atom_sites.fract_transf_matrix[2][1]   -0.00617012 
_atom_sites.fract_transf_matrix[2][2]   -0.01106858 
_atom_sites.fract_transf_matrix[2][3]   -0.01544463 
_atom_sites.fract_transf_matrix[3][1]   -0.00033991 
_atom_sites.fract_transf_matrix[3][2]   -0.01342619 
_atom_sites.fract_transf_matrix[3][3]   0.00975783 
_atom_sites.fract_transf_vector[1]      -0.182148 
_atom_sites.fract_transf_vector[2]      0.060825 
_atom_sites.fract_transf_vector[3]      0.303107 
_atom_sites.solution_primary            ? 
_atom_sites.solution_secondary          ? 
_atom_sites.solution_hydrogens          ? 
_atom_sites.special_details             ? 
# 
loop_
_atom_type.symbol 
C 
N 
O 
S 
# 
loop_
_atom_site.group_PDB 
_atom_site.id 
_atom_site.type_symbol 
_atom_site.label_atom_id 
_atom_site.label_alt_id 
_atom_site.label_comp_id 
_atom_site.label_asym_id 
_atom_site.label_entity_id 
_atom_site.label_seq_id 
_atom_site.pdbx_PDB_ins_code 
_atom_site.Cartn_x 
_atom_site.Cartn_y 
_atom_site.Cartn_z 
_atom_site.occupancy 
_atom_site.B_iso_or_equiv 
_atom_site.pdbx_formal_charge 
_atom_site.auth_seq_id 
_atom_site.auth_comp_id 
_atom_site.auth_asym_id 
_atom_site.auth_atom_id 
_atom_site.pdbx_PDB_model_num 
ATOM   1   N N   . VAL A 1 1   ? -2.991  -4.914  28.367  1.00 53.14 ? 17  VAL A N   1 
ATOM   2   C CA  . VAL A 1 1   ? -2.827  -4.344  26.990  1.00 54.22 ? 17  VAL A CA  1 
ATOM   3   C C   . VAL A 1 1   ? -3.395  -2.923  26.985  1.00 53.90 ? 17  VAL A C   1 
ATOM   4   O O   . VAL A 1 1   ? -4.543  -2.752  27.453  1.00 53.83 ? 17  VAL A O   1 
ATOM   5   C CB  . VAL A 1 1   ? -3.515  -5.219  25.922  1.00 50.44 ? 17  VAL A CB  1 
ATOM   6   N N   . ASP A 1 2   ? -2.613  -1.949  26.499  1.00 52.60 ? 18  ASP A N   1 
ATOM   7   C CA  . ASP A 1 2   ? -3.044  -0.529  26.373  1.00 52.87 ? 18  ASP A CA  1 
ATOM   8   C C   . ASP A 1 2   ? -3.300  -0.215  24.900  1.00 52.21 ? 18  ASP A C   1 
ATOM   9   O O   . ASP A 1 2   ? -2.415  0.373   24.234  1.00 50.58 ? 18  ASP A O   1 
ATOM   10  C CB  . ASP A 1 2   ? -2.041  0.460   26.971  1.00 53.44 ? 18  ASP A CB  1 
ATOM   11  C CG  . ASP A 1 2   ? -2.483  1.914   26.847  1.00 55.96 ? 18  ASP A CG  1 
ATOM   12  O OD1 . ASP A 1 2   ? -1.586  2.781   26.799  1.00 56.24 ? 18  ASP A OD1 1 
ATOM   13  O OD2 . ASP A 1 2   ? -3.722  2.170   26.769  1.00 56.06 ? 18  ASP A OD2 1 
ATOM   14  N N   . GLU A 1 3   ? -4.481  -0.608  24.435  1.00 51.97 ? 19  GLU A N   1 
ATOM   15  C CA  . GLU A 1 3   ? -4.989  -0.301  23.079  1.00 52.20 ? 19  GLU A CA  1 
ATOM   16  C C   . GLU A 1 3   ? -6.503  -0.536  23.095  1.00 52.78 ? 19  GLU A C   1 
ATOM   17  O O   . GLU A 1 3   ? -6.921  -1.722  23.105  1.00 50.60 ? 19  GLU A O   1 
ATOM   18  C CB  . GLU A 1 3   ? -4.268  -1.179  22.057  1.00 51.86 ? 19  GLU A CB  1 
ATOM   19  C CG  . GLU A 1 3   ? -4.382  -0.677  20.632  1.00 51.83 ? 19  GLU A CG  1 
ATOM   20  C CD  . GLU A 1 3   ? -3.444  -1.415  19.692  1.00 52.27 ? 19  GLU A CD  1 
ATOM   21  O OE1 . GLU A 1 3   ? -3.058  -2.563  20.029  1.00 42.17 ? 19  GLU A OE1 1 
ATOM   22  O OE2 . GLU A 1 3   ? -3.085  -0.845  18.636  1.00 52.68 ? 19  GLU A OE2 1 
ATOM   23  N N   . LYS A 1 4   ? -7.279  0.547   23.192  1.00 49.52 ? 20  LYS A N   1 
ATOM   24  C CA  . LYS A 1 4   ? -8.765  0.505   23.189  1.00 48.12 ? 20  LYS A CA  1 
ATOM   25  C C   . LYS A 1 4   ? -9.257  0.349   21.739  1.00 47.85 ? 20  LYS A C   1 
ATOM   26  O O   . LYS A 1 4   ? -10.320 -0.274  21.530  1.00 46.70 ? 20  LYS A O   1 
ATOM   27  C CB  . LYS A 1 4   ? -9.341  1.762   23.846  1.00 48.06 ? 20  LYS A CB  1 
ATOM   28  N N   . TYR A 1 5   ? -8.499  0.887   20.779  1.00 46.37 ? 21  TYR A N   1 
ATOM   29  C CA  . TYR A 1 5   ? -8.847  0.911   19.332  1.00 52.49 ? 21  TYR A CA  1 
ATOM   30  C C   . TYR A 1 5   ? -7.851  0.028   18.584  1.00 50.09 ? 21  TYR A C   1 
ATOM   31  O O   . TYR A 1 5   ? -6.892  0.522   17.986  1.00 50.89 ? 21  TYR A O   1 
ATOM   32  C CB  . TYR A 1 5   ? -8.871  2.357   18.813  1.00 52.25 ? 21  TYR A CB  1 
ATOM   33  N N   . PRO A 1 6   ? -8.040  -1.311  18.632  1.00 48.19 ? 22  PRO A N   1 
ATOM   34  C CA  . PRO A 1 6   ? -7.091  -2.221  17.989  1.00 50.54 ? 22  PRO A CA  1 
ATOM   35  C C   . PRO A 1 6   ? -7.136  -2.138  16.452  1.00 49.23 ? 22  PRO A C   1 
ATOM   36  O O   . PRO A 1 6   ? -6.133  -2.490  15.825  1.00 48.67 ? 22  PRO A O   1 
ATOM   37  C CB  . PRO A 1 6   ? -7.534  -3.596  18.517  1.00 49.44 ? 22  PRO A CB  1 
ATOM   38  N N   . SER A 1 7   ? -8.252  -1.648  15.885  1.00 46.36 ? 23  SER A N   1 
ATOM   39  C CA  . SER A 1 7   ? -8.499  -1.555  14.417  1.00 45.25 ? 23  SER A CA  1 
ATOM   40  C C   . SER A 1 7   ? -7.751  -0.360  13.831  1.00 46.47 ? 23  SER A C   1 
ATOM   41  O O   . SER A 1 7   ? -7.952  -0.050  12.634  1.00 51.50 ? 23  SER A O   1 
ATOM   42  C CB  . SER A 1 7   ? -9.975  -1.478  14.088  1.00 42.43 ? 23  SER A CB  1 
ATOM   43  O OG  . SER A 1 7   ? -10.432 -0.134  14.121  1.00 40.95 ? 23  SER A OG  1 
ATOM   44  N N   . LYS A 1 8   ? -6.879  0.264   14.618  1.00 49.03 ? 24  LYS A N   1 
ATOM   45  C CA  . LYS A 1 8   ? -6.544  1.671   14.347  1.00 47.95 ? 24  LYS A CA  1 
ATOM   46  C C   . LYS A 1 8   ? -5.038  1.949   14.413  1.00 41.85 ? 24  LYS A C   1 
ATOM   47  O O   . LYS A 1 8   ? -4.439  1.795   15.491  1.00 42.32 ? 24  LYS A O   1 
ATOM   48  C CB  . LYS A 1 8   ? -7.387  2.525   15.285  1.00 54.44 ? 24  LYS A CB  1 
ATOM   49  C CG  . LYS A 1 8   ? -7.518  3.920   14.752  1.00 60.94 ? 24  LYS A CG  1 
ATOM   50  C CD  . LYS A 1 8   ? -7.405  3.894   13.256  1.00 64.60 ? 24  LYS A CD  1 
ATOM   51  C CE  . LYS A 1 8   ? -6.924  5.215   12.739  1.00 64.96 ? 24  LYS A CE  1 
ATOM   52  N NZ  . LYS A 1 8   ? -5.461  5.434   12.779  1.00 65.29 ? 24  LYS A NZ  1 
ATOM   53  N N   . TYR A 1 9   ? -4.501  2.418   13.282  1.00 37.53 ? 25  TYR A N   1 
ATOM   54  C CA  . TYR A 1 9   ? -3.057  2.602   12.992  1.00 35.85 ? 25  TYR A CA  1 
ATOM   55  C C   . TYR A 1 9   ? -2.777  4.068   12.652  1.00 35.96 ? 25  TYR A C   1 
ATOM   56  O O   . TYR A 1 9   ? -3.638  4.735   12.013  1.00 32.19 ? 25  TYR A O   1 
ATOM   57  C CB  . TYR A 1 9   ? -2.626  1.727   11.808  1.00 33.19 ? 25  TYR A CB  1 
ATOM   58  C CG  . TYR A 1 9   ? -3.409  1.966   10.534  1.00 33.07 ? 25  TYR A CG  1 
ATOM   59  C CD1 . TYR A 1 9   ? -3.067  2.985   9.655   1.00 33.60 ? 25  TYR A CD1 1 
ATOM   60  C CD2 . TYR A 1 9   ? -4.522  1.203   10.222  1.00 32.59 ? 25  TYR A CD2 1 
ATOM   61  C CE1 . TYR A 1 9   ? -3.787  3.226   8.496   1.00 33.18 ? 25  TYR A CE1 1 
ATOM   62  C CE2 . TYR A 1 9   ? -5.240  1.411   9.055   1.00 33.14 ? 25  TYR A CE2 1 
ATOM   63  C CZ  . TYR A 1 9   ? -4.881  2.435   8.190   1.00 34.31 ? 25  TYR A CZ  1 
ATOM   64  O OH  . TYR A 1 9   ? -5.583  2.674   7.038   1.00 30.95 ? 25  TYR A OH  1 
ATOM   65  N N   . ASP A 1 10  ? -1.565  4.516   12.984  1.00 33.46 ? 26  ASP A N   1 
ATOM   66  C CA  . ASP A 1 10  ? -1.030  5.843   12.579  1.00 33.62 ? 26  ASP A CA  1 
ATOM   67  C C   . ASP A 1 10  ? 0.222   5.630   11.718  1.00 32.41 ? 26  ASP A C   1 
ATOM   68  O O   . ASP A 1 10  ? 0.557   4.476   11.423  1.00 30.45 ? 26  ASP A O   1 
ATOM   69  C CB  . ASP A 1 10  ? -0.753  6.741   13.796  1.00 33.49 ? 26  ASP A CB  1 
ATOM   70  C CG  . ASP A 1 10  ? 0.284   6.198   14.768  1.00 31.69 ? 26  ASP A CG  1 
ATOM   71  O OD1 . ASP A 1 10  ? 1.180   5.439   14.333  1.00 28.54 ? 26  ASP A OD1 1 
ATOM   72  O OD2 . ASP A 1 10  ? 0.149   6.495   15.969  1.00 34.63 ? 26  ASP A OD2 1 
ATOM   73  N N   . ASN A 1 11  ? 0.890   6.727   11.359  1.00 33.37 ? 27  ASN A N   1 
ATOM   74  C CA  . ASN A 1 11  ? 1.983   6.758   10.351  1.00 35.39 ? 27  ASN A CA  1 
ATOM   75  C C   . ASN A 1 11  ? 3.182   5.962   10.859  1.00 32.35 ? 27  ASN A C   1 
ATOM   76  O O   . ASN A 1 11  ? 3.893   5.392   10.019  1.00 28.38 ? 27  ASN A O   1 
ATOM   77  C CB  . ASN A 1 11  ? 2.376   8.196   10.013  1.00 40.49 ? 27  ASN A CB  1 
ATOM   78  C CG  . ASN A 1 11  ? 1.176   9.022   9.598   1.00 45.05 ? 27  ASN A CG  1 
ATOM   79  O OD1 . ASN A 1 11  ? 0.644   9.785   10.407  1.00 50.13 ? 27  ASN A OD1 1 
ATOM   80  N ND2 . ASN A 1 11  ? 0.700   8.827   8.373   1.00 48.01 ? 27  ASN A ND2 1 
ATOM   81  N N   . ILE A 1 12  ? 3.353   5.890   12.182  1.00 30.51 ? 28  ILE A N   1 
ATOM   82  C CA  . ILE A 1 12  ? 4.526   5.222   12.812  1.00 31.80 ? 28  ILE A CA  1 
ATOM   83  C C   . ILE A 1 12  ? 4.352   3.700   12.778  1.00 29.57 ? 28  ILE A C   1 
ATOM   84  O O   . ILE A 1 12  ? 5.321   3.016   12.399  1.00 28.89 ? 28  ILE A O   1 
ATOM   85  C CB  . ILE A 1 12  ? 4.776   5.761   14.235  1.00 35.20 ? 28  ILE A CB  1 
ATOM   86  C CG1 . ILE A 1 12  ? 5.267   7.213   14.161  1.00 35.51 ? 28  ILE A CG1 1 
ATOM   87  C CG2 . ILE A 1 12  ? 5.740   4.854   14.988  1.00 37.36 ? 28  ILE A CG2 1 
ATOM   88  C CD1 . ILE A 1 12  ? 6.104   7.654   15.321  1.00 36.31 ? 28  ILE A CD1 1 
ATOM   89  N N   . ASP A 1 13  ? 3.200   3.165   13.185  1.00 28.94 ? 29  ASP A N   1 
ATOM   90  C CA  . ASP A 1 13  ? 3.021   1.690   13.153  1.00 31.34 ? 29  ASP A CA  1 
ATOM   91  C C   . ASP A 1 13  ? 2.899   1.253   11.691  1.00 28.11 ? 29  ASP A C   1 
ATOM   92  O O   . ASP A 1 13  ? 3.290   0.103   11.411  1.00 25.25 ? 29  ASP A O   1 
ATOM   93  C CB  . ASP A 1 13  ? 1.908   1.181   14.078  1.00 35.46 ? 29  ASP A CB  1 
ATOM   94  C CG  . ASP A 1 13  ? 0.609   1.940   13.981  1.00 37.92 ? 29  ASP A CG  1 
ATOM   95  O OD1 . ASP A 1 13  ? 0.161   2.169   12.831  1.00 44.27 ? 29  ASP A OD1 1 
ATOM   96  O OD2 . ASP A 1 13  ? 0.065   2.310   15.052  1.00 30.77 ? 29  ASP A OD2 1 
ATOM   97  N N   . LEU A 1 14  ? 2.451   2.142   10.784  1.00 25.56 ? 30  LEU A N   1 
ATOM   98  C CA  . LEU A 1 14  ? 2.580   1.910   9.318   1.00 24.46 ? 30  LEU A CA  1 
ATOM   99  C C   . LEU A 1 14  ? 4.066   1.817   8.926   1.00 26.60 ? 30  LEU A C   1 
ATOM   100 O O   . LEU A 1 14  ? 4.439   0.878   8.167   1.00 23.47 ? 30  LEU A O   1 
ATOM   101 C CB  . LEU A 1 14  ? 1.881   3.019   8.530   1.00 25.28 ? 30  LEU A CB  1 
ATOM   102 C CG  . LEU A 1 14  ? 0.370   2.880   8.334   1.00 24.15 ? 30  LEU A CG  1 
ATOM   103 C CD1 . LEU A 1 14  ? -0.152  4.018   7.490   1.00 23.75 ? 30  LEU A CD1 1 
ATOM   104 C CD2 . LEU A 1 14  ? -0.001  1.550   7.704   1.00 23.45 ? 30  LEU A CD2 1 
ATOM   105 N N   . ASP A 1 15  ? 4.908   2.743   9.400   1.00 28.49 ? 31  ASP A N   1 
ATOM   106 C CA  . ASP A 1 15  ? 6.374   2.698   9.127   1.00 27.75 ? 31  ASP A CA  1 
ATOM   107 C C   . ASP A 1 15  ? 6.939   1.371   9.651   1.00 27.64 ? 31  ASP A C   1 
ATOM   108 O O   . ASP A 1 15  ? 7.844   0.791   8.988   1.00 25.74 ? 31  ASP A O   1 
ATOM   109 C CB  . ASP A 1 15  ? 7.099   3.893   9.747   1.00 30.90 ? 31  ASP A CB  1 
ATOM   110 C CG  . ASP A 1 15  ? 6.837   5.228   9.049   1.00 32.38 ? 31  ASP A CG  1 
ATOM   111 O OD1 . ASP A 1 15  ? 6.360   5.226   7.905   1.00 32.37 ? 31  ASP A OD1 1 
ATOM   112 O OD2 . ASP A 1 15  ? 7.077   6.274   9.678   1.00 34.63 ? 31  ASP A OD2 1 
ATOM   113 N N   . GLU A 1 16  ? 6.427   0.894   10.790  1.00 26.74 ? 32  GLU A N   1 
ATOM   114 C CA  . GLU A 1 16  ? 6.976   -0.312  11.473  1.00 28.09 ? 32  GLU A CA  1 
ATOM   115 C C   . GLU A 1 16  ? 6.569   -1.565  10.695  1.00 25.61 ? 32  GLU A C   1 
ATOM   116 O O   . GLU A 1 16  ? 7.392   -2.457  10.531  1.00 24.84 ? 32  GLU A O   1 
ATOM   117 C CB  . GLU A 1 16  ? 6.516   -0.384  12.926  1.00 28.37 ? 32  GLU A CB  1 
ATOM   118 C CG  . GLU A 1 16  ? 7.231   0.625   13.807  1.00 30.73 ? 32  GLU A CG  1 
ATOM   119 C CD  . GLU A 1 16  ? 6.538   0.969   15.113  1.00 33.19 ? 32  GLU A CD  1 
ATOM   120 O OE1 . GLU A 1 16  ? 5.335   0.643   15.273  1.00 36.63 ? 32  GLU A OE1 1 
ATOM   121 O OE2 . GLU A 1 16  ? 7.202   1.593   15.968  1.00 39.79 ? 32  GLU A OE2 1 
ATOM   122 N N   . ILE A 1 17  ? 5.343   -1.601  10.204  1.00 25.39 ? 33  ILE A N   1 
ATOM   123 C CA  . ILE A 1 17  ? 4.879   -2.686  9.304   1.00 23.79 ? 33  ILE A CA  1 
ATOM   124 C C   . ILE A 1 17  ? 5.734   -2.672  8.038   1.00 22.78 ? 33  ILE A C   1 
ATOM   125 O O   . ILE A 1 17  ? 6.258   -3.755  7.651   1.00 20.71 ? 33  ILE A O   1 
ATOM   126 C CB  . ILE A 1 17  ? 3.384   -2.557  9.008   1.00 25.35 ? 33  ILE A CB  1 
ATOM   127 C CG1 . ILE A 1 17  ? 2.558   -2.831  10.268  1.00 27.22 ? 33  ILE A CG1 1 
ATOM   128 C CG2 . ILE A 1 17  ? 2.995   -3.478  7.856   1.00 27.93 ? 33  ILE A CG2 1 
ATOM   129 C CD1 . ILE A 1 17  ? 1.113   -2.381  10.156  1.00 28.39 ? 33  ILE A CD1 1 
ATOM   130 N N   . LEU A 1 18  ? 5.934   -1.498  7.436   1.00 22.53 ? 34  LEU A N   1 
ATOM   131 C CA  . LEU A 1 18  ? 6.654   -1.386  6.141   1.00 22.40 ? 34  LEU A CA  1 
ATOM   132 C C   . LEU A 1 18  ? 8.130   -1.762  6.316   1.00 25.33 ? 34  LEU A C   1 
ATOM   133 O O   . LEU A 1 18  ? 8.735   -2.281  5.340   1.00 32.30 ? 34  LEU A O   1 
ATOM   134 C CB  . LEU A 1 18  ? 6.498   0.032   5.584   1.00 22.68 ? 34  LEU A CB  1 
ATOM   135 C CG  . LEU A 1 18  ? 5.075   0.451   5.193   1.00 22.43 ? 34  LEU A CG  1 
ATOM   136 C CD1 . LEU A 1 18  ? 5.071   1.849   4.607   1.00 22.51 ? 34  LEU A CD1 1 
ATOM   137 C CD2 . LEU A 1 18  ? 4.427   -0.528  4.222   1.00 23.54 ? 34  LEU A CD2 1 
ATOM   138 N N   . ALA A 1 19  ? 8.709   -1.525  7.489   1.00 25.34 ? 35  ALA A N   1 
ATOM   139 C CA  . ALA A 1 19  ? 10.153  -1.756  7.736   1.00 27.54 ? 35  ALA A CA  1 
ATOM   140 C C   . ALA A 1 19  ? 10.464  -3.248  7.943   1.00 29.43 ? 35  ALA A C   1 
ATOM   141 O O   . ALA A 1 19  ? 11.607  -3.638  7.656   1.00 30.54 ? 35  ALA A O   1 
ATOM   142 C CB  . ALA A 1 19  ? 10.615  -0.951  8.921   1.00 27.49 ? 35  ALA A CB  1 
ATOM   143 N N   . ASN A 1 20  ? 9.506   -4.055  8.411   1.00 30.84 ? 36  ASN A N   1 
ATOM   144 C CA  . ASN A 1 20  ? 9.729   -5.492  8.721   1.00 30.12 ? 36  ASN A CA  1 
ATOM   145 C C   . ASN A 1 20  ? 9.095   -6.406  7.660   1.00 31.19 ? 36  ASN A C   1 
ATOM   146 O O   . ASN A 1 20  ? 7.872   -6.325  7.450   1.00 29.65 ? 36  ASN A O   1 
ATOM   147 C CB  . ASN A 1 20  ? 9.199   -5.854  10.102  1.00 32.57 ? 36  ASN A CB  1 
ATOM   148 C CG  . ASN A 1 20  ? 9.570   -7.273  10.481  1.00 34.76 ? 36  ASN A CG  1 
ATOM   149 O OD1 . ASN A 1 20  ? 8.727   -8.157  10.447  1.00 35.39 ? 36  ASN A OD1 1 
ATOM   150 N ND2 . ASN A 1 20  ? 10.837  -7.511  10.786  1.00 36.57 ? 36  ASN A ND2 1 
ATOM   151 N N   . LYS A 1 21  ? 9.899   -7.299  7.069   1.00 29.65 ? 37  LYS A N   1 
ATOM   152 C CA  . LYS A 1 21  ? 9.491   -8.155  5.932   1.00 28.92 ? 37  LYS A CA  1 
ATOM   153 C C   . LYS A 1 21  ? 8.350   -9.080  6.367   1.00 29.31 ? 37  LYS A C   1 
ATOM   154 O O   . LYS A 1 21  ? 7.359   -9.177  5.621   1.00 29.78 ? 37  LYS A O   1 
ATOM   155 C CB  . LYS A 1 21  ? 10.672  -8.951  5.377   1.00 26.50 ? 37  LYS A CB  1 
ATOM   156 N N   . ARG A 1 22  ? 8.470   -9.728  7.522   1.00 29.33 ? 38  ARG A N   1 
ATOM   157 C CA  . ARG A 1 22  ? 7.467   -10.735 7.965   1.00 29.75 ? 38  ARG A CA  1 
ATOM   158 C C   . ARG A 1 22  ? 6.149   -10.059 8.369   1.00 25.85 ? 38  ARG A C   1 
ATOM   159 O O   . ARG A 1 22  ? 5.084   -10.651 8.133   1.00 25.73 ? 38  ARG A O   1 
ATOM   160 C CB  . ARG A 1 22  ? 8.029   -11.586 9.103   1.00 33.61 ? 38  ARG A CB  1 
ATOM   161 C CG  . ARG A 1 22  ? 9.050   -12.604 8.624   1.00 37.82 ? 38  ARG A CG  1 
ATOM   162 C CD  . ARG A 1 22  ? 8.800   -13.963 9.247   1.00 45.72 ? 38  ARG A CD  1 
ATOM   163 N NE  . ARG A 1 22  ? 9.869   -14.900 8.929   1.00 49.33 ? 38  ARG A NE  1 
ATOM   164 C CZ  . ARG A 1 22  ? 11.066  -14.900 9.513   1.00 55.39 ? 38  ARG A CZ  1 
ATOM   165 N NH1 . ARG A 1 22  ? 11.348  -14.014 10.456  1.00 56.73 ? 38  ARG A NH1 1 
ATOM   166 N NH2 . ARG A 1 22  ? 11.982  -15.781 9.146   1.00 60.72 ? 38  ARG A NH2 1 
ATOM   167 N N   . LEU A 1 23  ? 6.207   -8.882  8.983   1.00 22.86 ? 39  LEU A N   1 
ATOM   168 C CA  . LEU A 1 23  ? 4.985   -8.098  9.286   1.00 21.17 ? 39  LEU A CA  1 
ATOM   169 C C   . LEU A 1 23  ? 4.339   -7.673  7.965   1.00 20.48 ? 39  LEU A C   1 
ATOM   170 O O   . LEU A 1 23  ? 3.126   -7.867  7.816   1.00 18.47 ? 39  LEU A O   1 
ATOM   171 C CB  . LEU A 1 23  ? 5.348   -6.878  10.125  1.00 20.81 ? 39  LEU A CB  1 
ATOM   172 C CG  . LEU A 1 23  ? 5.784   -7.156  11.561  1.00 20.45 ? 39  LEU A CG  1 
ATOM   173 C CD1 . LEU A 1 23  ? 6.010   -5.840  12.279  1.00 20.72 ? 39  LEU A CD1 1 
ATOM   174 C CD2 . LEU A 1 23  ? 4.762   -7.998  12.309  1.00 20.34 ? 39  LEU A CD2 1 
ATOM   175 N N   . LEU A 1 24  ? 5.127   -7.149  7.031   1.00 19.87 ? 40  LEU A N   1 
ATOM   176 C CA  . LEU A 1 24  ? 4.578   -6.691  5.734   1.00 21.80 ? 40  LEU A CA  1 
ATOM   177 C C   . LEU A 1 24  ? 3.881   -7.874  5.061   1.00 22.67 ? 40  LEU A C   1 
ATOM   178 O O   . LEU A 1 24  ? 2.742   -7.687  4.602   1.00 22.18 ? 40  LEU A O   1 
ATOM   179 C CB  . LEU A 1 24  ? 5.683   -6.088  4.872   1.00 19.79 ? 40  LEU A CB  1 
ATOM   180 C CG  . LEU A 1 24  ? 5.232   -5.624  3.490   1.00 20.31 ? 40  LEU A CG  1 
ATOM   181 C CD1 . LEU A 1 24  ? 4.111   -4.596  3.596   1.00 20.13 ? 40  LEU A CD1 1 
ATOM   182 C CD2 . LEU A 1 24  ? 6.411   -5.058  2.722   1.00 20.13 ? 40  LEU A CD2 1 
ATOM   183 N N   . THR A 1 25  ? 4.538   -9.041  5.049   1.00 23.89 ? 41  THR A N   1 
ATOM   184 C CA  . THR A 1 25  ? 4.042   -10.280 4.403   1.00 22.43 ? 41  THR A CA  1 
ATOM   185 C C   . THR A 1 25  ? 2.704   -10.672 5.028   1.00 23.15 ? 41  THR A C   1 
ATOM   186 O O   . THR A 1 25  ? 1.775   -11.009 4.281   1.00 24.07 ? 41  THR A O   1 
ATOM   187 C CB  . THR A 1 25  ? 5.055   -11.419 4.504   1.00 22.62 ? 41  THR A CB  1 
ATOM   188 O OG1 . THR A 1 25  ? 6.249   -11.023 3.819   1.00 21.89 ? 41  THR A OG1 1 
ATOM   189 C CG2 . THR A 1 25  ? 4.532   -12.700 3.893   1.00 23.05 ? 41  THR A CG2 1 
ATOM   190 N N   . ALA A 1 26  ? 2.602   -10.628 6.350   1.00 23.69 ? 42  ALA A N   1 
ATOM   191 C CA  . ALA A 1 26  ? 1.354   -10.977 7.064   1.00 24.12 ? 42  ALA A CA  1 
ATOM   192 C C   . ALA A 1 26  ? 0.229   -9.994  6.694   1.00 23.53 ? 42  ALA A C   1 
ATOM   193 O O   . ALA A 1 26  ? -0.884  -10.450 6.364   1.00 24.14 ? 42  ALA A O   1 
ATOM   194 C CB  . ALA A 1 26  ? 1.606   -11.003 8.539   1.00 24.56 ? 42  ALA A CB  1 
ATOM   195 N N   . TYR A 1 27  ? 0.496   -8.693  6.738   1.00 21.67 ? 43  TYR A N   1 
ATOM   196 C CA  . TYR A 1 27  ? -0.511  -7.653  6.410   1.00 22.51 ? 43  TYR A CA  1 
ATOM   197 C C   . TYR A 1 27  ? -0.935  -7.779  4.948   1.00 20.52 ? 43  TYR A C   1 
ATOM   198 O O   . TYR A 1 27  ? -2.127  -7.558  4.645   1.00 19.56 ? 43  TYR A O   1 
ATOM   199 C CB  . TYR A 1 27  ? -0.014  -6.255  6.771   1.00 23.56 ? 43  TYR A CB  1 
ATOM   200 C CG  . TYR A 1 27  ? -0.202  -5.926  8.237   1.00 27.22 ? 43  TYR A CG  1 
ATOM   201 C CD1 . TYR A 1 27  ? -1.426  -5.476  8.724   1.00 29.74 ? 43  TYR A CD1 1 
ATOM   202 C CD2 . TYR A 1 27  ? 0.816   -6.119  9.162   1.00 27.41 ? 43  TYR A CD2 1 
ATOM   203 C CE1 . TYR A 1 27  ? -1.615  -5.190  10.071  1.00 29.21 ? 43  TYR A CE1 1 
ATOM   204 C CE2 . TYR A 1 27  ? 0.642   -5.843  10.512  1.00 27.90 ? 43  TYR A CE2 1 
ATOM   205 C CZ  . TYR A 1 27  ? -0.582  -5.384  10.971  1.00 29.65 ? 43  TYR A CZ  1 
ATOM   206 O OH  . TYR A 1 27  ? -0.781  -5.113  12.300  1.00 35.44 ? 43  TYR A OH  1 
ATOM   207 N N   . VAL A 1 28  ? 0.001   -8.115  4.062   1.00 19.06 ? 44  VAL A N   1 
ATOM   208 C CA  . VAL A 1 28  ? -0.318  -8.280  2.613   1.00 18.35 ? 44  VAL A CA  1 
ATOM   209 C C   . VAL A 1 28  ? -1.207  -9.516  2.425   1.00 19.12 ? 44  VAL A C   1 
ATOM   210 O O   . VAL A 1 28  ? -2.168  -9.434  1.648   1.00 20.34 ? 44  VAL A O   1 
ATOM   211 C CB  . VAL A 1 28  ? 0.962   -8.340  1.778   1.00 17.32 ? 44  VAL A CB  1 
ATOM   212 C CG1 . VAL A 1 28  ? 0.740   -8.986  0.421   1.00 16.89 ? 44  VAL A CG1 1 
ATOM   213 C CG2 . VAL A 1 28  ? 1.547   -6.950  1.621   1.00 17.72 ? 44  VAL A CG2 1 
ATOM   214 N N   . ASN A 1 29  ? -0.907  -10.618 3.117   1.00 19.76 ? 45  ASN A N   1 
ATOM   215 C CA  . ASN A 1 29  ? -1.787  -11.811 3.119   1.00 20.71 ? 45  ASN A CA  1 
ATOM   216 C C   . ASN A 1 29  ? -3.209  -11.393 3.514   1.00 20.22 ? 45  ASN A C   1 
ATOM   217 O O   . ASN A 1 29  ? -4.148  -11.821 2.840   1.00 19.25 ? 45  ASN A O   1 
ATOM   218 C CB  . ASN A 1 29  ? -1.281  -12.908 4.048   1.00 21.77 ? 45  ASN A CB  1 
ATOM   219 C CG  . ASN A 1 29  ? 0.046   -13.490 3.629   1.00 21.25 ? 45  ASN A CG  1 
ATOM   220 O OD1 . ASN A 1 29  ? 0.405   -13.459 2.463   1.00 24.97 ? 45  ASN A OD1 1 
ATOM   221 N ND2 . ASN A 1 29  ? 0.784   -13.998 4.598   1.00 21.92 ? 45  ASN A ND2 1 
ATOM   222 N N   . CYS A 1 30  ? -3.348  -10.554 4.538   1.00 19.90 ? 46  CYS A N   1 
ATOM   223 C CA  . CYS A 1 30  ? -4.651  -10.011 4.992   1.00 21.42 ? 46  CYS A CA  1 
ATOM   224 C C   . CYS A 1 30  ? -5.320  -9.210  3.863   1.00 21.87 ? 46  CYS A C   1 
ATOM   225 O O   . CYS A 1 30  ? -6.533  -9.405  3.623   1.00 22.14 ? 46  CYS A O   1 
ATOM   226 C CB  . CYS A 1 30  ? -4.503  -9.166  6.247   1.00 21.11 ? 46  CYS A CB  1 
ATOM   227 S SG  . CYS A 1 30  ? -5.789  -7.914  6.424   1.00 23.50 ? 46  CYS A SG  1 
ATOM   228 N N   . ILE A 1 31  ? -4.581  -8.324  3.205   1.00 21.52 ? 47  ILE A N   1 
ATOM   229 C CA  . ILE A 1 31  ? -5.161  -7.432  2.159   1.00 20.79 ? 47  ILE A CA  1 
ATOM   230 C C   . ILE A 1 31  ? -5.517  -8.263  0.929   1.00 18.52 ? 47  ILE A C   1 
ATOM   231 O O   . ILE A 1 31  ? -6.472  -7.884  0.237   1.00 17.73 ? 47  ILE A O   1 
ATOM   232 C CB  . ILE A 1 31  ? -4.211  -6.272  1.820   1.00 22.16 ? 47  ILE A CB  1 
ATOM   233 C CG1 . ILE A 1 31  ? -3.942  -5.424  3.063   1.00 22.96 ? 47  ILE A CG1 1 
ATOM   234 C CG2 . ILE A 1 31  ? -4.778  -5.422  0.690   1.00 23.47 ? 47  ILE A CG2 1 
ATOM   235 C CD1 . ILE A 1 31  ? -2.731  -4.529  2.939   1.00 21.55 ? 47  ILE A CD1 1 
ATOM   236 N N   . MET A 1 32  ? -4.791  -9.357  0.685   1.00 18.39 ? 48  MET A N   1 
ATOM   237 C CA  . MET A 1 32  ? -4.987  -10.229 -0.500  1.00 18.09 ? 48  MET A CA  1 
ATOM   238 C C   . MET A 1 32  ? -5.998  -11.348 -0.191  1.00 20.13 ? 48  MET A C   1 
ATOM   239 O O   . MET A 1 32  ? -6.223  -12.166 -1.084  1.00 22.38 ? 48  MET A O   1 
ATOM   240 C CB  . MET A 1 32  ? -3.649  -10.836 -0.930  1.00 17.64 ? 48  MET A CB  1 
ATOM   241 C CG  . MET A 1 32  ? -2.699  -9.861  -1.588  1.00 17.24 ? 48  MET A CG  1 
ATOM   242 S SD  . MET A 1 32  ? -3.260  -9.219  -3.213  1.00 16.98 ? 48  MET A SD  1 
ATOM   243 C CE  . MET A 1 32  ? -3.133  -10.690 -4.228  1.00 15.96 ? 48  MET A CE  1 
ATOM   244 N N   . GLU A 1 33  ? -6.609  -11.360 1.000   1.00 21.92 ? 49  GLU A N   1 
ATOM   245 C CA  . GLU A 1 33  ? -7.626  -12.358 1.444   1.00 25.93 ? 49  GLU A CA  1 
ATOM   246 C C   . GLU A 1 33  ? -7.058  -13.786 1.448   1.00 28.17 ? 49  GLU A C   1 
ATOM   247 O O   . GLU A 1 33  ? -7.809  -14.743 1.122   1.00 30.68 ? 49  GLU A O   1 
ATOM   248 C CB  . GLU A 1 33  ? -8.876  -12.251 0.567   1.00 27.96 ? 49  GLU A CB  1 
ATOM   249 C CG  . GLU A 1 33  ? -9.427  -10.846 0.558   1.00 30.47 ? 49  GLU A CG  1 
ATOM   250 C CD  . GLU A 1 33  ? -10.749 -10.698 -0.148  1.00 32.23 ? 49  GLU A CD  1 
ATOM   251 O OE1 . GLU A 1 33  ? -10.902 -11.322 -1.227  1.00 40.17 ? 49  GLU A OE1 1 
ATOM   252 O OE2 . GLU A 1 33  ? -11.608 -9.970  0.379   1.00 28.97 ? 49  GLU A OE2 1 
ATOM   253 N N   . ARG A 1 34  ? -5.776  -13.940 1.768   1.00 26.71 ? 50  ARG A N   1 
ATOM   254 C CA  . ARG A 1 34  ? -5.143  -15.278 1.887   1.00 28.02 ? 50  ARG A CA  1 
ATOM   255 C C   . ARG A 1 34  ? -4.670  -15.450 3.328   1.00 28.14 ? 50  ARG A C   1 
ATOM   256 O O   . ARG A 1 34  ? -4.015  -16.452 3.606   1.00 32.58 ? 50  ARG A O   1 
ATOM   257 C CB  . ARG A 1 34  ? -3.969  -15.436 0.913   1.00 27.82 ? 50  ARG A CB  1 
ATOM   258 C CG  . ARG A 1 34  ? -2.971  -14.288 0.989   1.00 28.59 ? 50  ARG A CG  1 
ATOM   259 C CD  . ARG A 1 34  ? -1.620  -14.626 0.422   1.00 29.73 ? 50  ARG A CD  1 
ATOM   260 N NE  . ARG A 1 34  ? -1.545  -14.287 -0.983  1.00 31.70 ? 50  ARG A NE  1 
ATOM   261 C CZ  . ARG A 1 34  ? -0.714  -13.400 -1.520  1.00 30.72 ? 50  ARG A CZ  1 
ATOM   262 N NH1 . ARG A 1 34  ? 0.124   -12.707 -0.767  1.00 28.39 ? 50  ARG A NH1 1 
ATOM   263 N NH2 . ARG A 1 34  ? -0.743  -13.186 -2.824  1.00 30.48 ? 50  ARG A NH2 1 
ATOM   264 N N   . GLY A 1 35  ? -4.975  -14.491 4.197   1.00 26.05 ? 51  GLY A N   1 
ATOM   265 C CA  . GLY A 1 35  ? -4.540  -14.539 5.599   1.00 25.01 ? 51  GLY A CA  1 
ATOM   266 C C   . GLY A 1 35  ? -5.518  -13.787 6.469   1.00 25.63 ? 51  GLY A C   1 
ATOM   267 O O   . GLY A 1 35  ? -6.199  -12.900 5.953   1.00 26.25 ? 51  GLY A O   1 
ATOM   268 N N   . LYS A 1 36  ? -5.556  -14.125 7.752   1.00 24.94 ? 52  LYS A N   1 
ATOM   269 C CA  . LYS A 1 36  ? -6.491  -13.519 8.720   1.00 27.49 ? 52  LYS A CA  1 
ATOM   270 C C   . LYS A 1 36  ? -6.025  -12.094 8.990   1.00 25.71 ? 52  LYS A C   1 
ATOM   271 O O   . LYS A 1 36  ? -4.810  -11.853 9.029   1.00 26.86 ? 52  LYS A O   1 
ATOM   272 C CB  . LYS A 1 36  ? -6.567  -14.357 10.005  1.00 29.15 ? 52  LYS A CB  1 
ATOM   273 N N   . CYS A 1 37  ? -6.976  -11.193 9.177   1.00 25.48 ? 53  CYS A N   1 
ATOM   274 C CA  . CYS A 1 37  ? -6.718  -9.749  9.316   1.00 25.46 ? 53  CYS A CA  1 
ATOM   275 C C   . CYS A 1 37  ? -6.794  -9.397  10.792  1.00 28.34 ? 53  CYS A C   1 
ATOM   276 O O   . CYS A 1 37  ? -7.770  -9.796  11.447  1.00 28.57 ? 53  CYS A O   1 
ATOM   277 C CB  . CYS A 1 37  ? -7.721  -8.907  8.538   1.00 25.95 ? 53  CYS A CB  1 
ATOM   278 S SG  . CYS A 1 37  ? -7.525  -9.022  6.746   1.00 30.36 ? 53  CYS A SG  1 
ATOM   279 N N   . SER A 1 38  ? -5.772  -8.706  11.285  1.00 29.84 ? 54  SER A N   1 
ATOM   280 C CA  . SER A 1 38  ? -5.860  -7.915  12.525  1.00 30.44 ? 54  SER A CA  1 
ATOM   281 C C   . SER A 1 38  ? -6.914  -6.845  12.277  1.00 33.75 ? 54  SER A C   1 
ATOM   282 O O   . SER A 1 38  ? -7.264  -6.569  11.124  1.00 31.10 ? 54  SER A O   1 
ATOM   283 C CB  . SER A 1 38  ? -4.526  -7.333  12.921  1.00 31.74 ? 54  SER A CB  1 
ATOM   284 O OG  . SER A 1 38  ? -4.101  -6.322  12.021  1.00 30.62 ? 54  SER A OG  1 
ATOM   285 N N   . PRO A 1 39  ? -7.515  -6.282  13.342  1.00 34.04 ? 55  PRO A N   1 
ATOM   286 C CA  . PRO A 1 39  ? -8.429  -5.155  13.183  1.00 31.21 ? 55  PRO A CA  1 
ATOM   287 C C   . PRO A 1 39  ? -7.819  -4.000  12.380  1.00 30.41 ? 55  PRO A C   1 
ATOM   288 O O   . PRO A 1 39  ? -8.516  -3.443  11.536  1.00 30.09 ? 55  PRO A O   1 
ATOM   289 C CB  . PRO A 1 39  ? -8.703  -4.756  14.638  1.00 32.52 ? 55  PRO A CB  1 
ATOM   290 C CG  . PRO A 1 39  ? -8.627  -6.075  15.383  1.00 34.75 ? 55  PRO A CG  1 
ATOM   291 C CD  . PRO A 1 39  ? -7.466  -6.795  14.723  1.00 34.85 ? 55  PRO A CD  1 
ATOM   292 N N   . GLU A 1 40  ? -6.560  -3.648  12.649  1.00 28.65 ? 56  GLU A N   1 
ATOM   293 C CA  . GLU A 1 40  ? -5.885  -2.547  11.907  1.00 31.60 ? 56  GLU A CA  1 
ATOM   294 C C   . GLU A 1 40  ? -5.649  -3.007  10.474  1.00 29.56 ? 56  GLU A C   1 
ATOM   295 O O   . GLU A 1 40  ? -5.737  -2.143  9.588   1.00 30.41 ? 56  GLU A O   1 
ATOM   296 C CB  . GLU A 1 40  ? -4.552  -2.113  12.512  1.00 34.87 ? 56  GLU A CB  1 
ATOM   297 C CG  . GLU A 1 40  ? -3.583  -3.255  12.749  1.00 38.31 ? 56  GLU A CG  1 
ATOM   298 C CD  . GLU A 1 40  ? -3.617  -3.771  14.177  1.00 45.89 ? 56  GLU A CD  1 
ATOM   299 O OE1 . GLU A 1 40  ? -4.521  -4.579  14.526  1.00 46.76 ? 56  GLU A OE1 1 
ATOM   300 O OE2 . GLU A 1 40  ? -2.755  -3.333  14.959  1.00 57.54 ? 56  GLU A OE2 1 
ATOM   301 N N   . GLY A 1 41  ? -5.395  -4.306  10.288  1.00 26.12 ? 57  GLY A N   1 
ATOM   302 C CA  . GLY A 1 41  ? -5.253  -4.927  8.964   1.00 27.11 ? 57  GLY A CA  1 
ATOM   303 C C   . GLY A 1 41  ? -6.515  -4.740  8.141   1.00 26.30 ? 57  GLY A C   1 
ATOM   304 O O   . GLY A 1 41  ? -6.390  -4.454  6.941   1.00 23.66 ? 57  GLY A O   1 
ATOM   305 N N   . LYS A 1 42  ? -7.688  -4.888  8.774   1.00 26.14 ? 58  LYS A N   1 
ATOM   306 C CA  . LYS A 1 42  ? -9.011  -4.721  8.117   1.00 25.15 ? 58  LYS A CA  1 
ATOM   307 C C   . LYS A 1 42  ? -9.167  -3.252  7.715   1.00 24.83 ? 58  LYS A C   1 
ATOM   308 O O   . LYS A 1 42  ? -9.596  -2.993  6.591   1.00 23.49 ? 58  LYS A O   1 
ATOM   309 C CB  . LYS A 1 42  ? -10.152 -5.171  9.038   1.00 25.85 ? 58  LYS A CB  1 
ATOM   310 N N   . GLU A 1 43  ? -8.831  -2.321  8.610   1.00 24.52 ? 59  GLU A N   1 
ATOM   311 C CA  . GLU A 1 43  ? -8.954  -0.869  8.332   1.00 26.28 ? 59  GLU A CA  1 
ATOM   312 C C   . GLU A 1 43  ? -8.069  -0.525  7.128   1.00 23.18 ? 59  GLU A C   1 
ATOM   313 O O   . GLU A 1 43  ? -8.564  0.115   6.182   1.00 21.34 ? 59  GLU A O   1 
ATOM   314 C CB  . GLU A 1 43  ? -8.564  -0.058  9.568   1.00 29.60 ? 59  GLU A CB  1 
ATOM   315 C CG  . GLU A 1 43  ? -8.660  1.447   9.368   1.00 34.55 ? 59  GLU A CG  1 
ATOM   316 C CD  . GLU A 1 43  ? -10.038 2.037   9.629   1.00 39.10 ? 59  GLU A CD  1 
ATOM   317 O OE1 . GLU A 1 43  ? -10.934 1.257   10.037  1.00 41.25 ? 59  GLU A OE1 1 
ATOM   318 O OE2 . GLU A 1 43  ? -10.207 3.273   9.431   1.00 38.23 ? 59  GLU A OE2 1 
ATOM   319 N N   . LEU A 1 44  ? -6.801  -0.942  7.174   1.00 22.31 ? 60  LEU A N   1 
ATOM   320 C CA  . LEU A 1 44  ? -5.810  -0.644  6.113   1.00 21.77 ? 60  LEU A CA  1 
ATOM   321 C C   . LEU A 1 44  ? -6.289  -1.305  4.815   1.00 19.81 ? 60  LEU A C   1 
ATOM   322 O O   . LEU A 1 44  ? -6.223  -0.663  3.760   1.00 17.77 ? 60  LEU A O   1 
ATOM   323 C CB  . LEU A 1 44  ? -4.427  -1.131  6.537   1.00 21.89 ? 60  LEU A CB  1 
ATOM   324 C CG  . LEU A 1 44  ? -3.346  -1.037  5.459   1.00 23.15 ? 60  LEU A CG  1 
ATOM   325 C CD1 . LEU A 1 44  ? -3.194  0.382   4.927   1.00 24.23 ? 60  LEU A CD1 1 
ATOM   326 C CD2 . LEU A 1 44  ? -2.018  -1.539  5.995   1.00 24.74 ? 60  LEU A CD2 1 
ATOM   327 N N   . LYS A 1 45  ? -6.821  -2.515  4.911   1.00 18.74 ? 61  LYS A N   1 
ATOM   328 C CA  . LYS A 1 45  ? -7.313  -3.249  3.722   1.00 20.50 ? 61  LYS A CA  1 
ATOM   329 C C   . LYS A 1 45  ? -8.465  -2.466  3.066   1.00 19.76 ? 61  LYS A C   1 
ATOM   330 O O   . LYS A 1 45  ? -8.453  -2.295  1.853   1.00 16.60 ? 61  LYS A O   1 
ATOM   331 C CB  . LYS A 1 45  ? -7.738  -4.667  4.105   1.00 21.04 ? 61  LYS A CB  1 
ATOM   332 C CG  . LYS A 1 45  ? -8.435  -5.398  2.972   1.00 24.20 ? 61  LYS A CG  1 
ATOM   333 C CD  . LYS A 1 45  ? -8.990  -6.728  3.352   1.00 25.26 ? 61  LYS A CD  1 
ATOM   334 C CE  . LYS A 1 45  ? -9.697  -7.405  2.204   1.00 27.89 ? 61  LYS A CE  1 
ATOM   335 N NZ  . LYS A 1 45  ? -10.570 -8.503  2.689   1.00 31.22 ? 61  LYS A NZ  1 
ATOM   336 N N   . GLU A 1 46  ? -9.435  -1.981  3.837   1.00 20.99 ? 62  GLU A N   1 
ATOM   337 C CA  . GLU A 1 46  ? -10.564 -1.225  3.249   1.00 22.76 ? 62  GLU A CA  1 
ATOM   338 C C   . GLU A 1 46  ? -10.028 -0.007  2.482   1.00 20.91 ? 62  GLU A C   1 
ATOM   339 O O   . GLU A 1 46  ? -10.397 0.201   1.333   1.00 20.73 ? 62  GLU A O   1 
ATOM   340 C CB  . GLU A 1 46  ? -11.546 -0.783  4.328   1.00 27.05 ? 62  GLU A CB  1 
ATOM   341 C CG  . GLU A 1 46  ? -12.614 0.171   3.806   1.00 31.12 ? 62  GLU A CG  1 
ATOM   342 C CD  . GLU A 1 46  ? -13.500 0.778   4.883   1.00 35.70 ? 62  GLU A CD  1 
ATOM   343 O OE1 . GLU A 1 46  ? -13.475 0.251   6.020   1.00 37.71 ? 62  GLU A OE1 1 
ATOM   344 O OE2 . GLU A 1 46  ? -14.199 1.788   4.587   1.00 37.75 ? 62  GLU A OE2 1 
ATOM   345 N N   . HIS A 1 47  ? -9.164  0.780   3.093   1.00 20.31 ? 63  HIS A N   1 
ATOM   346 C CA  . HIS A 1 47  ? -8.668  2.037   2.483   1.00 19.57 ? 63  HIS A CA  1 
ATOM   347 C C   . HIS A 1 47  ? -7.744  1.730   1.280   1.00 19.42 ? 63  HIS A C   1 
ATOM   348 O O   . HIS A 1 47  ? -7.811  2.486   0.276   1.00 15.25 ? 63  HIS A O   1 
ATOM   349 C CB  . HIS A 1 47  ? -8.019  2.912   3.555   1.00 21.16 ? 63  HIS A CB  1 
ATOM   350 C CG  . HIS A 1 47  ? -8.955  3.317   4.643   1.00 21.95 ? 63  HIS A CG  1 
ATOM   351 N ND1 . HIS A 1 47  ? -10.245 3.732   4.386   1.00 23.76 ? 63  HIS A ND1 1 
ATOM   352 C CD2 . HIS A 1 47  ? -8.788  3.407   5.979   1.00 23.19 ? 63  HIS A CD2 1 
ATOM   353 C CE1 . HIS A 1 47  ? -10.837 4.060   5.518   1.00 25.01 ? 63  HIS A CE1 1 
ATOM   354 N NE2 . HIS A 1 47  ? -9.960  3.860   6.512   1.00 25.94 ? 63  HIS A NE2 1 
ATOM   355 N N   . LEU A 1 48  ? -6.899  0.689   1.369   1.00 17.99 ? 64  LEU A N   1 
ATOM   356 C CA  . LEU A 1 48  ? -5.887  0.360   0.328   1.00 18.46 ? 64  LEU A CA  1 
ATOM   357 C C   . LEU A 1 48  ? -6.614  -0.208  -0.896  1.00 17.50 ? 64  LEU A C   1 
ATOM   358 O O   . LEU A 1 48  ? -6.305  0.177   -2.043  1.00 14.67 ? 64  LEU A O   1 
ATOM   359 C CB  . LEU A 1 48  ? -4.902  -0.648  0.931   1.00 20.74 ? 64  LEU A CB  1 
ATOM   360 C CG  . LEU A 1 48  ? -3.576  -0.903  0.209   1.00 21.71 ? 64  LEU A CG  1 
ATOM   361 C CD1 . LEU A 1 48  ? -3.757  -1.807  -0.993  1.00 23.82 ? 64  LEU A CD1 1 
ATOM   362 C CD2 . LEU A 1 48  ? -2.889  0.382   -0.197  1.00 22.21 ? 64  LEU A CD2 1 
ATOM   363 N N   . VAL A 1 49  ? -7.569  -1.100  -0.664  1.00 16.42 ? 65  VAL A N   1 
ATOM   364 C CA  . VAL A 1 49  ? -8.437  -1.625  -1.753  1.00 16.15 ? 65  VAL A CA  1 
ATOM   365 C C   . VAL A 1 49  ? -9.173  -0.457  -2.418  1.00 16.61 ? 65  VAL A C   1 
ATOM   366 O O   . VAL A 1 49  ? -9.238  -0.449  -3.671  1.00 14.18 ? 65  VAL A O   1 
ATOM   367 C CB  . VAL A 1 49  ? -9.405  -2.693  -1.219  1.00 16.53 ? 65  VAL A CB  1 
ATOM   368 C CG1 . VAL A 1 49  ? -10.485 -3.023  -2.245  1.00 16.57 ? 65  VAL A CG1 1 
ATOM   369 C CG2 . VAL A 1 49  ? -8.608  -3.938  -0.802  1.00 16.43 ? 65  VAL A CG2 1 
ATOM   370 N N   . ASP A 1 50  ? -9.727  0.484   -1.632  1.00 16.38 ? 66  ASP A N   1 
ATOM   371 C CA  . ASP A 1 50  ? -10.467 1.616   -2.231  1.00 16.54 ? 66  ASP A CA  1 
ATOM   372 C C   . ASP A 1 50  ? -9.496  2.468   -3.053  1.00 15.47 ? 66  ASP A C   1 
ATOM   373 O O   . ASP A 1 50  ? -9.900  3.000   -4.117  1.00 13.20 ? 66  ASP A O   1 
ATOM   374 C CB  . ASP A 1 50  ? -11.237 2.444   -1.206  1.00 18.68 ? 66  ASP A CB  1 
ATOM   375 C CG  . ASP A 1 50  ? -12.119 3.471   -1.905  1.00 20.19 ? 66  ASP A CG  1 
ATOM   376 O OD1 . ASP A 1 50  ? -12.742 3.097   -2.930  1.00 21.95 ? 66  ASP A OD1 1 
ATOM   377 O OD2 . ASP A 1 50  ? -12.154 4.641   -1.444  1.00 20.36 ? 66  ASP A OD2 1 
ATOM   378 N N   . ALA A 1 51  ? -8.267  2.629   -2.568  1.00 15.74 ? 67  ALA A N   1 
ATOM   379 C CA  . ALA A 1 51  ? -7.224  3.403   -3.267  1.00 15.88 ? 67  ALA A CA  1 
ATOM   380 C C   . ALA A 1 51  ? -7.019  2.788   -4.657  1.00 16.65 ? 67  ALA A C   1 
ATOM   381 O O   . ALA A 1 51  ? -6.928  3.537   -5.640  1.00 17.69 ? 67  ALA A O   1 
ATOM   382 C CB  . ALA A 1 51  ? -5.949  3.424   -2.471  1.00 16.29 ? 67  ALA A CB  1 
ATOM   383 N N   . ILE A 1 52  ? -6.920  1.466   -4.754  1.00 16.34 ? 68  ILE A N   1 
ATOM   384 C CA  . ILE A 1 52  ? -6.639  0.799   -6.053  1.00 16.42 ? 68  ILE A CA  1 
ATOM   385 C C   . ILE A 1 52  ? -7.919  0.780   -6.909  1.00 17.32 ? 68  ILE A C   1 
ATOM   386 O O   . ILE A 1 52  ? -7.821  0.926   -8.128  1.00 14.97 ? 68  ILE A O   1 
ATOM   387 C CB  . ILE A 1 52  ? -6.059  -0.608  -5.837  1.00 17.79 ? 68  ILE A CB  1 
ATOM   388 C CG1 . ILE A 1 52  ? -4.704  -0.532  -5.130  1.00 19.00 ? 68  ILE A CG1 1 
ATOM   389 C CG2 . ILE A 1 52  ? -5.965  -1.358  -7.162  1.00 16.60 ? 68  ILE A CG2 1 
ATOM   390 C CD1 . ILE A 1 52  ? -4.289  -1.816  -4.471  1.00 19.97 ? 68  ILE A CD1 1 
ATOM   391 N N   . GLU A 1 53  ? -9.084  0.603   -6.299  1.00 19.53 ? 69  GLU A N   1 
ATOM   392 C CA  . GLU A 1 53  ? -10.354 0.437   -7.049  1.00 21.88 ? 69  GLU A CA  1 
ATOM   393 C C   . GLU A 1 53  ? -10.865 1.761   -7.622  1.00 21.41 ? 69  GLU A C   1 
ATOM   394 O O   . GLU A 1 53  ? -11.348 1.730   -8.769  1.00 21.02 ? 69  GLU A O   1 
ATOM   395 C CB  . GLU A 1 53  ? -11.424 -0.187  -6.166  1.00 22.88 ? 69  GLU A CB  1 
ATOM   396 C CG  . GLU A 1 53  ? -11.342 -1.688  -6.185  1.00 25.00 ? 69  GLU A CG  1 
ATOM   397 C CD  . GLU A 1 53  ? -12.385 -2.398  -5.346  1.00 28.32 ? 69  GLU A CD  1 
ATOM   398 O OE1 . GLU A 1 53  ? -12.473 -3.641  -5.491  1.00 27.08 ? 69  GLU A OE1 1 
ATOM   399 O OE2 . GLU A 1 53  ? -13.103 -1.712  -4.555  1.00 29.04 ? 69  GLU A OE2 1 
ATOM   400 N N   . THR A 1 54  ? -10.811 2.846   -6.847  1.00 21.25 ? 70  THR A N   1 
ATOM   401 C CA  . THR A 1 54  ? -11.452 4.149   -7.182  1.00 20.55 ? 70  THR A CA  1 
ATOM   402 C C   . THR A 1 54  ? -10.509 5.339   -6.960  1.00 20.89 ? 70  THR A C   1 
ATOM   403 O O   . THR A 1 54  ? -10.978 6.473   -7.099  1.00 22.79 ? 70  THR A O   1 
ATOM   404 C CB  . THR A 1 54  ? -12.734 4.329   -6.356  1.00 20.18 ? 70  THR A CB  1 
ATOM   405 O OG1 . THR A 1 54  ? -12.401 4.540   -4.982  1.00 20.24 ? 70  THR A OG1 1 
ATOM   406 C CG2 . THR A 1 54  ? -13.658 3.134   -6.435  1.00 19.71 ? 70  THR A CG2 1 
ATOM   407 N N   . GLY A 1 55  ? -9.232  5.122   -6.646  1.00 21.55 ? 71  GLY A N   1 
ATOM   408 C CA  . GLY A 1 55  ? -8.347  6.220   -6.221  1.00 21.95 ? 71  GLY A CA  1 
ATOM   409 C C   . GLY A 1 55  ? -8.793  6.785   -4.881  1.00 21.55 ? 71  GLY A C   1 
ATOM   410 O O   . GLY A 1 55  ? -8.643  7.971   -4.710  1.00 21.56 ? 71  GLY A O   1 
ATOM   411 N N   . CYS A 1 56  ? -9.289  5.942   -3.968  1.00 22.52 ? 72  CYS A N   1 
ATOM   412 C CA  . CYS A 1 56  ? -9.670  6.322   -2.578  1.00 25.56 ? 72  CYS A CA  1 
ATOM   413 C C   . CYS A 1 56  ? -10.755 7.402   -2.628  1.00 25.54 ? 72  CYS A C   1 
ATOM   414 O O   . CYS A 1 56  ? -10.650 8.377   -1.863  1.00 24.76 ? 72  CYS A O   1 
ATOM   415 C CB  . CYS A 1 56  ? -8.471  6.836   -1.773  1.00 26.29 ? 72  CYS A CB  1 
ATOM   416 S SG  . CYS A 1 56  ? -8.076  5.856   -0.305  1.00 27.28 ? 72  CYS A SG  1 
ATOM   417 N N   . SER A 1 57  ? -11.746 7.242   -3.515  1.00 25.42 ? 73  SER A N   1 
ATOM   418 C CA  . SER A 1 57  ? -12.905 8.158   -3.632  1.00 27.87 ? 73  SER A CA  1 
ATOM   419 C C   . SER A 1 57  ? -13.730 8.143   -2.329  1.00 26.12 ? 73  SER A C   1 
ATOM   420 O O   . SER A 1 57  ? -14.433 9.118   -2.080  1.00 26.01 ? 73  SER A O   1 
ATOM   421 C CB  . SER A 1 57  ? -13.742 7.813   -4.850  1.00 28.77 ? 73  SER A CB  1 
ATOM   422 O OG  . SER A 1 57  ? -14.465 6.612   -4.645  1.00 32.19 ? 73  SER A OG  1 
ATOM   423 N N   . LYS A 1 58  ? -13.639 7.080   -1.531  1.00 26.95 ? 74  LYS A N   1 
ATOM   424 C CA  . LYS A 1 58  ? -14.434 6.894   -0.294  1.00 28.98 ? 74  LYS A CA  1 
ATOM   425 C C   . LYS A 1 58  ? -13.561 7.229   0.922   1.00 26.43 ? 74  LYS A C   1 
ATOM   426 O O   . LYS A 1 58  ? -13.987 6.997   2.052   1.00 26.63 ? 74  LYS A O   1 
ATOM   427 C CB  . LYS A 1 58  ? -14.953 5.454   -0.216  1.00 36.27 ? 74  LYS A CB  1 
ATOM   428 C CG  . LYS A 1 58  ? -15.619 4.914   -1.479  1.00 42.05 ? 74  LYS A CG  1 
ATOM   429 C CD  . LYS A 1 58  ? -15.945 3.427   -1.409  1.00 45.48 ? 74  LYS A CD  1 
ATOM   430 C CE  . LYS A 1 58  ? -17.391 3.101   -1.739  1.00 54.58 ? 74  LYS A CE  1 
ATOM   431 N NZ  . LYS A 1 58  ? -18.281 3.244   -0.555  1.00 57.06 ? 74  LYS A NZ  1 
ATOM   432 N N   . CYS A 1 59  ? -12.365 7.758   0.697   1.00 25.67 ? 75  CYS A N   1 
ATOM   433 C CA  . CYS A 1 59  ? -11.361 7.975   1.763   1.00 23.96 ? 75  CYS A CA  1 
ATOM   434 C C   . CYS A 1 59  ? -11.305 9.461   2.133   1.00 21.47 ? 75  CYS A C   1 
ATOM   435 O O   . CYS A 1 59  ? -11.440 10.308  1.266   1.00 20.07 ? 75  CYS A O   1 
ATOM   436 C CB  . CYS A 1 59  ? -9.968  7.533   1.334   1.00 24.02 ? 75  CYS A CB  1 
ATOM   437 S SG  . CYS A 1 59  ? -9.844  5.836   0.720   1.00 22.94 ? 75  CYS A SG  1 
ATOM   438 N N   . THR A 1 60  ? -11.028 9.756   3.392   1.00 19.11 ? 76  THR A N   1 
ATOM   439 C CA  . THR A 1 60  ? -10.578 11.102  3.816   1.00 17.51 ? 76  THR A CA  1 
ATOM   440 C C   . THR A 1 60  ? -9.159  11.337  3.279   1.00 17.70 ? 76  THR A C   1 
ATOM   441 O O   . THR A 1 60  ? -8.459  10.380  2.902   1.00 16.59 ? 76  THR A O   1 
ATOM   442 C CB  . THR A 1 60  ? -10.638 11.254  5.340   1.00 17.13 ? 76  THR A CB  1 
ATOM   443 O OG1 . THR A 1 60  ? -9.646  10.382  5.898   1.00 16.77 ? 76  THR A OG1 1 
ATOM   444 C CG2 . THR A 1 60  ? -12.015 10.941  5.898   1.00 17.09 ? 76  THR A CG2 1 
ATOM   445 N N   . GLU A 1 61  ? -8.756  12.597  3.253   1.00 18.10 ? 77  GLU A N   1 
ATOM   446 C CA  . GLU A 1 61  ? -7.405  13.017  2.859   1.00 18.97 ? 77  GLU A CA  1 
ATOM   447 C C   . GLU A 1 61  ? -6.374  12.173  3.615   1.00 19.02 ? 77  GLU A C   1 
ATOM   448 O O   . GLU A 1 61  ? -5.427  11.690  2.980   1.00 20.93 ? 77  GLU A O   1 
ATOM   449 C CB  . GLU A 1 61  ? -7.272  14.501  3.165   1.00 20.07 ? 77  GLU A CB  1 
ATOM   450 C CG  . GLU A 1 61  ? -5.968  15.107  2.692   1.00 20.71 ? 77  GLU A CG  1 
ATOM   451 C CD  . GLU A 1 61  ? -5.918  16.595  2.999   1.00 21.04 ? 77  GLU A CD  1 
ATOM   452 O OE1 . GLU A 1 61  ? -7.002  17.160  3.332   1.00 21.14 ? 77  GLU A OE1 1 
ATOM   453 O OE2 . GLU A 1 61  ? -4.814  17.184  2.940   1.00 21.76 ? 77  GLU A OE2 1 
ATOM   454 N N   . ALA A 1 62  ? -6.543  12.016  4.927   1.00 17.93 ? 78  ALA A N   1 
ATOM   455 C CA  . ALA A 1 62  ? -5.556  11.350  5.805   1.00 16.61 ? 78  ALA A CA  1 
ATOM   456 C C   . ALA A 1 62  ? -5.529  9.847   5.514   1.00 15.40 ? 78  ALA A C   1 
ATOM   457 O O   . ALA A 1 62  ? -4.439  9.258   5.567   1.00 15.75 ? 78  ALA A O   1 
ATOM   458 C CB  . ALA A 1 62  ? -5.873  11.633  7.260   1.00 15.43 ? 78  ALA A CB  1 
ATOM   459 N N   . GLN A 1 63  ? -6.686  9.252   5.238   1.00 15.44 ? 79  GLN A N   1 
ATOM   460 C CA  . GLN A 1 63  ? -6.787  7.800   4.925   1.00 15.94 ? 79  GLN A CA  1 
ATOM   461 C C   . GLN A 1 63  ? -6.097  7.525   3.598   1.00 16.02 ? 79  GLN A C   1 
ATOM   462 O O   . GLN A 1 63  ? -5.421  6.498   3.503   1.00 16.44 ? 79  GLN A O   1 
ATOM   463 C CB  . GLN A 1 63  ? -8.242  7.343   4.865   1.00 15.88 ? 79  GLN A CB  1 
ATOM   464 C CG  . GLN A 1 63  ? -8.904  7.264   6.229   1.00 16.38 ? 79  GLN A CG  1 
ATOM   465 C CD  . GLN A 1 63  ? -10.408 7.188   6.137   1.00 16.95 ? 79  GLN A CD  1 
ATOM   466 O OE1 . GLN A 1 63  ? -11.029 7.551   5.137   1.00 17.97 ? 79  GLN A OE1 1 
ATOM   467 N NE2 . GLN A 1 63  ? -11.020 6.709   7.196   1.00 17.55 ? 79  GLN A NE2 1 
ATOM   468 N N   . GLU A 1 64  ? -6.287  8.396   2.611   1.00 16.28 ? 80  GLU A N   1 
ATOM   469 C CA  . GLU A 1 64  ? -5.590  8.273   1.305   1.00 17.24 ? 80  GLU A CA  1 
ATOM   470 C C   . GLU A 1 64  ? -4.074  8.414   1.521   1.00 15.79 ? 80  GLU A C   1 
ATOM   471 O O   . GLU A 1 64  ? -3.309  7.761   0.828   1.00 14.56 ? 80  GLU A O   1 
ATOM   472 C CB  . GLU A 1 64  ? -6.123  9.317   0.322   1.00 17.15 ? 80  GLU A CB  1 
ATOM   473 C CG  . GLU A 1 64  ? -5.730  9.047   -1.118  1.00 17.93 ? 80  GLU A CG  1 
ATOM   474 C CD  . GLU A 1 64  ? -4.301  9.401   -1.505  1.00 18.51 ? 80  GLU A CD  1 
ATOM   475 O OE1 . GLU A 1 64  ? -3.820  10.473  -1.105  1.00 17.08 ? 80  GLU A OE1 1 
ATOM   476 O OE2 . GLU A 1 64  ? -3.653  8.580   -2.199  1.00 20.18 ? 80  GLU A OE2 1 
ATOM   477 N N   . LYS A 1 65  ? -3.643  9.311   2.393   1.00 16.92 ? 81  LYS A N   1 
ATOM   478 C CA  . LYS A 1 65  ? -2.189  9.522   2.645   1.00 18.27 ? 81  LYS A CA  1 
ATOM   479 C C   . LYS A 1 65  ? -1.599  8.246   3.251   1.00 15.95 ? 81  LYS A C   1 
ATOM   480 O O   . LYS A 1 65  ? -0.491  7.886   2.894   1.00 15.15 ? 81  LYS A O   1 
ATOM   481 C CB  . LYS A 1 65  ? -1.950  10.733  3.550   1.00 20.84 ? 81  LYS A CB  1 
ATOM   482 C CG  . LYS A 1 65  ? -2.177  12.063  2.849   1.00 22.91 ? 81  LYS A CG  1 
ATOM   483 C CD  . LYS A 1 65  ? -2.725  13.130  3.751   1.00 26.09 ? 81  LYS A CD  1 
ATOM   484 C CE  . LYS A 1 65  ? -1.670  14.094  4.236   1.00 28.56 ? 81  LYS A CE  1 
ATOM   485 N NZ  . LYS A 1 65  ? -2.258  15.182  5.068   1.00 28.04 ? 81  LYS A NZ  1 
ATOM   486 N N   . GLY A 1 66  ? -2.333  7.581   4.130   1.00 15.14 ? 82  GLY A N   1 
ATOM   487 C CA  . GLY A 1 66  ? -1.866  6.319   4.726   1.00 15.86 ? 82  GLY A CA  1 
ATOM   488 C C   . GLY A 1 66  ? -1.765  5.243   3.667   1.00 16.18 ? 82  GLY A C   1 
ATOM   489 O O   . GLY A 1 66  ? -0.718  4.567   3.604   1.00 16.17 ? 82  GLY A O   1 
ATOM   490 N N   . ALA A 1 67  ? -2.804  5.110   2.834   1.00 15.57 ? 83  ALA A N   1 
ATOM   491 C CA  . ALA A 1 67  ? -2.815  4.161   1.691   1.00 14.91 ? 83  ALA A CA  1 
ATOM   492 C C   . ALA A 1 67  ? -1.635  4.462   0.744   1.00 14.28 ? 83  ALA A C   1 
ATOM   493 O O   . ALA A 1 67  ? -0.955  3.538   0.280   1.00 12.36 ? 83  ALA A O   1 
ATOM   494 C CB  . ALA A 1 67  ? -4.136  4.216   0.978   1.00 14.26 ? 83  ALA A CB  1 
ATOM   495 N N   . TYR A 1 68  ? -1.378  5.726   0.438   1.00 15.53 ? 84  TYR A N   1 
ATOM   496 C CA  . TYR A 1 68  ? -0.292  6.068   -0.506  1.00 15.77 ? 84  TYR A CA  1 
ATOM   497 C C   . TYR A 1 68  ? 1.080   5.765   0.125   1.00 15.65 ? 84  TYR A C   1 
ATOM   498 O O   . TYR A 1 68  ? 2.013   5.356   -0.597  1.00 13.10 ? 84  TYR A O   1 
ATOM   499 C CB  . TYR A 1 68  ? -0.384  7.526   -0.963  1.00 18.15 ? 84  TYR A CB  1 
ATOM   500 C CG  . TYR A 1 68  ? 0.820   7.917   -1.785  1.00 18.64 ? 84  TYR A CG  1 
ATOM   501 C CD1 . TYR A 1 68  ? 1.017   7.385   -3.046  1.00 19.79 ? 84  TYR A CD1 1 
ATOM   502 C CD2 . TYR A 1 68  ? 1.819   8.718   -1.253  1.00 20.71 ? 84  TYR A CD2 1 
ATOM   503 C CE1 . TYR A 1 68  ? 2.139   7.689   -3.795  1.00 20.99 ? 84  TYR A CE1 1 
ATOM   504 C CE2 . TYR A 1 68  ? 2.941   9.040   -1.992  1.00 21.80 ? 84  TYR A CE2 1 
ATOM   505 C CZ  . TYR A 1 68  ? 3.107   8.508   -3.258  1.00 20.61 ? 84  TYR A CZ  1 
ATOM   506 O OH  . TYR A 1 68  ? 4.220   8.764   -3.992  1.00 23.97 ? 84  TYR A OH  1 
ATOM   507 N N   . LYS A 1 69  ? 1.238   5.982   1.431   1.00 15.46 ? 85  LYS A N   1 
ATOM   508 C CA  . LYS A 1 69  ? 2.500   5.622   2.125   1.00 17.29 ? 85  LYS A CA  1 
ATOM   509 C C   . LYS A 1 69  ? 2.781   4.140   1.847   1.00 16.45 ? 85  LYS A C   1 
ATOM   510 O O   . LYS A 1 69  ? 3.899   3.810   1.409   1.00 15.96 ? 85  LYS A O   1 
ATOM   511 C CB  . LYS A 1 69  ? 2.394   5.903   3.623   1.00 19.03 ? 85  LYS A CB  1 
ATOM   512 C CG  . LYS A 1 69  ? 3.593   5.458   4.438   1.00 21.62 ? 85  LYS A CG  1 
ATOM   513 C CD  . LYS A 1 69  ? 3.410   5.688   5.919   1.00 23.65 ? 85  LYS A CD  1 
ATOM   514 C CE  . LYS A 1 69  ? 3.825   7.077   6.343   1.00 26.65 ? 85  LYS A CE  1 
ATOM   515 N NZ  . LYS A 1 69  ? 5.303   7.225   6.270   1.00 27.13 ? 85  LYS A NZ  1 
ATOM   516 N N   . VAL A 1 70  ? 1.773   3.290   2.030   1.00 15.40 ? 86  VAL A N   1 
ATOM   517 C CA  . VAL A 1 70  ? 1.880   1.830   1.771   1.00 14.97 ? 86  VAL A CA  1 
ATOM   518 C C   . VAL A 1 70  ? 2.196   1.604   0.289   1.00 14.05 ? 86  VAL A C   1 
ATOM   519 O O   . VAL A 1 70  ? 3.084   0.800   -0.008  1.00 13.40 ? 86  VAL A O   1 
ATOM   520 C CB  . VAL A 1 70  ? 0.605   1.088   2.190   1.00 15.31 ? 86  VAL A CB  1 
ATOM   521 C CG1 . VAL A 1 70  ? 0.615   -0.340  1.687   1.00 15.87 ? 86  VAL A CG1 1 
ATOM   522 C CG2 . VAL A 1 70  ? 0.432   1.129   3.696   1.00 16.01 ? 86  VAL A CG2 1 
ATOM   523 N N   . ILE A 1 71  ? 1.462   2.252   -0.604  1.00 13.81 ? 87  ILE A N   1 
ATOM   524 C CA  . ILE A 1 71  ? 1.581   2.012   -2.072  1.00 13.81 ? 87  ILE A CA  1 
ATOM   525 C C   . ILE A 1 71  ? 2.975   2.438   -2.547  1.00 14.22 ? 87  ILE A C   1 
ATOM   526 O O   . ILE A 1 71  ? 3.585   1.715   -3.345  1.00 13.50 ? 87  ILE A O   1 
ATOM   527 C CB  . ILE A 1 71  ? 0.461   2.736   -2.833  1.00 13.24 ? 87  ILE A CB  1 
ATOM   528 C CG1 . ILE A 1 71  ? -0.886  2.065   -2.574  1.00 13.89 ? 87  ILE A CG1 1 
ATOM   529 C CG2 . ILE A 1 71  ? 0.775   2.825   -4.319  1.00 12.99 ? 87  ILE A CG2 1 
ATOM   530 C CD1 . ILE A 1 71  ? -2.075  2.935   -2.923  1.00 13.66 ? 87  ILE A CD1 1 
ATOM   531 N N   . GLU A 1 72  ? 3.439   3.596   -2.098  1.00 15.64 ? 88  GLU A N   1 
ATOM   532 C CA  . GLU A 1 72  ? 4.770   4.134   -2.468  1.00 17.50 ? 88  GLU A CA  1 
ATOM   533 C C   . GLU A 1 72  ? 5.849   3.144   -2.022  1.00 17.08 ? 88  GLU A C   1 
ATOM   534 O O   . GLU A 1 72  ? 6.754   2.871   -2.836  1.00 15.63 ? 88  GLU A O   1 
ATOM   535 C CB  . GLU A 1 72  ? 4.982   5.514   -1.848  1.00 19.87 ? 88  GLU A CB  1 
ATOM   536 C CG  . GLU A 1 72  ? 6.041   6.332   -2.563  1.00 23.73 ? 88  GLU A CG  1 
ATOM   537 C CD  . GLU A 1 72  ? 6.358   7.643   -1.863  1.00 25.71 ? 88  GLU A CD  1 
ATOM   538 O OE1 . GLU A 1 72  ? 6.795   7.579   -0.708  1.00 26.16 ? 88  GLU A OE1 1 
ATOM   539 O OE2 . GLU A 1 72  ? 6.112   8.727   -2.461  1.00 28.37 ? 88  GLU A OE2 1 
ATOM   540 N N   . HIS A 1 73  ? 5.766   2.634   -0.788  1.00 16.63 ? 89  HIS A N   1 
ATOM   541 C CA  . HIS A 1 73  ? 6.768   1.673   -0.269  1.00 18.35 ? 89  HIS A CA  1 
ATOM   542 C C   . HIS A 1 73  ? 6.733   0.421   -1.147  1.00 19.15 ? 89  HIS A C   1 
ATOM   543 O O   . HIS A 1 73  ? 7.817   -0.102  -1.507  1.00 18.12 ? 89  HIS A O   1 
ATOM   544 C CB  . HIS A 1 73  ? 6.543   1.347   1.205   1.00 19.66 ? 89  HIS A CB  1 
ATOM   545 C CG  . HIS A 1 73  ? 7.488   0.309   1.699   1.00 20.91 ? 89  HIS A CG  1 
ATOM   546 N ND1 . HIS A 1 73  ? 8.740   0.623   2.200   1.00 22.07 ? 89  HIS A ND1 1 
ATOM   547 C CD2 . HIS A 1 73  ? 7.389   -1.036  1.730   1.00 21.02 ? 89  HIS A CD2 1 
ATOM   548 C CE1 . HIS A 1 73  ? 9.347   -0.489  2.559   1.00 21.25 ? 89  HIS A CE1 1 
ATOM   549 N NE2 . HIS A 1 73  ? 8.544   -1.516  2.272   1.00 21.41 ? 89  HIS A NE2 1 
ATOM   550 N N   . LEU A 1 74  ? 5.531   -0.028  -1.532  1.00 18.10 ? 90  LEU A N   1 
ATOM   551 C CA  . LEU A 1 74  ? 5.418   -1.253  -2.366  1.00 17.68 ? 90  LEU A CA  1 
ATOM   552 C C   . LEU A 1 74  ? 6.050   -1.012  -3.751  1.00 18.15 ? 90  LEU A C   1 
ATOM   553 O O   . LEU A 1 74  ? 6.773   -1.891  -4.229  1.00 17.95 ? 90  LEU A O   1 
ATOM   554 C CB  . LEU A 1 74  ? 3.955   -1.678  -2.470  1.00 16.11 ? 90  LEU A CB  1 
ATOM   555 C CG  . LEU A 1 74  ? 3.341   -2.213  -1.175  1.00 15.16 ? 90  LEU A CG  1 
ATOM   556 C CD1 . LEU A 1 74  ? 1.895   -2.597  -1.410  1.00 14.40 ? 90  LEU A CD1 1 
ATOM   557 C CD2 . LEU A 1 74  ? 4.110   -3.386  -0.617  1.00 15.40 ? 90  LEU A CD2 1 
ATOM   558 N N   . ILE A 1 75  ? 5.777   0.114   -4.401  1.00 17.91 ? 91  ILE A N   1 
ATOM   559 C CA  . ILE A 1 75  ? 6.316   0.368   -5.769  1.00 20.23 ? 91  ILE A CA  1 
ATOM   560 C C   . ILE A 1 75  ? 7.851   0.349   -5.731  1.00 20.71 ? 91  ILE A C   1 
ATOM   561 O O   . ILE A 1 75  ? 8.411   -0.210  -6.657  1.00 23.82 ? 91  ILE A O   1 
ATOM   562 C CB  . ILE A 1 75  ? 5.739   1.661   -6.380  1.00 19.01 ? 91  ILE A CB  1 
ATOM   563 C CG1 . ILE A 1 75  ? 4.288   1.457   -6.809  1.00 19.29 ? 91  ILE A CG1 1 
ATOM   564 C CG2 . ILE A 1 75  ? 6.569   2.173   -7.540  1.00 19.37 ? 91  ILE A CG2 1 
ATOM   565 C CD1 . ILE A 1 75  ? 3.479   2.743   -6.816  1.00 19.82 ? 91  ILE A CD1 1 
ATOM   566 N N   . GLN A 1 76  ? 8.487   0.939   -4.718  1.00 22.32 ? 92  GLN A N   1 
ATOM   567 C CA  . GLN A 1 76  ? 9.969   1.060   -4.638  1.00 25.42 ? 92  GLN A CA  1 
ATOM   568 C C   . GLN A 1 76  ? 10.598  -0.278  -4.252  1.00 23.43 ? 92  GLN A C   1 
ATOM   569 O O   . GLN A 1 76  ? 11.642  -0.586  -4.823  1.00 25.39 ? 92  GLN A O   1 
ATOM   570 C CB  . GLN A 1 76  ? 10.400  2.113   -3.612  1.00 28.09 ? 92  GLN A CB  1 
ATOM   571 C CG  . GLN A 1 76  ? 11.891  2.448   -3.668  1.00 30.77 ? 92  GLN A CG  1 
ATOM   572 C CD  . GLN A 1 76  ? 12.305  3.418   -2.586  1.00 32.98 ? 92  GLN A CD  1 
ATOM   573 O OE1 . GLN A 1 76  ? 11.832  3.360   -1.454  1.00 36.32 ? 92  GLN A OE1 1 
ATOM   574 N NE2 . GLN A 1 76  ? 13.189  4.339   -2.932  1.00 35.26 ? 92  GLN A NE2 1 
ATOM   575 N N   . ASN A 1 77  ? 9.998   -1.020  -3.319  1.00 21.42 ? 93  ASN A N   1 
ATOM   576 C CA  . ASN A 1 77  ? 10.675  -2.149  -2.624  1.00 20.90 ? 93  ASN A CA  1 
ATOM   577 C C   . ASN A 1 77  ? 10.021  -3.500  -2.934  1.00 19.77 ? 93  ASN A C   1 
ATOM   578 O O   . ASN A 1 77  ? 10.710  -4.500  -2.779  1.00 18.55 ? 93  ASN A O   1 
ATOM   579 C CB  . ASN A 1 77  ? 10.745  -1.892  -1.119  1.00 21.03 ? 93  ASN A CB  1 
ATOM   580 C CG  . ASN A 1 77  ? 11.360  -0.549  -0.786  1.00 21.03 ? 93  ASN A CG  1 
ATOM   581 O OD1 . ASN A 1 77  ? 10.692  0.325   -0.234  1.00 24.16 ? 93  ASN A OD1 1 
ATOM   582 N ND2 . ASN A 1 77  ? 12.612  -0.355  -1.155  1.00 19.68 ? 93  ASN A ND2 1 
ATOM   583 N N   . GLU A 1 78  ? 8.760   -3.550  -3.362  1.00 19.58 ? 94  GLU A N   1 
ATOM   584 C CA  . GLU A 1 78  ? 8.012   -4.833  -3.497  1.00 18.85 ? 94  GLU A CA  1 
ATOM   585 C C   . GLU A 1 78  ? 7.113   -4.772  -4.731  1.00 19.11 ? 94  GLU A C   1 
ATOM   586 O O   . GLU A 1 78  ? 5.872   -4.990  -4.598  1.00 17.73 ? 94  GLU A O   1 
ATOM   587 C CB  . GLU A 1 78  ? 7.169   -5.094  -2.247  1.00 18.98 ? 94  GLU A CB  1 
ATOM   588 C CG  . GLU A 1 78  ? 7.967   -5.072  -0.953  1.00 19.79 ? 94  GLU A CG  1 
ATOM   589 C CD  . GLU A 1 78  ? 8.889   -6.267  -0.745  1.00 20.25 ? 94  GLU A CD  1 
ATOM   590 O OE1 . GLU A 1 78  ? 8.814   -7.240  -1.541  1.00 19.87 ? 94  GLU A OE1 1 
ATOM   591 O OE2 . GLU A 1 78  ? 9.666   -6.234  0.219   1.00 19.73 ? 94  GLU A OE2 1 
ATOM   592 N N   . LEU A 1 79  ? 7.708   -4.486  -5.884  1.00 18.98 ? 95  LEU A N   1 
ATOM   593 C CA  . LEU A 1 79  ? 6.946   -4.239  -7.123  1.00 22.23 ? 95  LEU A CA  1 
ATOM   594 C C   . LEU A 1 79  ? 6.042   -5.434  -7.459  1.00 23.98 ? 95  LEU A C   1 
ATOM   595 O O   . LEU A 1 79  ? 4.959   -5.201  -8.000  1.00 26.70 ? 95  LEU A O   1 
ATOM   596 C CB  . LEU A 1 79  ? 7.895   -3.949  -8.285  1.00 22.66 ? 95  LEU A CB  1 
ATOM   597 C CG  . LEU A 1 79  ? 7.200   -3.363  -9.512  1.00 24.27 ? 95  LEU A CG  1 
ATOM   598 C CD1 . LEU A 1 79  ? 6.503   -2.052  -9.176  1.00 24.20 ? 95  LEU A CD1 1 
ATOM   599 C CD2 . LEU A 1 79  ? 8.184   -3.175  -10.657 1.00 25.87 ? 95  LEU A CD2 1 
ATOM   600 N N   . ASP A 1 80  ? 6.490   -6.667  -7.220  1.00 24.94 ? 96  ASP A N   1 
ATOM   601 C CA  . ASP A 1 80  ? 5.694   -7.872  -7.564  1.00 24.30 ? 96  ASP A CA  1 
ATOM   602 C C   . ASP A 1 80  ? 4.462   -7.925  -6.664  1.00 22.24 ? 96  ASP A C   1 
ATOM   603 O O   . ASP A 1 80  ? 3.445   -8.413  -7.118  1.00 23.99 ? 96  ASP A O   1 
ATOM   604 C CB  . ASP A 1 80  ? 6.519   -9.150  -7.440  1.00 27.54 ? 96  ASP A CB  1 
ATOM   605 C CG  . ASP A 1 80  ? 7.573   -9.277  -8.531  1.00 29.51 ? 96  ASP A CG  1 
ATOM   606 O OD1 . ASP A 1 80  ? 7.483   -8.527  -9.530  1.00 31.03 ? 96  ASP A OD1 1 
ATOM   607 O OD2 . ASP A 1 80  ? 8.484   -10.116 -8.367  1.00 31.30 ? 96  ASP A OD2 1 
ATOM   608 N N   . THR A 1 81  ? 4.567   -7.477  -5.422  1.00 19.42 ? 97  THR A N   1 
ATOM   609 C CA  . THR A 1 81  ? 3.417   -7.449  -4.487  1.00 19.51 ? 97  THR A CA  1 
ATOM   610 C C   . THR A 1 81  ? 2.444   -6.363  -4.962  1.00 18.69 ? 97  THR A C   1 
ATOM   611 O O   . THR A 1 81  ? 1.210   -6.561  -4.874  1.00 16.03 ? 97  THR A O   1 
ATOM   612 C CB  . THR A 1 81  ? 3.866   -7.220  -3.038  1.00 18.67 ? 97  THR A CB  1 
ATOM   613 O OG1 . THR A 1 81  ? 4.778   -8.257  -2.679  1.00 18.83 ? 97  THR A OG1 1 
ATOM   614 C CG2 . THR A 1 81  ? 2.701   -7.227  -2.081  1.00 19.35 ? 97  THR A CG2 1 
ATOM   615 N N   . TRP A 1 82  ? 3.001   -5.240  -5.405  1.00 17.70 ? 98  TRP A N   1 
ATOM   616 C CA  . TRP A 1 82  ? 2.205   -4.116  -5.922  1.00 17.23 ? 98  TRP A CA  1 
ATOM   617 C C   . TRP A 1 82  ? 1.400   -4.628  -7.119  1.00 17.18 ? 98  TRP A C   1 
ATOM   618 O O   . TRP A 1 82  ? 0.192   -4.371  -7.165  1.00 14.88 ? 98  TRP A O   1 
ATOM   619 C CB  . TRP A 1 82  ? 3.131   -2.954  -6.269  1.00 17.24 ? 98  TRP A CB  1 
ATOM   620 C CG  . TRP A 1 82  ? 2.485   -1.871  -7.073  1.00 17.38 ? 98  TRP A CG  1 
ATOM   621 C CD1 . TRP A 1 82  ? 2.902   -1.402  -8.287  1.00 18.34 ? 98  TRP A CD1 1 
ATOM   622 C CD2 . TRP A 1 82  ? 1.303   -1.121  -6.736  1.00 16.83 ? 98  TRP A CD2 1 
ATOM   623 N NE1 . TRP A 1 82  ? 2.089   -0.385  -8.710  1.00 18.15 ? 98  TRP A NE1 1 
ATOM   624 C CE2 . TRP A 1 82  ? 1.109   -0.177  -7.770  1.00 17.66 ? 98  TRP A CE2 1 
ATOM   625 C CE3 . TRP A 1 82  ? 0.416   -1.117  -5.654  1.00 16.41 ? 98  TRP A CE3 1 
ATOM   626 C CZ2 . TRP A 1 82  ? 0.041   0.721   -7.768  1.00 16.96 ? 98  TRP A CZ2 1 
ATOM   627 C CZ3 . TRP A 1 82  ? -0.642  -0.228  -5.652  1.00 16.47 ? 98  TRP A CZ3 1 
ATOM   628 C CH2 . TRP A 1 82  ? -0.816  0.686   -6.695  1.00 16.48 ? 98  TRP A CH2 1 
ATOM   629 N N   . HIS A 1 83  ? 2.050   -5.351  -8.034  1.00 16.60 ? 99  HIS A N   1 
ATOM   630 C CA  . HIS A 1 83  ? 1.390   -5.919  -9.241  1.00 18.45 ? 99  HIS A CA  1 
ATOM   631 C C   . HIS A 1 83  ? 0.367   -7.008  -8.873  1.00 17.69 ? 99  HIS A C   1 
ATOM   632 O O   . HIS A 1 83  ? -0.686  -7.100  -9.563  1.00 15.22 ? 99  HIS A O   1 
ATOM   633 C CB  . HIS A 1 83  ? 2.430   -6.416  -10.250 1.00 19.36 ? 99  HIS A CB  1 
ATOM   634 C CG  . HIS A 1 83  ? 3.165   -5.302  -10.919 1.00 21.19 ? 99  HIS A CG  1 
ATOM   635 N ND1 . HIS A 1 83  ? 4.370   -5.503  -11.585 1.00 25.00 ? 99  HIS A ND1 1 
ATOM   636 C CD2 . HIS A 1 83  ? 2.912   -3.977  -10.987 1.00 23.33 ? 99  HIS A CD2 1 
ATOM   637 C CE1 . HIS A 1 83  ? 4.809   -4.350  -12.052 1.00 24.99 ? 99  HIS A CE1 1 
ATOM   638 N NE2 . HIS A 1 83  ? 3.944   -3.389  -11.689 1.00 24.54 ? 99  HIS A NE2 1 
ATOM   639 N N   . GLU A 1 84  ? 0.632   -7.788  -7.825  1.00 17.16 ? 100 GLU A N   1 
ATOM   640 C CA  . GLU A 1 84  ? -0.381  -8.728  -7.261  1.00 20.32 ? 100 GLU A CA  1 
ATOM   641 C C   . GLU A 1 84  ? -1.648  -7.944  -6.877  1.00 17.65 ? 100 GLU A C   1 
ATOM   642 O O   . GLU A 1 84  ? -2.763  -8.380  -7.218  1.00 14.90 ? 100 GLU A O   1 
ATOM   643 C CB  . GLU A 1 84  ? 0.153   -9.438  -6.013  1.00 23.83 ? 100 GLU A CB  1 
ATOM   644 C CG  . GLU A 1 84  ? 0.479   -10.898 -6.231  1.00 29.66 ? 100 GLU A CG  1 
ATOM   645 C CD  . GLU A 1 84  ? 1.163   -11.575 -5.053  1.00 33.57 ? 100 GLU A CD  1 
ATOM   646 O OE1 . GLU A 1 84  ? 0.847   -11.245 -3.863  1.00 32.47 ? 100 GLU A OE1 1 
ATOM   647 O OE2 . GLU A 1 84  ? 2.012   -12.434 -5.333  1.00 40.19 ? 100 GLU A OE2 1 
ATOM   648 N N   . LEU A 1 85  ? -1.470  -6.834  -6.165  1.00 15.65 ? 101 LEU A N   1 
ATOM   649 C CA  . LEU A 1 85  ? -2.601  -6.059  -5.614  1.00 16.02 ? 101 LEU A CA  1 
ATOM   650 C C   . LEU A 1 85  ? -3.397  -5.447  -6.758  1.00 13.78 ? 101 LEU A C   1 
ATOM   651 O O   . LEU A 1 85  ? -4.619  -5.507  -6.732  1.00 12.38 ? 101 LEU A O   1 
ATOM   652 C CB  . LEU A 1 85  ? -2.057  -4.988  -4.671  1.00 17.58 ? 101 LEU A CB  1 
ATOM   653 C CG  . LEU A 1 85  ? -1.633  -5.531  -3.315  1.00 20.92 ? 101 LEU A CG  1 
ATOM   654 C CD1 . LEU A 1 85  ? -0.511  -4.683  -2.710  1.00 22.43 ? 101 LEU A CD1 1 
ATOM   655 C CD2 . LEU A 1 85  ? -2.837  -5.622  -2.374  1.00 20.65 ? 101 LEU A CD2 1 
ATOM   656 N N   . THR A 1 86  ? -2.720  -4.879  -7.741  1.00 14.52 ? 102 THR A N   1 
ATOM   657 C CA  . THR A 1 86  ? -3.394  -4.218  -8.890  1.00 14.74 ? 102 THR A CA  1 
ATOM   658 C C   . THR A 1 86  ? -4.068  -5.305  -9.737  1.00 15.45 ? 102 THR A C   1 
ATOM   659 O O   . THR A 1 86  ? -5.192  -5.055  -10.250 1.00 14.87 ? 102 THR A O   1 
ATOM   660 C CB  . THR A 1 86  ? -2.416  -3.325  -9.653  1.00 14.42 ? 102 THR A CB  1 
ATOM   661 O OG1 . THR A 1 86  ? -1.280  -4.113  -10.000 1.00 15.14 ? 102 THR A OG1 1 
ATOM   662 C CG2 . THR A 1 86  ? -1.965  -2.146  -8.820  1.00 14.99 ? 102 THR A CG2 1 
ATOM   663 N N   . ASP A 1 87  ? -3.420  -6.462  -9.889  1.00 14.95 ? 103 ASP A N   1 
ATOM   664 C CA  . ASP A 1 87  ? -4.040  -7.583  -10.638 1.00 16.07 ? 103 ASP A CA  1 
ATOM   665 C C   . ASP A 1 87  ? -5.350  -7.981  -9.959  1.00 16.10 ? 103 ASP A C   1 
ATOM   666 O O   . ASP A 1 87  ? -6.287  -8.373  -10.676 1.00 15.89 ? 103 ASP A O   1 
ATOM   667 C CB  . ASP A 1 87  ? -3.115  -8.788  -10.742 1.00 15.92 ? 103 ASP A CB  1 
ATOM   668 C CG  . ASP A 1 87  ? -2.064  -8.619  -11.811 1.00 16.02 ? 103 ASP A CG  1 
ATOM   669 O OD1 . ASP A 1 87  ? -1.132  -9.441  -11.827 1.00 18.90 ? 103 ASP A OD1 1 
ATOM   670 O OD2 . ASP A 1 87  ? -2.159  -7.640  -12.561 1.00 15.56 ? 103 ASP A OD2 1 
ATOM   671 N N   . LYS A 1 88  ? -5.395  -7.913  -8.633  1.00 16.15 ? 104 LYS A N   1 
ATOM   672 C CA  . LYS A 1 88  ? -6.587  -8.304  -7.859  1.00 16.65 ? 104 LYS A CA  1 
ATOM   673 C C   . LYS A 1 88  ? -7.665  -7.209  -7.910  1.00 16.23 ? 104 LYS A C   1 
ATOM   674 O O   . LYS A 1 88  ? -8.854  -7.540  -7.963  1.00 17.23 ? 104 LYS A O   1 
ATOM   675 C CB  . LYS A 1 88  ? -6.204  -8.623  -6.416  1.00 18.00 ? 104 LYS A CB  1 
ATOM   676 C CG  . LYS A 1 88  ? -7.334  -9.269  -5.626  1.00 19.28 ? 104 LYS A CG  1 
ATOM   677 C CD  . LYS A 1 88  ? -6.849  -10.086 -4.471  1.00 20.71 ? 104 LYS A CD  1 
ATOM   678 C CE  . LYS A 1 88  ? -7.532  -11.428 -4.369  1.00 23.90 ? 104 LYS A CE  1 
ATOM   679 N NZ  . LYS A 1 88  ? -8.930  -11.287 -3.914  1.00 27.22 ? 104 LYS A NZ  1 
ATOM   680 N N   . TYR A 1 89  ? -7.305  -5.935  -7.865  1.00 16.75 ? 105 TYR A N   1 
ATOM   681 C CA  . TYR A 1 89  ? -8.303  -4.874  -7.555  1.00 16.42 ? 105 TYR A CA  1 
ATOM   682 C C   . TYR A 1 89  ? -8.403  -3.775  -8.616  1.00 16.69 ? 105 TYR A C   1 
ATOM   683 O O   . TYR A 1 89  ? -9.400  -3.032  -8.541  1.00 18.40 ? 105 TYR A O   1 
ATOM   684 C CB  . TYR A 1 89  ? -7.959  -4.244  -6.208  1.00 16.16 ? 105 TYR A CB  1 
ATOM   685 C CG  . TYR A 1 89  ? -8.071  -5.184  -5.035  1.00 15.92 ? 105 TYR A CG  1 
ATOM   686 C CD1 . TYR A 1 89  ? -9.293  -5.744  -4.679  1.00 15.80 ? 105 TYR A CD1 1 
ATOM   687 C CD2 . TYR A 1 89  ? -6.953  -5.554  -4.304  1.00 15.36 ? 105 TYR A CD2 1 
ATOM   688 C CE1 . TYR A 1 89  ? -9.406  -6.609  -3.590  1.00 16.59 ? 105 TYR A CE1 1 
ATOM   689 C CE2 . TYR A 1 89  ? -7.049  -6.416  -3.215  1.00 15.90 ? 105 TYR A CE2 1 
ATOM   690 C CZ  . TYR A 1 89  ? -8.281  -6.935  -2.839  1.00 16.30 ? 105 TYR A CZ  1 
ATOM   691 O OH  . TYR A 1 89  ? -8.359  -7.767  -1.747  1.00 14.82 ? 105 TYR A OH  1 
ATOM   692 N N   . ASP A 1 90  ? -7.443  -3.625  -9.528  1.00 16.50 ? 106 ASP A N   1 
ATOM   693 C CA  . ASP A 1 90  ? -7.449  -2.476  -10.476 1.00 19.17 ? 106 ASP A CA  1 
ATOM   694 C C   . ASP A 1 90  ? -8.130  -2.919  -11.775 1.00 21.00 ? 106 ASP A C   1 
ATOM   695 O O   . ASP A 1 90  ? -7.448  -3.575  -12.593 1.00 22.31 ? 106 ASP A O   1 
ATOM   696 C CB  . ASP A 1 90  ? -6.048  -1.923  -10.734 1.00 18.34 ? 106 ASP A CB  1 
ATOM   697 C CG  . ASP A 1 90  ? -6.054  -0.559  -11.414 1.00 17.70 ? 106 ASP A CG  1 
ATOM   698 O OD1 . ASP A 1 90  ? -7.127  0.069   -11.497 1.00 19.69 ? 106 ASP A OD1 1 
ATOM   699 O OD2 . ASP A 1 90  ? -4.995  -0.112  -11.821 1.00 16.64 ? 106 ASP A OD2 1 
ATOM   700 N N   . SER A 1 91  ? -9.431  -2.634  -11.900 1.00 24.98 ? 107 SER A N   1 
ATOM   701 C CA  . SER A 1 91  ? -10.361 -3.173  -12.940 1.00 31.38 ? 107 SER A CA  1 
ATOM   702 C C   . SER A 1 91  ? -9.742  -3.137  -14.349 1.00 36.05 ? 107 SER A C   1 
ATOM   703 O O   . SER A 1 91  ? -10.267 -3.817  -15.257 1.00 39.20 ? 107 SER A O   1 
ATOM   704 C CB  . SER A 1 91  ? -11.691 -2.453  -12.944 1.00 30.28 ? 107 SER A CB  1 
ATOM   705 O OG  . SER A 1 91  ? -11.536 -1.074  -12.661 1.00 34.68 ? 107 SER A OG  1 
ATOM   706 N N   . SER A 1 92  ? -8.686  -2.357  -14.571 1.00 40.21 ? 108 SER A N   1 
ATOM   707 C CA  . SER A 1 92  ? -7.981  -2.390  -15.880 1.00 45.68 ? 108 SER A CA  1 
ATOM   708 C C   . SER A 1 92  ? -6.585  -1.728  -15.875 1.00 47.07 ? 108 SER A C   1 
ATOM   709 O O   . SER A 1 92  ? -5.905  -1.814  -16.935 1.00 48.36 ? 108 SER A O   1 
ATOM   710 C CB  . SER A 1 92  ? -8.890  -1.792  -16.938 1.00 52.04 ? 108 SER A CB  1 
ATOM   711 O OG  . SER A 1 92  ? -9.498  -0.592  -16.476 1.00 56.85 ? 108 SER A OG  1 
ATOM   712 N N   . GLY A 1 93  ? -6.168  -1.045  -14.791 1.00 43.93 ? 109 GLY A N   1 
ATOM   713 C CA  . GLY A 1 93  ? -4.787  -0.526  -14.642 1.00 36.22 ? 109 GLY A CA  1 
ATOM   714 C C   . GLY A 1 93  ? -4.658  0.992   -14.445 1.00 32.86 ? 109 GLY A C   1 
ATOM   715 O O   . GLY A 1 93  ? -3.508  1.481   -14.483 1.00 27.42 ? 109 GLY A O   1 
ATOM   716 N N   . LYS A 1 94  ? -5.740  1.707   -14.113 1.00 32.04 ? 110 LYS A N   1 
ATOM   717 C CA  . LYS A 1 94  ? -5.774  3.197   -14.041 1.00 29.36 ? 110 LYS A CA  1 
ATOM   718 C C   . LYS A 1 94  ? -5.038  3.682   -12.800 1.00 25.58 ? 110 LYS A C   1 
ATOM   719 O O   . LYS A 1 94  ? -4.291  4.646   -12.892 1.00 22.56 ? 110 LYS A O   1 
ATOM   720 C CB  . LYS A 1 94  ? -7.208  3.714   -13.947 1.00 30.81 ? 110 LYS A CB  1 
ATOM   721 C CG  . LYS A 1 94  ? -7.361  5.228   -13.902 1.00 33.41 ? 110 LYS A CG  1 
ATOM   722 C CD  . LYS A 1 94  ? -8.805  5.663   -13.720 1.00 32.58 ? 110 LYS A CD  1 
ATOM   723 C CE  . LYS A 1 94  ? -8.988  7.167   -13.733 1.00 34.69 ? 110 LYS A CE  1 
ATOM   724 N NZ  . LYS A 1 94  ? -10.289 7.593   -13.149 1.00 38.00 ? 110 LYS A NZ  1 
ATOM   725 N N   . TRP A 1 95  ? -5.283  3.027   -11.670 1.00 25.02 ? 111 TRP A N   1 
ATOM   726 C CA  . TRP A 1 95  ? -4.702  3.452   -10.375 1.00 23.92 ? 111 TRP A CA  1 
ATOM   727 C C   . TRP A 1 95  ? -3.307  2.862   -10.234 1.00 21.93 ? 111 TRP A C   1 
ATOM   728 O O   . TRP A 1 95  ? -2.450  3.552   -9.647  1.00 24.57 ? 111 TRP A O   1 
ATOM   729 C CB  . TRP A 1 95  ? -5.685  3.133   -9.261  1.00 22.71 ? 111 TRP A CB  1 
ATOM   730 C CG  . TRP A 1 95  ? -6.885  4.001   -9.448  1.00 22.51 ? 111 TRP A CG  1 
ATOM   731 C CD1 . TRP A 1 95  ? -8.147  3.607   -9.780  1.00 22.54 ? 111 TRP A CD1 1 
ATOM   732 C CD2 . TRP A 1 95  ? -6.915  5.439   -9.399  1.00 24.08 ? 111 TRP A CD2 1 
ATOM   733 N NE1 . TRP A 1 95  ? -8.963  4.694   -9.895  1.00 22.52 ? 111 TRP A NE1 1 
ATOM   734 C CE2 . TRP A 1 95  ? -8.242  5.833   -9.670  1.00 24.24 ? 111 TRP A CE2 1 
ATOM   735 C CE3 . TRP A 1 95  ? -5.978  6.432   -9.087  1.00 25.48 ? 111 TRP A CE3 1 
ATOM   736 C CZ2 . TRP A 1 95  ? -8.637  7.171   -9.679  1.00 25.35 ? 111 TRP A CZ2 1 
ATOM   737 C CZ3 . TRP A 1 95  ? -6.380  7.754   -9.083  1.00 25.39 ? 111 TRP A CZ3 1 
ATOM   738 C CH2 . TRP A 1 95  ? -7.684  8.116   -9.392  1.00 23.21 ? 111 TRP A CH2 1 
ATOM   739 N N   . ARG A 1 96  ? -3.052  1.718   -10.872 1.00 20.41 ? 112 ARG A N   1 
ATOM   740 C CA  . ARG A 1 96  ? -1.676  1.177   -10.991 1.00 23.13 ? 112 ARG A CA  1 
ATOM   741 C C   . ARG A 1 96  ? -0.747  2.253   -11.576 1.00 24.50 ? 112 ARG A C   1 
ATOM   742 O O   . ARG A 1 96  ? 0.317   2.561   -10.953 1.00 25.04 ? 112 ARG A O   1 
ATOM   743 C CB  . ARG A 1 96  ? -1.616  -0.059  -11.884 1.00 22.82 ? 112 ARG A CB  1 
ATOM   744 C CG  . ARG A 1 96  ? -0.229  -0.674  -11.963 1.00 23.36 ? 112 ARG A CG  1 
ATOM   745 C CD  . ARG A 1 96  ? -0.241  -1.971  -12.731 1.00 25.34 ? 112 ARG A CD  1 
ATOM   746 N NE  . ARG A 1 96  ? 0.939   -2.171  -13.559 1.00 25.64 ? 112 ARG A NE  1 
ATOM   747 C CZ  . ARG A 1 96  ? 1.365   -3.358  -14.025 1.00 28.42 ? 112 ARG A CZ  1 
ATOM   748 N NH1 . ARG A 1 96  ? 0.706   -4.476  -13.744 1.00 27.95 ? 112 ARG A NH1 1 
ATOM   749 N NH2 . ARG A 1 96  ? 2.456   -3.423  -14.780 1.00 27.77 ? 112 ARG A NH2 1 
ATOM   750 N N   . LYS A 1 97  ? -1.128  2.798   -12.726 1.00 25.04 ? 113 LYS A N   1 
ATOM   751 C CA  . LYS A 1 97  ? -0.293  3.789   -13.451 1.00 27.30 ? 113 LYS A CA  1 
ATOM   752 C C   . LYS A 1 97  ? -0.360  5.163   -12.786 1.00 23.58 ? 113 LYS A C   1 
ATOM   753 O O   . LYS A 1 97  ? 0.669   5.830   -12.767 1.00 22.42 ? 113 LYS A O   1 
ATOM   754 C CB  . LYS A 1 97  ? -0.708  3.859   -14.915 1.00 30.66 ? 113 LYS A CB  1 
ATOM   755 C CG  . LYS A 1 97  ? -0.214  2.664   -15.722 1.00 36.46 ? 113 LYS A CG  1 
ATOM   756 C CD  . LYS A 1 97  ? 0.044   3.002   -17.169 1.00 38.77 ? 113 LYS A CD  1 
ATOM   757 C CE  . LYS A 1 97  ? 0.715   1.872   -17.918 1.00 42.80 ? 113 LYS A CE  1 
ATOM   758 N NZ  . LYS A 1 97  ? 2.187   1.880   -17.705 1.00 45.01 ? 113 LYS A NZ  1 
ATOM   759 N N   . THR A 1 98  ? -1.516  5.572   -12.285 1.00 21.13 ? 114 THR A N   1 
ATOM   760 C CA  . THR A 1 98  ? -1.658  6.882   -11.617 1.00 21.59 ? 114 THR A CA  1 
ATOM   761 C C   . THR A 1 98  ? -0.758  6.888   -10.382 1.00 21.36 ? 114 THR A C   1 
ATOM   762 O O   . THR A 1 98  ? 0.009   7.850   -10.213 1.00 19.75 ? 114 THR A O   1 
ATOM   763 C CB  . THR A 1 98  ? -3.111  7.187   -11.261 1.00 22.33 ? 114 THR A CB  1 
ATOM   764 O OG1 . THR A 1 98  ? -3.846  7.137   -12.479 1.00 23.89 ? 114 THR A OG1 1 
ATOM   765 C CG2 . THR A 1 98  ? -3.280  8.544   -10.615 1.00 22.37 ? 114 THR A CG2 1 
ATOM   766 N N   . TYR A 1 99  ? -0.833  5.845   -9.546  1.00 20.62 ? 115 TYR A N   1 
ATOM   767 C CA  . TYR A 1 99  ? -0.022  5.795   -8.302  1.00 19.33 ? 115 TYR A CA  1 
ATOM   768 C C   . TYR A 1 99  ? 1.461   5.685   -8.640  1.00 19.37 ? 115 TYR A C   1 
ATOM   769 O O   . TYR A 1 99  ? 2.286   6.274   -7.899  1.00 18.54 ? 115 TYR A O   1 
ATOM   770 C CB  . TYR A 1 99  ? -0.496  4.682   -7.375  1.00 18.04 ? 115 TYR A CB  1 
ATOM   771 C CG  . TYR A 1 99  ? -1.642  5.119   -6.504  1.00 16.67 ? 115 TYR A CG  1 
ATOM   772 C CD1 . TYR A 1 99  ? -1.436  6.065   -5.516  1.00 16.48 ? 115 TYR A CD1 1 
ATOM   773 C CD2 . TYR A 1 99  ? -2.928  4.637   -6.694  1.00 16.10 ? 115 TYR A CD2 1 
ATOM   774 C CE1 . TYR A 1 99  ? -2.462  6.506   -4.706  1.00 16.46 ? 115 TYR A CE1 1 
ATOM   775 C CE2 . TYR A 1 99  ? -3.977  5.091   -5.909  1.00 16.28 ? 115 TYR A CE2 1 
ATOM   776 C CZ  . TYR A 1 99  ? -3.733  6.010   -4.905  1.00 16.51 ? 115 TYR A CZ  1 
ATOM   777 O OH  . TYR A 1 99  ? -4.707  6.453   -4.074  1.00 18.94 ? 115 TYR A OH  1 
ATOM   778 N N   . GLU A 1 100 ? 1.804   4.934   -9.685  1.00 19.35 ? 116 GLU A N   1 
ATOM   779 C CA  . GLU A 1 100 ? 3.227   4.805   -10.103 1.00 23.30 ? 116 GLU A CA  1 
ATOM   780 C C   . GLU A 1 100 ? 3.768   6.165   -10.549 1.00 25.59 ? 116 GLU A C   1 
ATOM   781 O O   . GLU A 1 100 ? 4.928   6.472   -10.198 1.00 29.80 ? 116 GLU A O   1 
ATOM   782 C CB  . GLU A 1 100 ? 3.382   3.770   -11.208 1.00 23.52 ? 116 GLU A CB  1 
ATOM   783 C CG  . GLU A 1 100 ? 3.551   2.379   -10.637 1.00 25.22 ? 116 GLU A CG  1 
ATOM   784 C CD  . GLU A 1 100 ? 3.446   1.277   -11.668 1.00 25.36 ? 116 GLU A CD  1 
ATOM   785 O OE1 . GLU A 1 100 ? 3.659   1.573   -12.866 1.00 26.09 ? 116 GLU A OE1 1 
ATOM   786 O OE2 . GLU A 1 100 ? 3.151   0.140   -11.269 1.00 28.23 ? 116 GLU A OE2 1 
ATOM   787 N N   . ASP A 1 101 ? 2.975   6.931   -11.305 1.00 25.30 ? 117 ASP A N   1 
ATOM   788 C CA  . ASP A 1 101 ? 3.345   8.300   -11.749 1.00 25.31 ? 117 ASP A CA  1 
ATOM   789 C C   . ASP A 1 101 ? 3.561   9.184   -10.526 1.00 25.48 ? 117 ASP A C   1 
ATOM   790 O O   . ASP A 1 101 ? 4.568   9.910   -10.504 1.00 29.27 ? 117 ASP A O   1 
ATOM   791 C CB  . ASP A 1 101 ? 2.271   8.907   -12.651 1.00 25.93 ? 117 ASP A CB  1 
ATOM   792 C CG  . ASP A 1 101 ? 2.237   8.287   -14.038 1.00 25.56 ? 117 ASP A CG  1 
ATOM   793 O OD1 . ASP A 1 101 ? 3.196   7.575   -14.395 1.00 27.59 ? 117 ASP A OD1 1 
ATOM   794 O OD2 . ASP A 1 101 ? 1.230   8.485   -14.726 1.00 25.06 ? 117 ASP A OD2 1 
ATOM   795 N N   . ARG A 1 102 ? 2.639   9.147   -9.574  1.00 26.29 ? 118 ARG A N   1 
ATOM   796 C CA  . ARG A 1 102 ? 2.692   9.978   -8.338  1.00 29.94 ? 118 ARG A CA  1 
ATOM   797 C C   . ARG A 1 102 ? 3.944   9.625   -7.521  1.00 32.02 ? 118 ARG A C   1 
ATOM   798 O O   . ARG A 1 102 ? 4.578   10.556  -6.976  1.00 34.29 ? 118 ARG A O   1 
ATOM   799 C CB  . ARG A 1 102 ? 1.419   9.788   -7.507  1.00 29.31 ? 118 ARG A CB  1 
ATOM   800 C CG  . ARG A 1 102 ? 1.424   10.527  -6.176  1.00 31.47 ? 118 ARG A CG  1 
ATOM   801 C CD  . ARG A 1 102 ? 0.090   10.317  -5.505  1.00 31.71 ? 118 ARG A CD  1 
ATOM   802 N NE  . ARG A 1 102 ? 0.051   10.738  -4.113  1.00 31.98 ? 118 ARG A NE  1 
ATOM   803 C CZ  . ARG A 1 102 ? -1.033  10.645  -3.353  1.00 30.69 ? 118 ARG A CZ  1 
ATOM   804 N NH1 . ARG A 1 102 ? -2.138  10.141  -3.871  1.00 29.75 ? 118 ARG A NH1 1 
ATOM   805 N NH2 . ARG A 1 102 ? -1.000  11.018  -2.082  1.00 32.50 ? 118 ARG A NH2 1 
ATOM   806 N N   . ALA A 1 103 ? 4.282   8.341   -7.413  1.00 32.97 ? 119 ALA A N   1 
ATOM   807 C CA  . ALA A 1 103 ? 5.494   7.883   -6.690  1.00 33.51 ? 119 ALA A CA  1 
ATOM   808 C C   . ALA A 1 103 ? 6.724   8.469   -7.390  1.00 34.24 ? 119 ALA A C   1 
ATOM   809 O O   . ALA A 1 103 ? 7.516   9.121   -6.713  1.00 33.56 ? 119 ALA A O   1 
ATOM   810 C CB  . ALA A 1 103 ? 5.560   6.381   -6.616  1.00 30.01 ? 119 ALA A CB  1 
ATOM   811 N N   . ARG A 1 104 ? 6.842   8.254   -8.701  1.00 37.16 ? 120 ARG A N   1 
ATOM   812 C CA  . ARG A 1 104 ? 7.963   8.776   -9.523  1.00 38.03 ? 120 ARG A CA  1 
ATOM   813 C C   . ARG A 1 104 ? 8.081   10.295  -9.347  1.00 37.18 ? 120 ARG A C   1 
ATOM   814 O O   . ARG A 1 104 ? 9.207   10.766  -9.161  1.00 36.72 ? 120 ARG A O   1 
ATOM   815 C CB  . ARG A 1 104 ? 7.759   8.420   -10.992 1.00 38.85 ? 120 ARG A CB  1 
ATOM   816 C CG  . ARG A 1 104 ? 8.926   8.847   -11.865 1.00 45.12 ? 120 ARG A CG  1 
ATOM   817 C CD  . ARG A 1 104 ? 8.736   8.348   -13.266 1.00 46.62 ? 120 ARG A CD  1 
ATOM   818 N NE  . ARG A 1 104 ? 9.642   8.945   -14.227 1.00 45.63 ? 120 ARG A NE  1 
ATOM   819 C CZ  . ARG A 1 104 ? 9.597   8.676   -15.521 1.00 49.35 ? 120 ARG A CZ  1 
ATOM   820 N NH1 . ARG A 1 104 ? 8.676   7.841   -15.986 1.00 49.13 ? 120 ARG A NH1 1 
ATOM   821 N NH2 . ARG A 1 104 ? 10.447  9.263   -16.349 1.00 53.19 ? 120 ARG A NH2 1 
ATOM   822 N N   . ALA A 1 105 ? 6.958   11.022  -9.348  1.00 34.99 ? 121 ALA A N   1 
ATOM   823 C CA  . ALA A 1 105 ? 6.927   12.489  -9.156  1.00 35.51 ? 121 ALA A CA  1 
ATOM   824 C C   . ALA A 1 105 ? 7.528   12.855  -7.794  1.00 40.07 ? 121 ALA A C   1 
ATOM   825 O O   . ALA A 1 105 ? 8.187   13.915  -7.722  1.00 41.79 ? 121 ALA A O   1 
ATOM   826 C CB  . ALA A 1 105 ? 5.521   13.013  -9.284  1.00 35.93 ? 121 ALA A CB  1 
ATOM   827 N N   . ASN A 1 106 ? 7.292   12.031  -6.761  1.00 39.32 ? 122 ASN A N   1 
ATOM   828 C CA  . ASN A 1 106 ? 7.816   12.239  -5.380  1.00 38.54 ? 122 ASN A CA  1 
ATOM   829 C C   . ASN A 1 106 ? 9.243   11.675  -5.286  1.00 36.78 ? 122 ASN A C   1 
ATOM   830 O O   . ASN A 1 106 ? 9.755   11.516  -4.151  1.00 33.28 ? 122 ASN A O   1 
ATOM   831 C CB  . ASN A 1 106 ? 6.903   11.639  -4.301  1.00 35.88 ? 122 ASN A CB  1 
ATOM   832 C CG  . ASN A 1 106 ? 5.638   12.439  -4.074  1.00 35.49 ? 122 ASN A CG  1 
ATOM   833 O OD1 . ASN A 1 106 ? 4.541   11.967  -4.368  1.00 38.34 ? 122 ASN A OD1 1 
ATOM   834 N ND2 . ASN A 1 106 ? 5.768   13.646  -3.539  1.00 36.34 ? 122 ASN A ND2 1 
ATOM   835 N N   . GLY A 1 107 ? 9.875   11.397  -6.429  1.00 36.64 ? 123 GLY A N   1 
ATOM   836 C CA  . GLY A 1 107 ? 11.280  10.960  -6.483  1.00 37.96 ? 123 GLY A CA  1 
ATOM   837 C C   . GLY A 1 107 ? 11.411  9.471   -6.263  1.00 38.16 ? 123 GLY A C   1 
ATOM   838 O O   . GLY A 1 107 ? 12.534  8.970   -6.415  1.00 35.28 ? 123 GLY A O   1 
ATOM   839 N N   . ILE A 1 108 ? 10.308  8.790   -5.942  1.00 42.13 ? 124 ILE A N   1 
ATOM   840 C CA  . ILE A 1 108 ? 10.298  7.324   -5.649  1.00 47.07 ? 124 ILE A CA  1 
ATOM   841 C C   . ILE A 1 108 ? 9.978   6.617   -6.958  1.00 49.45 ? 124 ILE A C   1 
ATOM   842 O O   . ILE A 1 108 ? 8.797   6.309   -7.198  1.00 51.34 ? 124 ILE A O   1 
ATOM   843 C CB  . ILE A 1 108 ? 9.324   6.938   -4.516  1.00 43.65 ? 124 ILE A CB  1 
ATOM   844 C CG1 . ILE A 1 108 ? 9.717   7.600   -3.191  1.00 44.46 ? 124 ILE A CG1 1 
ATOM   845 C CG2 . ILE A 1 108 ? 9.240   5.428   -4.374  1.00 44.68 ? 124 ILE A CG2 1 
ATOM   846 C CD1 . ILE A 1 108 ? 10.837  6.894   -2.448  1.00 45.78 ? 124 ILE A CD1 1 
ATOM   847 N N   . VAL A 1 109 ? 11.012  6.432   -7.773  1.00 50.14 ? 125 VAL A N   1 
ATOM   848 C CA  . VAL A 1 109 ? 10.906  5.754   -9.091  1.00 54.17 ? 125 VAL A CA  1 
ATOM   849 C C   . VAL A 1 109 ? 11.185  4.264   -8.862  1.00 61.62 ? 125 VAL A C   1 
ATOM   850 O O   . VAL A 1 109 ? 11.870  3.917   -7.859  1.00 59.62 ? 125 VAL A O   1 
ATOM   851 C CB  . VAL A 1 109 ? 11.871  6.389   -10.106 1.00 58.06 ? 125 VAL A CB  1 
ATOM   852 C CG1 . VAL A 1 109 ? 11.828  7.912   -10.025 1.00 57.99 ? 125 VAL A CG1 1 
ATOM   853 C CG2 . VAL A 1 109 ? 13.298  5.880   -9.933  1.00 57.20 ? 125 VAL A CG2 1 
ATOM   854 N N   . ILE A 1 110 ? 10.692  3.420   -9.768  1.00 61.18 ? 126 ILE A N   1 
ATOM   855 C CA  . ILE A 1 110 ? 10.914  1.949   -9.702  1.00 59.61 ? 126 ILE A CA  1 
ATOM   856 C C   . ILE A 1 110 ? 12.397  1.711   -9.937  1.00 58.37 ? 126 ILE A C   1 
ATOM   857 O O   . ILE A 1 110 ? 13.053  2.540   -10.564 1.00 51.26 ? 126 ILE A O   1 
ATOM   858 C CB  . ILE A 1 110 ? 10.048  1.163   -10.703 1.00 64.66 ? 126 ILE A CB  1 
ATOM   859 C CG1 . ILE A 1 110 ? 8.699   1.835   -10.996 1.00 66.39 ? 126 ILE A CG1 1 
ATOM   860 C CG2 . ILE A 1 110 ? 9.867   -0.251  -10.182 1.00 67.07 ? 126 ILE A CG2 1 
ATOM   861 C CD1 . ILE A 1 110 ? 7.864   1.121   -12.050 1.00 62.07 ? 126 ILE A CD1 1 
ATOM   862 N N   . PRO A 1 111 ? 12.947  0.583   -9.426  1.00 59.71 ? 127 PRO A N   1 
ATOM   863 C CA  . PRO A 1 111 ? 14.385  0.321   -9.543  1.00 60.18 ? 127 PRO A CA  1 
ATOM   864 C C   . PRO A 1 111 ? 14.893  0.379   -10.987 1.00 54.61 ? 127 PRO A C   1 
ATOM   865 O O   . PRO A 1 111 ? 15.871  1.048   -11.193 1.00 58.47 ? 127 PRO A O   1 
ATOM   866 C CB  . PRO A 1 111 ? 14.574  -1.091  -8.965  1.00 60.62 ? 127 PRO A CB  1 
ATOM   867 N N   . GLU A 1 112 ? 14.209  -0.294  -11.920 1.00 56.77 ? 128 GLU A N   1 
ATOM   868 C CA  . GLU A 1 112 ? 14.539  -0.310  -13.378 1.00 58.84 ? 128 GLU A CA  1 
ATOM   869 C C   . GLU A 1 112 ? 14.749  1.123   -13.896 1.00 57.76 ? 128 GLU A C   1 
ATOM   870 O O   . GLU A 1 112 ? 15.772  1.340   -14.566 1.00 54.73 ? 128 GLU A O   1 
ATOM   871 C CB  . GLU A 1 112 ? 13.463  -1.024  -14.208 1.00 60.49 ? 128 GLU A CB  1 
ATOM   872 C CG  . GLU A 1 112 ? 12.036  -0.785  -13.742 1.00 61.45 ? 128 GLU A CG  1 
ATOM   873 C CD  . GLU A 1 112 ? 11.505  -1.921  -12.880 1.00 66.63 ? 128 GLU A CD  1 
ATOM   874 O OE1 . GLU A 1 112 ? 11.975  -2.074  -11.715 1.00 62.08 ? 128 GLU A OE1 1 
ATOM   875 O OE2 . GLU A 1 112 ? 10.658  -2.687  -13.387 1.00 66.98 ? 128 GLU A OE2 1 
ATOM   876 N N   . LEU A 1 113 ? 13.843  2.066   -13.582 1.00 60.15 ? 129 LEU A N   1 
ATOM   877 C CA  . LEU A 1 113 ? 13.911  3.483   -14.061 1.00 59.95 ? 129 LEU A CA  1 
ATOM   878 C C   . LEU A 1 113 ? 15.225  4.129   -13.589 1.00 58.29 ? 129 LEU A C   1 
ATOM   879 O O   . LEU A 1 113 ? 15.850  4.852   -14.412 1.00 50.84 ? 129 LEU A O   1 
ATOM   880 C CB  . LEU A 1 113 ? 12.697  4.276   -13.560 1.00 54.08 ? 129 LEU A CB  1 
ATOM   881 N N   . GLU A 1 114 ? 15.611  3.885   -12.322 1.00 58.12 ? 130 GLU A N   1 
ATOM   882 C CA  . GLU A 1 114 ? 16.890  4.339   -11.701 1.00 57.61 ? 130 GLU A CA  1 
ATOM   883 C C   . GLU A 1 114 ? 18.081  3.738   -12.462 1.00 54.73 ? 130 GLU A C   1 
ATOM   884 O O   . GLU A 1 114 ? 19.080  4.460   -12.647 1.00 51.94 ? 130 GLU A O   1 
ATOM   885 C CB  . GLU A 1 114 ? 16.951  3.960   -10.216 1.00 54.50 ? 130 GLU A CB  1 
ATOM   886 N N   . HIS A 1 115 ? 17.964  2.478   -12.904 1.00 56.72 ? 131 HIS A N   1 
ATOM   887 C CA  . HIS A 1 115 ? 19.039  1.731   -13.619 1.00 58.17 ? 131 HIS A CA  1 
ATOM   888 C C   . HIS A 1 115 ? 19.225  2.303   -15.032 1.00 57.58 ? 131 HIS A C   1 
ATOM   889 O O   . HIS A 1 115 ? 20.392  2.537   -15.411 1.00 54.15 ? 131 HIS A O   1 
ATOM   890 C CB  . HIS A 1 115 ? 18.770  0.218   -13.619 1.00 55.27 ? 131 HIS A CB  1 
ATOM   891 C CG  . HIS A 1 115 ? 18.444  -0.308  -12.261 1.00 57.17 ? 131 HIS A CG  1 
ATOM   892 N ND1 . HIS A 1 115 ? 17.555  -1.350  -12.069 1.00 52.74 ? 131 HIS A ND1 1 
ATOM   893 C CD2 . HIS A 1 115 ? 18.839  0.099   -11.028 1.00 55.60 ? 131 HIS A CD2 1 
ATOM   894 C CE1 . HIS A 1 115 ? 17.435  -1.583  -10.777 1.00 55.60 ? 131 HIS A CE1 1 
ATOM   895 N NE2 . HIS A 1 115 ? 18.217  -0.707  -10.110 1.00 55.57 ? 131 HIS A NE2 1 
ATOM   896 N N   . HIS A 1 116 ? 18.132  2.535   -15.771 1.00 57.30 ? 132 HIS A N   1 
ATOM   897 C CA  . HIS A 1 116 ? 18.160  3.182   -17.116 1.00 60.49 ? 132 HIS A CA  1 
ATOM   898 C C   . HIS A 1 116 ? 18.793  4.577   -17.011 1.00 62.14 ? 132 HIS A C   1 
ATOM   899 O O   . HIS A 1 116 ? 19.602  4.935   -17.911 1.00 58.63 ? 132 HIS A O   1 
ATOM   900 C CB  . HIS A 1 116 ? 16.761  3.264   -17.735 1.00 58.97 ? 132 HIS A CB  1 
ATOM   901 C CG  . HIS A 1 116 ? 16.116  1.937   -17.975 1.00 63.91 ? 132 HIS A CG  1 
ATOM   902 N ND1 . HIS A 1 116 ? 16.824  0.825   -18.405 1.00 68.53 ? 132 HIS A ND1 1 
ATOM   903 C CD2 . HIS A 1 116 ? 14.831  1.535   -17.862 1.00 63.80 ? 132 HIS A CD2 1 
ATOM   904 C CE1 . HIS A 1 116 ? 16.002  -0.196  -18.540 1.00 62.11 ? 132 HIS A CE1 1 
ATOM   905 N NE2 . HIS A 1 116 ? 14.778  0.211   -18.220 1.00 60.21 ? 132 HIS A NE2 1 
ATOM   906 N N   . HIS A 1 117 ? 18.424  5.329   -15.962 1.00 61.76 ? 133 HIS A N   1 
ATOM   907 C CA  . HIS A 1 117 ? 18.931  6.698   -15.666 1.00 58.96 ? 133 HIS A CA  1 
ATOM   908 C C   . HIS A 1 117 ? 20.445  6.639   -15.413 1.00 53.09 ? 133 HIS A C   1 
ATOM   909 O O   . HIS A 1 117 ? 21.144  7.542   -15.897 1.00 51.44 ? 133 HIS A O   1 
ATOM   910 C CB  . HIS A 1 117 ? 18.137  7.339   -14.512 1.00 58.76 ? 133 HIS A CB  1 
ATOM   911 C CG  . HIS A 1 117 ? 18.763  8.570   -13.937 1.00 60.77 ? 133 HIS A CG  1 
ATOM   912 N ND1 . HIS A 1 117 ? 18.699  9.807   -14.565 1.00 58.51 ? 133 HIS A ND1 1 
ATOM   913 C CD2 . HIS A 1 117 ? 19.483  8.758   -12.808 1.00 57.55 ? 133 HIS A CD2 1 
ATOM   914 C CE1 . HIS A 1 117 ? 19.345  10.698  -13.840 1.00 56.64 ? 133 HIS A CE1 1 
ATOM   915 N NE2 . HIS A 1 117 ? 19.834  10.080  -12.759 1.00 58.47 ? 133 HIS A NE2 1 
ATOM   916 N N   . HIS A 1 118 ? 20.931  5.603   -14.717 1.00 54.71 ? 134 HIS A N   1 
ATOM   917 C CA  . HIS A 1 118 ? 22.351  5.457   -14.273 1.00 56.26 ? 134 HIS A CA  1 
ATOM   918 C C   . HIS A 1 118 ? 23.175  4.560   -15.212 1.00 57.03 ? 134 HIS A C   1 
ATOM   919 O O   . HIS A 1 118 ? 24.366  4.317   -14.901 1.00 56.96 ? 134 HIS A O   1 
ATOM   920 C CB  . HIS A 1 118 ? 22.399  4.953   -12.826 1.00 53.48 ? 134 HIS A CB  1 
ATOM   921 C CG  . HIS A 1 118 ? 22.144  6.031   -11.827 1.00 57.49 ? 134 HIS A CG  1 
ATOM   922 N ND1 . HIS A 1 118 ? 21.181  5.917   -10.843 1.00 58.74 ? 134 HIS A ND1 1 
ATOM   923 C CD2 . HIS A 1 118 ? 22.712  7.250   -11.661 1.00 60.59 ? 134 HIS A CD2 1 
ATOM   924 C CE1 . HIS A 1 118 ? 21.173  7.011   -10.109 1.00 59.02 ? 134 HIS A CE1 1 
ATOM   925 N NE2 . HIS A 1 118 ? 22.102  7.849   -10.591 1.00 58.17 ? 134 HIS A NE2 1 
ATOM   926 N N   . HIS A 1 119 ? 22.578  4.102   -16.317 1.00 60.25 ? 135 HIS A N   1 
ATOM   927 C CA  . HIS A 1 119 ? 23.238  3.275   -17.361 1.00 58.25 ? 135 HIS A CA  1 
ATOM   928 C C   . HIS A 1 119 ? 23.521  4.152   -18.589 1.00 57.38 ? 135 HIS A C   1 
ATOM   929 O O   . HIS A 1 119 ? 24.517  3.921   -19.283 1.00 57.51 ? 135 HIS A O   1 
ATOM   930 C CB  . HIS A 1 119 ? 22.370  2.049   -17.680 1.00 59.27 ? 135 HIS A CB  1 
ATOM   931 C CG  . HIS A 1 119 ? 22.928  1.165   -18.742 1.00 60.99 ? 135 HIS A CG  1 
ATOM   932 N ND1 . HIS A 1 119 ? 22.676  1.378   -20.093 1.00 65.17 ? 135 HIS A ND1 1 
ATOM   933 C CD2 . HIS A 1 119 ? 23.699  0.061   -18.665 1.00 62.47 ? 135 HIS A CD2 1 
ATOM   934 C CE1 . HIS A 1 119 ? 23.282  0.446   -20.802 1.00 64.37 ? 135 HIS A CE1 1 
ATOM   935 N NE2 . HIS A 1 119 ? 23.910  -0.375  -19.946 1.00 69.27 ? 135 HIS A NE2 1 
HETATM 936 O O   . HOH B 2 .   ? -4.461  7.226   12.965  1.00 34.62 ? 201 HOH A O   1 
HETATM 937 O O   . HOH B 2 .   ? -12.304 -5.723  -6.494  1.00 38.77 ? 202 HOH A O   1 
HETATM 938 O O   . HOH B 2 .   ? -9.283  0.506   -10.751 1.00 15.33 ? 203 HOH A O   1 
HETATM 939 O O   . HOH B 2 .   ? -2.750  -12.370 7.766   1.00 26.22 ? 204 HOH A O   1 
HETATM 940 O O   . HOH B 2 .   ? -13.776 6.991   4.517   1.00 32.06 ? 205 HOH A O   1 
HETATM 941 O O   . HOH B 2 .   ? 4.193   15.548  -3.286  1.00 40.43 ? 206 HOH A O   1 
HETATM 942 O O   . HOH B 2 .   ? -3.033  -10.768 -7.884  1.00 20.59 ? 207 HOH A O   1 
HETATM 943 O O   . HOH B 2 .   ? -5.770  -3.909  -14.408 1.00 40.75 ? 208 HOH A O   1 
HETATM 944 O O   . HOH B 2 .   ? -3.661  -0.573  15.329  1.00 39.44 ? 209 HOH A O   1 
HETATM 945 O O   . HOH B 2 .   ? 5.059   -13.126 7.725   1.00 24.42 ? 210 HOH A O   1 
HETATM 946 O O   . HOH B 2 .   ? -9.261  10.327  8.380   1.00 18.69 ? 211 HOH A O   1 
HETATM 947 O O   . HOH B 2 .   ? -13.318 0.641   -2.966  1.00 30.21 ? 212 HOH A O   1 
HETATM 948 O O   . HOH B 2 .   ? -12.262 -4.521  -16.718 1.00 24.85 ? 213 HOH A O   1 
HETATM 949 O O   . HOH B 2 .   ? 8.469   6.224   11.865  1.00 31.40 ? 214 HOH A O   1 
HETATM 950 O O   . HOH B 2 .   ? 0.123   -0.040  23.818  1.00 58.60 ? 215 HOH A O   1 
HETATM 951 O O   . HOH B 2 .   ? -4.572  12.383  0.502   1.00 23.93 ? 216 HOH A O   1 
HETATM 952 O O   . HOH B 2 .   ? -14.092 2.530   2.067   1.00 42.77 ? 217 HOH A O   1 
HETATM 953 O O   . HOH B 2 .   ? -10.600 9.074   -6.977  1.00 40.86 ? 218 HOH A O   1 
HETATM 954 O O   . HOH B 2 .   ? -0.652  -1.456  17.779  1.00 34.59 ? 219 HOH A O   1 
HETATM 955 O O   . HOH B 2 .   ? 6.333   10.781  -0.790  1.00 36.31 ? 220 HOH A O   1 
HETATM 956 O O   . HOH B 2 .   ? 1.368   9.717   2.355   1.00 22.32 ? 221 HOH A O   1 
HETATM 957 O O   . HOH B 2 .   ? 7.412   -8.204  -3.595  1.00 19.12 ? 222 HOH A O   1 
HETATM 958 O O   . HOH B 2 .   ? -6.637  -1.326  26.613  1.00 31.72 ? 223 HOH A O   1 
HETATM 959 O O   . HOH B 2 .   ? -9.449  16.927  4.399   1.00 25.74 ? 224 HOH A O   1 
HETATM 960 O O   . HOH B 2 .   ? -1.981  -4.895  -12.473 1.00 23.42 ? 225 HOH A O   1 
HETATM 961 O O   . HOH B 2 .   ? -8.945  -10.515 4.095   1.00 20.91 ? 226 HOH A O   1 
HETATM 962 O O   . HOH B 2 .   ? -11.235 -9.955  -4.409  1.00 33.34 ? 227 HOH A O   1 
HETATM 963 O O   . HOH B 2 .   ? 2.063   12.555  -3.332  1.00 32.21 ? 228 HOH A O   1 
HETATM 964 O O   . HOH B 2 .   ? 9.912   -4.639  4.530   1.00 41.62 ? 229 HOH A O   1 
HETATM 965 O O   . HOH B 2 .   ? 7.824   7.852   7.523   1.00 37.57 ? 230 HOH A O   1 
HETATM 966 O O   . HOH B 2 .   ? 9.869   -4.239  2.139   1.00 19.17 ? 231 HOH A O   1 
HETATM 967 O O   . HOH B 2 .   ? 7.967   15.152  -2.708  1.00 35.73 ? 232 HOH A O   1 
HETATM 968 O O   . HOH B 2 .   ? 5.464   11.250  -12.793 1.00 26.95 ? 233 HOH A O   1 
HETATM 969 O O   . HOH B 2 .   ? 10.354  14.851  -9.226  1.00 25.51 ? 234 HOH A O   1 
HETATM 970 O O   . HOH B 2 .   ? -0.683  10.503  -10.979 1.00 23.65 ? 235 HOH A O   1 
HETATM 971 O O   . HOH B 2 .   ? -1.385  -11.588 -9.966  1.00 24.97 ? 236 HOH A O   1 
HETATM 972 O O   . HOH B 2 .   ? -12.012 4.024   2.069   1.00 27.95 ? 237 HOH A O   1 
HETATM 973 O O   . HOH B 2 .   ? 0.892   11.637  0.223   1.00 32.64 ? 238 HOH A O   1 
HETATM 974 O O   . HOH B 2 .   ? -1.781  9.971   7.025   1.00 32.64 ? 239 HOH A O   1 
HETATM 975 O O   . HOH B 2 .   ? -10.873 14.696  3.900   1.00 17.15 ? 240 HOH A O   1 
HETATM 976 O O   . HOH B 2 .   ? -3.194  9.720   -6.703  1.00 25.25 ? 241 HOH A O   1 
HETATM 977 O O   . HOH B 2 .   ? 8.884   -7.964  -5.747  1.00 33.61 ? 242 HOH A O   1 
HETATM 978 O O   . HOH B 2 .   ? 2.651   -15.956 3.081   1.00 54.70 ? 243 HOH A O   1 
HETATM 979 O O   . HOH B 2 .   ? 2.497   -11.431 1.208   1.00 37.98 ? 244 HOH A O   1 
HETATM 980 O O   . HOH B 2 .   ? -1.211  10.338  -13.625 1.00 24.06 ? 245 HOH A O   1 
HETATM 981 O O   . HOH B 2 .   ? -9.164  11.315  -1.245  1.00 32.01 ? 246 HOH A O   1 
HETATM 982 O O   . HOH B 2 .   ? 6.164   5.787   -13.908 1.00 36.84 ? 247 HOH A O   1 
HETATM 983 O O   . HOH B 2 .   ? 4.512   9.034   1.734   1.00 35.15 ? 248 HOH A O   1 
HETATM 984 O O   . HOH B 2 .   ? 5.581   -8.821  0.866   1.00 31.22 ? 249 HOH A O   1 
HETATM 985 O O   . HOH B 2 .   ? -3.392  -3.204  -13.107 1.00 32.37 ? 250 HOH A O   1 
HETATM 986 O O   . HOH B 2 .   ? -10.947 -7.882  12.182  1.00 35.38 ? 251 HOH A O   1 
HETATM 987 O O   . HOH B 2 .   ? 3.019   12.427  -0.848  1.00 33.04 ? 252 HOH A O   1 
HETATM 988 O O   . HOH B 2 .   ? 4.788   -16.554 4.211   1.00 40.70 ? 253 HOH A O   1 
# 
